data_1BT6
# 
_entry.id   1BT6 
# 
_audit_conform.dict_name       mmcif_pdbx.dic 
_audit_conform.dict_version    5.399 
_audit_conform.dict_location   http://mmcif.pdb.org/dictionaries/ascii/mmcif_pdbx.dic 
# 
loop_
_database_2.database_id 
_database_2.database_code 
_database_2.pdbx_database_accession 
_database_2.pdbx_DOI 
PDB   1BT6         pdb_00001bt6 10.2210/pdb1bt6/pdb 
WWPDB D_1000172062 ?            ?                   
# 
loop_
_pdbx_audit_revision_history.ordinal 
_pdbx_audit_revision_history.data_content_type 
_pdbx_audit_revision_history.major_revision 
_pdbx_audit_revision_history.minor_revision 
_pdbx_audit_revision_history.revision_date 
1 'Structure model' 1 0 1999-01-27 
2 'Structure model' 1 1 2008-03-24 
3 'Structure model' 1 2 2011-07-13 
4 'Structure model' 1 3 2023-08-09 
5 'Structure model' 1 4 2024-11-20 
# 
_pdbx_audit_revision_details.ordinal             1 
_pdbx_audit_revision_details.revision_ordinal    1 
_pdbx_audit_revision_details.data_content_type   'Structure model' 
_pdbx_audit_revision_details.provider            repository 
_pdbx_audit_revision_details.type                'Initial release' 
_pdbx_audit_revision_details.description         ? 
_pdbx_audit_revision_details.details             ? 
# 
loop_
_pdbx_audit_revision_group.ordinal 
_pdbx_audit_revision_group.revision_ordinal 
_pdbx_audit_revision_group.data_content_type 
_pdbx_audit_revision_group.group 
1 2 'Structure model' 'Version format compliance' 
2 3 'Structure model' 'Version format compliance' 
3 4 'Structure model' 'Database references'       
4 4 'Structure model' 'Derived calculations'      
5 4 'Structure model' 'Refinement description'    
6 5 'Structure model' 'Data collection'           
7 5 'Structure model' 'Structure summary'         
# 
loop_
_pdbx_audit_revision_category.ordinal 
_pdbx_audit_revision_category.revision_ordinal 
_pdbx_audit_revision_category.data_content_type 
_pdbx_audit_revision_category.category 
1 4 'Structure model' database_2                    
2 4 'Structure model' pdbx_initial_refinement_model 
3 4 'Structure model' struct_conn                   
4 5 'Structure model' chem_comp_atom                
5 5 'Structure model' chem_comp_bond                
6 5 'Structure model' pdbx_entry_details            
7 5 'Structure model' pdbx_modification_feature     
# 
loop_
_pdbx_audit_revision_item.ordinal 
_pdbx_audit_revision_item.revision_ordinal 
_pdbx_audit_revision_item.data_content_type 
_pdbx_audit_revision_item.item 
1 4 'Structure model' '_database_2.pdbx_DOI'                
2 4 'Structure model' '_database_2.pdbx_database_accession' 
3 4 'Structure model' '_struct_conn.pdbx_leaving_atom_flag' 
# 
_pdbx_database_status.status_code                     REL 
_pdbx_database_status.entry_id                        1BT6 
_pdbx_database_status.recvd_initial_deposition_date   1998-09-02 
_pdbx_database_status.deposit_site                    ? 
_pdbx_database_status.process_site                    BNL 
_pdbx_database_status.status_code_sf                  REL 
_pdbx_database_status.status_code_mr                  ? 
_pdbx_database_status.SG_entry                        ? 
_pdbx_database_status.pdb_format_compatible           Y 
_pdbx_database_status.status_code_cs                  ? 
_pdbx_database_status.status_code_nmr_data            ? 
_pdbx_database_status.methods_development_category    ? 
# 
loop_
_audit_author.name 
_audit_author.pdbx_ordinal 
'Rety, S.'          1 
'Sopkova, J.'       2 
'Renouard, M.'      3 
'Osterloh, D.'      4 
'Gerke, V.'         5 
'Russo-Marie, F.'   6 
'Lewit-Bentley, A.' 7 
# 
_citation.id                        primary 
_citation.title                     'The crystal structure of a complex of p11 with the annexin II N-terminal peptide.' 
_citation.journal_abbrev            Nat.Struct.Biol. 
_citation.journal_volume            6 
_citation.page_first                89 
_citation.page_last                 95 
_citation.year                      1999 
_citation.journal_id_ASTM           NSBIEW 
_citation.country                   US 
_citation.journal_id_ISSN           1072-8368 
_citation.journal_id_CSD            2024 
_citation.book_publisher            ? 
_citation.pdbx_database_id_PubMed   9886297 
_citation.pdbx_database_id_DOI      10.1038/4965 
# 
loop_
_citation_author.citation_id 
_citation_author.name 
_citation_author.ordinal 
_citation_author.identifier_ORCID 
primary 'Rety, S.'          1 ? 
primary 'Sopkova, J.'       2 ? 
primary 'Renouard, M.'      3 ? 
primary 'Osterloh, D.'      4 ? 
primary 'Gerke, V.'         5 ? 
primary 'Tabaries, S.'      6 ? 
primary 'Russo-Marie, F.'   7 ? 
primary 'Lewit-Bentley, A.' 8 ? 
# 
loop_
_entity.id 
_entity.type 
_entity.src_method 
_entity.pdbx_description 
_entity.formula_weight 
_entity.pdbx_number_of_molecules 
_entity.pdbx_ec 
_entity.pdbx_mutation 
_entity.pdbx_fragment 
_entity.details 
1 polymer man S100A10      11088.940 2  ? ? ?          ? 
2 polymer man 'ANNEXIN II' 1483.706  2  ? ? N-TERMINAL ? 
3 water   nat water        18.015    22 ? ? ?          ? 
# 
_entity_name_com.entity_id   1 
_entity_name_com.name        'P11, CALPACTIN LIGHT CHAIN' 
# 
loop_
_entity_poly.entity_id 
_entity_poly.type 
_entity_poly.nstd_linkage 
_entity_poly.nstd_monomer 
_entity_poly.pdbx_seq_one_letter_code 
_entity_poly.pdbx_seq_one_letter_code_can 
_entity_poly.pdbx_strand_id 
_entity_poly.pdbx_target_identifier 
1 'polypeptide(L)' no no  
;PSQMEHAMETMMFTFHKFAGDKGYLTKEDLRVLMEKEFPGFLENQKDPLAVDKIMKDLDQCRDGKVGFQSFFSLIAGLTI
ACNDYFVVHMKQKGKK
;
;PSQMEHAMETMMFTFHKFAGDKGYLTKEDLRVLMEKEFPGFLENQKDPLAVDKIMKDLDQCRDGKVGFQSFFSLIAGLTI
ACNDYFVVHMKQKGKK
;
A,B ? 
2 'polypeptide(L)' no yes '(ACE)STVHEILSKLSLE'                                                                                
XSTVHEILSKLSLE                                                                                      C,D ? 
# 
_pdbx_entity_nonpoly.entity_id   3 
_pdbx_entity_nonpoly.name        water 
_pdbx_entity_nonpoly.comp_id     HOH 
# 
loop_
_entity_poly_seq.entity_id 
_entity_poly_seq.num 
_entity_poly_seq.mon_id 
_entity_poly_seq.hetero 
1 1  PRO n 
1 2  SER n 
1 3  GLN n 
1 4  MET n 
1 5  GLU n 
1 6  HIS n 
1 7  ALA n 
1 8  MET n 
1 9  GLU n 
1 10 THR n 
1 11 MET n 
1 12 MET n 
1 13 PHE n 
1 14 THR n 
1 15 PHE n 
1 16 HIS n 
1 17 LYS n 
1 18 PHE n 
1 19 ALA n 
1 20 GLY n 
1 21 ASP n 
1 22 LYS n 
1 23 GLY n 
1 24 TYR n 
1 25 LEU n 
1 26 THR n 
1 27 LYS n 
1 28 GLU n 
1 29 ASP n 
1 30 LEU n 
1 31 ARG n 
1 32 VAL n 
1 33 LEU n 
1 34 MET n 
1 35 GLU n 
1 36 LYS n 
1 37 GLU n 
1 38 PHE n 
1 39 PRO n 
1 40 GLY n 
1 41 PHE n 
1 42 LEU n 
1 43 GLU n 
1 44 ASN n 
1 45 GLN n 
1 46 LYS n 
1 47 ASP n 
1 48 PRO n 
1 49 LEU n 
1 50 ALA n 
1 51 VAL n 
1 52 ASP n 
1 53 LYS n 
1 54 ILE n 
1 55 MET n 
1 56 LYS n 
1 57 ASP n 
1 58 LEU n 
1 59 ASP n 
1 60 GLN n 
1 61 CYS n 
1 62 ARG n 
1 63 ASP n 
1 64 GLY n 
1 65 LYS n 
1 66 VAL n 
1 67 GLY n 
1 68 PHE n 
1 69 GLN n 
1 70 SER n 
1 71 PHE n 
1 72 PHE n 
1 73 SER n 
1 74 LEU n 
1 75 ILE n 
1 76 ALA n 
1 77 GLY n 
1 78 LEU n 
1 79 THR n 
1 80 ILE n 
1 81 ALA n 
1 82 CYS n 
1 83 ASN n 
1 84 ASP n 
1 85 TYR n 
1 86 PHE n 
1 87 VAL n 
1 88 VAL n 
1 89 HIS n 
1 90 MET n 
1 91 LYS n 
1 92 GLN n 
1 93 LYS n 
1 94 GLY n 
1 95 LYS n 
1 96 LYS n 
2 1  ACE n 
2 2  SER n 
2 3  THR n 
2 4  VAL n 
2 5  HIS n 
2 6  GLU n 
2 7  ILE n 
2 8  LEU n 
2 9  SER n 
2 10 LYS n 
2 11 LEU n 
2 12 SER n 
2 13 LEU n 
2 14 GLU n 
# 
_entity_src_gen.entity_id                          1 
_entity_src_gen.pdbx_src_id                        1 
_entity_src_gen.pdbx_alt_source_flag               sample 
_entity_src_gen.pdbx_seq_type                      ? 
_entity_src_gen.pdbx_beg_seq_num                   ? 
_entity_src_gen.pdbx_end_seq_num                   ? 
_entity_src_gen.gene_src_common_name               human 
_entity_src_gen.gene_src_genus                     Homo 
_entity_src_gen.pdbx_gene_src_gene                 ? 
_entity_src_gen.gene_src_species                   ? 
_entity_src_gen.gene_src_strain                    ? 
_entity_src_gen.gene_src_tissue                    ? 
_entity_src_gen.gene_src_tissue_fraction           ? 
_entity_src_gen.gene_src_details                   ? 
_entity_src_gen.pdbx_gene_src_fragment             ? 
_entity_src_gen.pdbx_gene_src_scientific_name      'Homo sapiens' 
_entity_src_gen.pdbx_gene_src_ncbi_taxonomy_id     9606 
_entity_src_gen.pdbx_gene_src_variant              ? 
_entity_src_gen.pdbx_gene_src_cell_line            ? 
_entity_src_gen.pdbx_gene_src_atcc                 ? 
_entity_src_gen.pdbx_gene_src_organ                ? 
_entity_src_gen.pdbx_gene_src_organelle            ? 
_entity_src_gen.pdbx_gene_src_cell                 ? 
_entity_src_gen.pdbx_gene_src_cellular_location    ? 
_entity_src_gen.host_org_common_name               ? 
_entity_src_gen.pdbx_host_org_scientific_name      'Escherichia coli BL21' 
_entity_src_gen.pdbx_host_org_ncbi_taxonomy_id     511693 
_entity_src_gen.host_org_genus                     Escherichia 
_entity_src_gen.pdbx_host_org_gene                 ? 
_entity_src_gen.pdbx_host_org_organ                ? 
_entity_src_gen.host_org_species                   'Escherichia coli' 
_entity_src_gen.pdbx_host_org_tissue               ? 
_entity_src_gen.pdbx_host_org_tissue_fraction      ? 
_entity_src_gen.pdbx_host_org_strain               BL21 
_entity_src_gen.pdbx_host_org_variant              ? 
_entity_src_gen.pdbx_host_org_cell_line            ? 
_entity_src_gen.pdbx_host_org_atcc                 ? 
_entity_src_gen.pdbx_host_org_culture_collection   ? 
_entity_src_gen.pdbx_host_org_cell                 ? 
_entity_src_gen.pdbx_host_org_organelle            ? 
_entity_src_gen.pdbx_host_org_cellular_location    ? 
_entity_src_gen.pdbx_host_org_vector_type          ? 
_entity_src_gen.pdbx_host_org_vector               ? 
_entity_src_gen.host_org_details                   ? 
_entity_src_gen.expression_system_id               ? 
_entity_src_gen.plasmid_name                       PET23A 
_entity_src_gen.plasmid_details                    ? 
_entity_src_gen.pdbx_description                   ? 
# 
loop_
_chem_comp.id 
_chem_comp.type 
_chem_comp.mon_nstd_flag 
_chem_comp.name 
_chem_comp.pdbx_synonyms 
_chem_comp.formula 
_chem_comp.formula_weight 
ACE non-polymer         . 'ACETYL GROUP'  ? 'C2 H4 O'        44.053  
ALA 'L-peptide linking' y ALANINE         ? 'C3 H7 N O2'     89.093  
ARG 'L-peptide linking' y ARGININE        ? 'C6 H15 N4 O2 1' 175.209 
ASN 'L-peptide linking' y ASPARAGINE      ? 'C4 H8 N2 O3'    132.118 
ASP 'L-peptide linking' y 'ASPARTIC ACID' ? 'C4 H7 N O4'     133.103 
CYS 'L-peptide linking' y CYSTEINE        ? 'C3 H7 N O2 S'   121.158 
GLN 'L-peptide linking' y GLUTAMINE       ? 'C5 H10 N2 O3'   146.144 
GLU 'L-peptide linking' y 'GLUTAMIC ACID' ? 'C5 H9 N O4'     147.129 
GLY 'peptide linking'   y GLYCINE         ? 'C2 H5 N O2'     75.067  
HIS 'L-peptide linking' y HISTIDINE       ? 'C6 H10 N3 O2 1' 156.162 
HOH non-polymer         . WATER           ? 'H2 O'           18.015  
ILE 'L-peptide linking' y ISOLEUCINE      ? 'C6 H13 N O2'    131.173 
LEU 'L-peptide linking' y LEUCINE         ? 'C6 H13 N O2'    131.173 
LYS 'L-peptide linking' y LYSINE          ? 'C6 H15 N2 O2 1' 147.195 
MET 'L-peptide linking' y METHIONINE      ? 'C5 H11 N O2 S'  149.211 
PHE 'L-peptide linking' y PHENYLALANINE   ? 'C9 H11 N O2'    165.189 
PRO 'L-peptide linking' y PROLINE         ? 'C5 H9 N O2'     115.130 
SER 'L-peptide linking' y SERINE          ? 'C3 H7 N O3'     105.093 
THR 'L-peptide linking' y THREONINE       ? 'C4 H9 N O3'     119.119 
TYR 'L-peptide linking' y TYROSINE        ? 'C9 H11 N O3'    181.189 
VAL 'L-peptide linking' y VALINE          ? 'C5 H11 N O2'    117.146 
# 
loop_
_pdbx_poly_seq_scheme.asym_id 
_pdbx_poly_seq_scheme.entity_id 
_pdbx_poly_seq_scheme.seq_id 
_pdbx_poly_seq_scheme.mon_id 
_pdbx_poly_seq_scheme.ndb_seq_num 
_pdbx_poly_seq_scheme.pdb_seq_num 
_pdbx_poly_seq_scheme.auth_seq_num 
_pdbx_poly_seq_scheme.pdb_mon_id 
_pdbx_poly_seq_scheme.auth_mon_id 
_pdbx_poly_seq_scheme.pdb_strand_id 
_pdbx_poly_seq_scheme.pdb_ins_code 
_pdbx_poly_seq_scheme.hetero 
A 1 1  PRO 1  1  1  PRO PRO A . n 
A 1 2  SER 2  2  2  SER SER A . n 
A 1 3  GLN 3  3  3  GLN GLN A . n 
A 1 4  MET 4  4  4  MET MET A . n 
A 1 5  GLU 5  5  5  GLU GLU A . n 
A 1 6  HIS 6  6  6  HIS HIS A . n 
A 1 7  ALA 7  7  7  ALA ALA A . n 
A 1 8  MET 8  8  8  MET MET A . n 
A 1 9  GLU 9  9  9  GLU GLU A . n 
A 1 10 THR 10 10 10 THR THR A . n 
A 1 11 MET 11 11 11 MET MET A . n 
A 1 12 MET 12 12 12 MET MET A . n 
A 1 13 PHE 13 13 13 PHE PHE A . n 
A 1 14 THR 14 14 14 THR THR A . n 
A 1 15 PHE 15 15 15 PHE PHE A . n 
A 1 16 HIS 16 16 16 HIS HIS A . n 
A 1 17 LYS 17 17 17 LYS LYS A . n 
A 1 18 PHE 18 18 18 PHE PHE A . n 
A 1 19 ALA 19 19 19 ALA ALA A . n 
A 1 20 GLY 20 20 20 GLY GLY A . n 
A 1 21 ASP 21 21 21 ASP ASP A . n 
A 1 22 LYS 22 22 22 LYS LYS A . n 
A 1 23 GLY 23 23 23 GLY GLY A . n 
A 1 24 TYR 24 24 24 TYR TYR A . n 
A 1 25 LEU 25 25 25 LEU LEU A . n 
A 1 26 THR 26 26 26 THR THR A . n 
A 1 27 LYS 27 27 27 LYS LYS A . n 
A 1 28 GLU 28 28 28 GLU GLU A . n 
A 1 29 ASP 29 29 29 ASP ASP A . n 
A 1 30 LEU 30 30 30 LEU LEU A . n 
A 1 31 ARG 31 31 31 ARG ARG A . n 
A 1 32 VAL 32 32 32 VAL VAL A . n 
A 1 33 LEU 33 33 33 LEU LEU A . n 
A 1 34 MET 34 34 34 MET MET A . n 
A 1 35 GLU 35 35 35 GLU GLU A . n 
A 1 36 LYS 36 36 36 LYS LYS A . n 
A 1 37 GLU 37 37 37 GLU GLU A . n 
A 1 38 PHE 38 38 38 PHE PHE A . n 
A 1 39 PRO 39 39 39 PRO PRO A . n 
A 1 40 GLY 40 40 40 GLY GLY A . n 
A 1 41 PHE 41 41 41 PHE PHE A . n 
A 1 42 LEU 42 42 42 LEU LEU A . n 
A 1 43 GLU 43 43 43 GLU GLU A . n 
A 1 44 ASN 44 44 44 ASN ASN A . n 
A 1 45 GLN 45 45 45 GLN GLN A . n 
A 1 46 LYS 46 46 46 LYS LYS A . n 
A 1 47 ASP 47 47 47 ASP ASP A . n 
A 1 48 PRO 48 48 48 PRO PRO A . n 
A 1 49 LEU 49 49 49 LEU LEU A . n 
A 1 50 ALA 50 50 50 ALA ALA A . n 
A 1 51 VAL 51 51 51 VAL VAL A . n 
A 1 52 ASP 52 52 52 ASP ASP A . n 
A 1 53 LYS 53 53 53 LYS LYS A . n 
A 1 54 ILE 54 54 54 ILE ILE A . n 
A 1 55 MET 55 55 55 MET MET A . n 
A 1 56 LYS 56 56 56 LYS LYS A . n 
A 1 57 ASP 57 57 57 ASP ASP A . n 
A 1 58 LEU 58 58 58 LEU LEU A . n 
A 1 59 ASP 59 59 59 ASP ASP A . n 
A 1 60 GLN 60 60 60 GLN GLN A . n 
A 1 61 CYS 61 61 61 CYS CYS A . n 
A 1 62 ARG 62 62 62 ARG ARG A . n 
A 1 63 ASP 63 63 63 ASP ASP A . n 
A 1 64 GLY 64 64 64 GLY GLY A . n 
A 1 65 LYS 65 65 65 LYS LYS A . n 
A 1 66 VAL 66 66 66 VAL VAL A . n 
A 1 67 GLY 67 67 67 GLY GLY A . n 
A 1 68 PHE 68 68 68 PHE PHE A . n 
A 1 69 GLN 69 69 69 GLN GLN A . n 
A 1 70 SER 70 70 70 SER SER A . n 
A 1 71 PHE 71 71 71 PHE PHE A . n 
A 1 72 PHE 72 72 72 PHE PHE A . n 
A 1 73 SER 73 73 73 SER SER A . n 
A 1 74 LEU 74 74 74 LEU LEU A . n 
A 1 75 ILE 75 75 75 ILE ILE A . n 
A 1 76 ALA 76 76 76 ALA ALA A . n 
A 1 77 GLY 77 77 77 GLY GLY A . n 
A 1 78 LEU 78 78 78 LEU LEU A . n 
A 1 79 THR 79 79 79 THR THR A . n 
A 1 80 ILE 80 80 80 ILE ILE A . n 
A 1 81 ALA 81 81 81 ALA ALA A . n 
A 1 82 CYS 82 82 82 CYS CYS A . n 
A 1 83 ASN 83 83 83 ASN ASN A . n 
A 1 84 ASP 84 84 84 ASP ASP A . n 
A 1 85 TYR 85 85 85 TYR TYR A . n 
A 1 86 PHE 86 86 86 PHE PHE A . n 
A 1 87 VAL 87 87 87 VAL VAL A . n 
A 1 88 VAL 88 88 88 VAL VAL A . n 
A 1 89 HIS 89 89 89 HIS HIS A . n 
A 1 90 MET 90 90 90 MET MET A . n 
A 1 91 LYS 91 91 91 LYS LYS A . n 
A 1 92 GLN 92 92 ?  ?   ?   A . n 
A 1 93 LYS 93 93 ?  ?   ?   A . n 
A 1 94 GLY 94 94 ?  ?   ?   A . n 
A 1 95 LYS 95 95 ?  ?   ?   A . n 
A 1 96 LYS 96 96 ?  ?   ?   A . n 
B 1 1  PRO 1  1  1  PRO PRO B . n 
B 1 2  SER 2  2  2  SER SER B . n 
B 1 3  GLN 3  3  3  GLN GLN B . n 
B 1 4  MET 4  4  4  MET MET B . n 
B 1 5  GLU 5  5  5  GLU GLU B . n 
B 1 6  HIS 6  6  6  HIS HIS B . n 
B 1 7  ALA 7  7  7  ALA ALA B . n 
B 1 8  MET 8  8  8  MET MET B . n 
B 1 9  GLU 9  9  9  GLU GLU B . n 
B 1 10 THR 10 10 10 THR THR B . n 
B 1 11 MET 11 11 11 MET MET B . n 
B 1 12 MET 12 12 12 MET MET B . n 
B 1 13 PHE 13 13 13 PHE PHE B . n 
B 1 14 THR 14 14 14 THR THR B . n 
B 1 15 PHE 15 15 15 PHE PHE B . n 
B 1 16 HIS 16 16 16 HIS HIS B . n 
B 1 17 LYS 17 17 17 LYS LYS B . n 
B 1 18 PHE 18 18 18 PHE PHE B . n 
B 1 19 ALA 19 19 19 ALA ALA B . n 
B 1 20 GLY 20 20 20 GLY GLY B . n 
B 1 21 ASP 21 21 21 ASP ASP B . n 
B 1 22 LYS 22 22 22 LYS LYS B . n 
B 1 23 GLY 23 23 23 GLY GLY B . n 
B 1 24 TYR 24 24 24 TYR TYR B . n 
B 1 25 LEU 25 25 25 LEU LEU B . n 
B 1 26 THR 26 26 26 THR THR B . n 
B 1 27 LYS 27 27 27 LYS LYS B . n 
B 1 28 GLU 28 28 28 GLU GLU B . n 
B 1 29 ASP 29 29 29 ASP ASP B . n 
B 1 30 LEU 30 30 30 LEU LEU B . n 
B 1 31 ARG 31 31 31 ARG ARG B . n 
B 1 32 VAL 32 32 32 VAL VAL B . n 
B 1 33 LEU 33 33 33 LEU LEU B . n 
B 1 34 MET 34 34 34 MET MET B . n 
B 1 35 GLU 35 35 35 GLU GLU B . n 
B 1 36 LYS 36 36 36 LYS LYS B . n 
B 1 37 GLU 37 37 37 GLU GLU B . n 
B 1 38 PHE 38 38 38 PHE PHE B . n 
B 1 39 PRO 39 39 39 PRO PRO B . n 
B 1 40 GLY 40 40 40 GLY GLY B . n 
B 1 41 PHE 41 41 41 PHE PHE B . n 
B 1 42 LEU 42 42 42 LEU LEU B . n 
B 1 43 GLU 43 43 43 GLU GLU B . n 
B 1 44 ASN 44 44 44 ASN ASN B . n 
B 1 45 GLN 45 45 45 GLN GLN B . n 
B 1 46 LYS 46 46 46 LYS LYS B . n 
B 1 47 ASP 47 47 47 ASP ASP B . n 
B 1 48 PRO 48 48 48 PRO PRO B . n 
B 1 49 LEU 49 49 49 LEU LEU B . n 
B 1 50 ALA 50 50 50 ALA ALA B . n 
B 1 51 VAL 51 51 51 VAL VAL B . n 
B 1 52 ASP 52 52 52 ASP ASP B . n 
B 1 53 LYS 53 53 53 LYS LYS B . n 
B 1 54 ILE 54 54 54 ILE ILE B . n 
B 1 55 MET 55 55 55 MET MET B . n 
B 1 56 LYS 56 56 56 LYS LYS B . n 
B 1 57 ASP 57 57 57 ASP ASP B . n 
B 1 58 LEU 58 58 58 LEU LEU B . n 
B 1 59 ASP 59 59 59 ASP ASP B . n 
B 1 60 GLN 60 60 60 GLN GLN B . n 
B 1 61 CYS 61 61 61 CYS CYS B . n 
B 1 62 ARG 62 62 62 ARG ARG B . n 
B 1 63 ASP 63 63 63 ASP ASP B . n 
B 1 64 GLY 64 64 64 GLY GLY B . n 
B 1 65 LYS 65 65 65 LYS LYS B . n 
B 1 66 VAL 66 66 66 VAL VAL B . n 
B 1 67 GLY 67 67 67 GLY GLY B . n 
B 1 68 PHE 68 68 68 PHE PHE B . n 
B 1 69 GLN 69 69 69 GLN GLN B . n 
B 1 70 SER 70 70 70 SER SER B . n 
B 1 71 PHE 71 71 71 PHE PHE B . n 
B 1 72 PHE 72 72 72 PHE PHE B . n 
B 1 73 SER 73 73 73 SER SER B . n 
B 1 74 LEU 74 74 74 LEU LEU B . n 
B 1 75 ILE 75 75 75 ILE ILE B . n 
B 1 76 ALA 76 76 76 ALA ALA B . n 
B 1 77 GLY 77 77 77 GLY GLY B . n 
B 1 78 LEU 78 78 78 LEU LEU B . n 
B 1 79 THR 79 79 79 THR THR B . n 
B 1 80 ILE 80 80 80 ILE ILE B . n 
B 1 81 ALA 81 81 81 ALA ALA B . n 
B 1 82 CYS 82 82 82 CYS CYS B . n 
B 1 83 ASN 83 83 83 ASN ASN B . n 
B 1 84 ASP 84 84 84 ASP ASP B . n 
B 1 85 TYR 85 85 85 TYR TYR B . n 
B 1 86 PHE 86 86 86 PHE PHE B . n 
B 1 87 VAL 87 87 87 VAL VAL B . n 
B 1 88 VAL 88 88 88 VAL VAL B . n 
B 1 89 HIS 89 89 89 HIS HIS B . n 
B 1 90 MET 90 90 90 MET MET B . n 
B 1 91 LYS 91 91 91 LYS LYS B . n 
B 1 92 GLN 92 92 ?  ?   ?   B . n 
B 1 93 LYS 93 93 ?  ?   ?   B . n 
B 1 94 GLY 94 94 ?  ?   ?   B . n 
B 1 95 LYS 95 95 ?  ?   ?   B . n 
B 1 96 LYS 96 96 ?  ?   ?   B . n 
C 2 1  ACE 1  0  1  ACE ACE C . n 
C 2 2  SER 2  1  1  SER SER C . n 
C 2 3  THR 3  2  2  THR THR C . n 
C 2 4  VAL 4  3  3  VAL VAL C . n 
C 2 5  HIS 5  4  4  HIS HIS C . n 
C 2 6  GLU 6  5  5  GLU GLU C . n 
C 2 7  ILE 7  6  6  ILE ILE C . n 
C 2 8  LEU 8  7  7  LEU LEU C . n 
C 2 9  SER 9  8  8  SER SER C . n 
C 2 10 LYS 10 9  9  LYS LYS C . n 
C 2 11 LEU 11 10 10 LEU LEU C . n 
C 2 12 SER 12 11 11 SER SER C . n 
C 2 13 LEU 13 12 ?  ?   ?   C . n 
C 2 14 GLU 14 13 ?  ?   ?   C . n 
D 2 1  ACE 1  0  1  ACE ACE D . n 
D 2 2  SER 2  1  1  SER SER D . n 
D 2 3  THR 3  2  2  THR THR D . n 
D 2 4  VAL 4  3  3  VAL VAL D . n 
D 2 5  HIS 5  4  4  HIS HIS D . n 
D 2 6  GLU 6  5  5  GLU GLU D . n 
D 2 7  ILE 7  6  6  ILE ILE D . n 
D 2 8  LEU 8  7  7  LEU LEU D . n 
D 2 9  SER 9  8  8  SER SER D . n 
D 2 10 LYS 10 9  9  LYS LYS D . n 
D 2 11 LEU 11 10 10 LEU LEU D . n 
D 2 12 SER 12 11 11 SER SER D . n 
D 2 13 LEU 13 12 ?  ?   ?   D . n 
D 2 14 GLU 14 13 ?  ?   ?   D . n 
# 
loop_
_pdbx_nonpoly_scheme.asym_id 
_pdbx_nonpoly_scheme.entity_id 
_pdbx_nonpoly_scheme.mon_id 
_pdbx_nonpoly_scheme.ndb_seq_num 
_pdbx_nonpoly_scheme.pdb_seq_num 
_pdbx_nonpoly_scheme.auth_seq_num 
_pdbx_nonpoly_scheme.pdb_mon_id 
_pdbx_nonpoly_scheme.auth_mon_id 
_pdbx_nonpoly_scheme.pdb_strand_id 
_pdbx_nonpoly_scheme.pdb_ins_code 
E 3 HOH 1  97  2  HOH HOH A . 
E 3 HOH 2  98  3  HOH HOH A . 
E 3 HOH 3  99  5  HOH HOH A . 
E 3 HOH 4  100 7  HOH HOH A . 
E 3 HOH 5  101 9  HOH HOH A . 
E 3 HOH 6  102 12 HOH HOH A . 
E 3 HOH 7  103 14 HOH HOH A . 
E 3 HOH 8  104 17 HOH HOH A . 
E 3 HOH 9  105 18 HOH HOH A . 
E 3 HOH 10 106 20 HOH HOH A . 
E 3 HOH 11 107 21 HOH HOH A . 
E 3 HOH 12 108 22 HOH HOH A . 
F 3 HOH 1  97  1  HOH HOH B . 
F 3 HOH 2  98  6  HOH HOH B . 
F 3 HOH 3  99  8  HOH HOH B . 
F 3 HOH 4  100 10 HOH HOH B . 
F 3 HOH 5  101 11 HOH HOH B . 
F 3 HOH 6  102 13 HOH HOH B . 
F 3 HOH 7  103 15 HOH HOH B . 
F 3 HOH 8  104 16 HOH HOH B . 
F 3 HOH 9  105 19 HOH HOH B . 
G 3 HOH 1  14  4  HOH HOH D . 
# 
loop_
_software.name 
_software.classification 
_software.version 
_software.citation_id 
_software.pdbx_ordinal 
AMoRE     phasing          . ? 1 
REFMAC    refinement       . ? 2 
DENZO     'data reduction' . ? 3 
SCALEPACK 'data scaling'   . ? 4 
# 
_cell.entry_id           1BT6 
_cell.length_a           80.600 
_cell.length_b           56.400 
_cell.length_c           64.300 
_cell.angle_alpha        90.00 
_cell.angle_beta         114.50 
_cell.angle_gamma        90.00 
_cell.Z_PDB              8 
_cell.pdbx_unique_axis   ? 
# 
_symmetry.entry_id                         1BT6 
_symmetry.space_group_name_H-M             'C 1 2 1' 
_symmetry.pdbx_full_space_group_name_H-M   ? 
_symmetry.cell_setting                     ? 
_symmetry.Int_Tables_number                5 
# 
_exptl.entry_id          1BT6 
_exptl.method            'X-RAY DIFFRACTION' 
_exptl.crystals_number   3 
# 
_exptl_crystal.id                    1 
_exptl_crystal.density_meas          ? 
_exptl_crystal.density_Matthews      2.77 
_exptl_crystal.density_percent_sol   56. 
_exptl_crystal.description           ? 
# 
_exptl_crystal_grow.crystal_id      1 
_exptl_crystal_grow.method          ? 
_exptl_crystal_grow.temp            ? 
_exptl_crystal_grow.temp_details    ? 
_exptl_crystal_grow.pH              7.5 
_exptl_crystal_grow.pdbx_pH_range   ? 
_exptl_crystal_grow.pdbx_details    'pH 7.5' 
# 
_diffrn.id                     1 
_diffrn.ambient_temp           280 
_diffrn.ambient_temp_details   ? 
_diffrn.crystal_id             1 
# 
_diffrn_detector.diffrn_id              1 
_diffrn_detector.detector               'IMAGE PLATE' 
_diffrn_detector.type                   MARRESEARCH 
_diffrn_detector.pdbx_collection_date   1998-04-25 
_diffrn_detector.details                'FOCUSSING MONOCHROMATOR AND MONOLAYER' 
# 
_diffrn_radiation.diffrn_id                        1 
_diffrn_radiation.wavelength_id                    1 
_diffrn_radiation.pdbx_monochromatic_or_laue_m_l   M 
_diffrn_radiation.monochromator                    'GE(111)' 
_diffrn_radiation.pdbx_diffrn_protocol             ? 
_diffrn_radiation.pdbx_scattering_type             x-ray 
# 
_diffrn_radiation_wavelength.id           1 
_diffrn_radiation_wavelength.wavelength   0.97 
_diffrn_radiation_wavelength.wt           1.0 
# 
_diffrn_source.diffrn_id                   1 
_diffrn_source.source                      SYNCHROTRON 
_diffrn_source.type                        'LURE BEAMLINE DW32' 
_diffrn_source.pdbx_synchrotron_site       LURE 
_diffrn_source.pdbx_synchrotron_beamline   DW32 
_diffrn_source.pdbx_wavelength             0.97 
_diffrn_source.pdbx_wavelength_list        ? 
# 
_reflns.entry_id                     1BT6 
_reflns.observed_criterion_sigma_I   0. 
_reflns.observed_criterion_sigma_F   ? 
_reflns.d_resolution_low             62. 
_reflns.d_resolution_high            2.4 
_reflns.number_obs                   9774 
_reflns.number_all                   ? 
_reflns.percent_possible_obs         96.8 
_reflns.pdbx_Rmerge_I_obs            0.0600000 
_reflns.pdbx_Rsym_value              0.0600000 
_reflns.pdbx_netI_over_sigmaI        20.6 
_reflns.B_iso_Wilson_estimate        ? 
_reflns.pdbx_redundancy              6.25 
_reflns.pdbx_diffrn_id               1 
_reflns.pdbx_ordinal                 1 
# 
_reflns_shell.d_res_high             2.4 
_reflns_shell.d_res_low              2.5 
_reflns_shell.percent_possible_all   ? 
_reflns_shell.Rmerge_I_obs           ? 
_reflns_shell.pdbx_Rsym_value        0.6100000 
_reflns_shell.meanI_over_sigI_obs    1.96 
_reflns_shell.pdbx_redundancy        2.5 
_reflns_shell.pdbx_diffrn_id         ? 
_reflns_shell.pdbx_ordinal           1 
# 
_refine.entry_id                                 1BT6 
_refine.ls_number_reflns_obs                     8511 
_refine.ls_number_reflns_all                     ? 
_refine.pdbx_ls_sigma_I                          ? 
_refine.pdbx_ls_sigma_F                          0. 
_refine.pdbx_data_cutoff_high_absF               ? 
_refine.pdbx_data_cutoff_low_absF                ? 
_refine.pdbx_data_cutoff_high_rms_absF           ? 
_refine.ls_d_res_low                             20. 
_refine.ls_d_res_high                            2.4 
_refine.ls_percent_reflns_obs                    96.8 
_refine.ls_R_factor_obs                          0.2330000 
_refine.ls_R_factor_all                          ? 
_refine.ls_R_factor_R_work                       0.2280000 
_refine.ls_R_factor_R_free                       0.3070000 
_refine.ls_R_factor_R_free_error                 ? 
_refine.ls_R_factor_R_free_error_details         ? 
_refine.ls_percent_reflns_R_free                 10. 
_refine.ls_number_reflns_R_free                  942 
_refine.ls_number_parameters                     ? 
_refine.ls_number_restraints                     ? 
_refine.occupancy_min                            ? 
_refine.occupancy_max                            ? 
_refine.B_iso_mean                               200.1 
_refine.aniso_B[1][1]                            ? 
_refine.aniso_B[2][2]                            ? 
_refine.aniso_B[3][3]                            ? 
_refine.aniso_B[1][2]                            ? 
_refine.aniso_B[1][3]                            ? 
_refine.aniso_B[2][3]                            ? 
_refine.solvent_model_details                    ? 
_refine.solvent_model_param_ksol                 ? 
_refine.solvent_model_param_bsol                 ? 
_refine.pdbx_ls_cross_valid_method               THROUGHOUT 
_refine.details                                  ? 
_refine.pdbx_starting_model                      1A4P 
_refine.pdbx_method_to_determine_struct          'MOLECULAR REPLACEMENT' 
_refine.pdbx_isotropic_thermal_model             ? 
_refine.pdbx_stereochemistry_target_values       ? 
_refine.pdbx_stereochem_target_val_spec_case     ? 
_refine.pdbx_R_Free_selection_details            RANDOM 
_refine.pdbx_overall_ESU_R                       ? 
_refine.pdbx_overall_ESU_R_Free                  ? 
_refine.overall_SU_ML                            ? 
_refine.overall_SU_B                             ? 
_refine.pdbx_refine_id                           'X-RAY DIFFRACTION' 
_refine.pdbx_diffrn_id                           1 
_refine.pdbx_TLS_residual_ADP_flag               ? 
_refine.correlation_coeff_Fo_to_Fc               ? 
_refine.correlation_coeff_Fo_to_Fc_free          ? 
_refine.pdbx_solvent_vdw_probe_radii             ? 
_refine.pdbx_solvent_ion_probe_radii             ? 
_refine.pdbx_solvent_shrinkage_radii             ? 
_refine.pdbx_overall_phase_error                 ? 
_refine.overall_SU_R_Cruickshank_DPI             ? 
_refine.pdbx_overall_SU_R_free_Cruickshank_DPI   ? 
_refine.pdbx_overall_SU_R_Blow_DPI               ? 
_refine.pdbx_overall_SU_R_free_Blow_DPI          ? 
# 
_refine_hist.pdbx_refine_id                   'X-RAY DIFFRACTION' 
_refine_hist.cycle_id                         LAST 
_refine_hist.pdbx_number_atoms_protein        1644 
_refine_hist.pdbx_number_atoms_nucleic_acid   0 
_refine_hist.pdbx_number_atoms_ligand         0 
_refine_hist.number_atoms_solvent             22 
_refine_hist.number_atoms_total               1666 
_refine_hist.d_res_high                       2.4 
_refine_hist.d_res_low                        20. 
# 
loop_
_refine_ls_restr.type 
_refine_ls_restr.dev_ideal 
_refine_ls_restr.dev_ideal_target 
_refine_ls_restr.weight 
_refine_ls_restr.number 
_refine_ls_restr.pdbx_refine_id 
_refine_ls_restr.pdbx_restraint_function 
p_bond_d            0.019 0.020 ? ? 'X-RAY DIFFRACTION' ? 
p_angle_d           0.039 0.040 ? ? 'X-RAY DIFFRACTION' ? 
p_angle_deg         ?     ?     ? ? 'X-RAY DIFFRACTION' ? 
p_planar_d          0.079 0.05  ? ? 'X-RAY DIFFRACTION' ? 
p_hb_or_metal_coord 0.05  ?     ? ? 'X-RAY DIFFRACTION' ? 
p_mcbond_it         1.976 2.0   ? ? 'X-RAY DIFFRACTION' ? 
p_mcangle_it        3.176 3.0   ? ? 'X-RAY DIFFRACTION' ? 
p_scbond_it         3.260 3.0   ? ? 'X-RAY DIFFRACTION' ? 
p_scangle_it        4.635 4.0   ? ? 'X-RAY DIFFRACTION' ? 
p_plane_restr       0.009 0.02  ? ? 'X-RAY DIFFRACTION' ? 
p_chiral_restr      0.226 0.15  ? ? 'X-RAY DIFFRACTION' ? 
p_singtor_nbd       ?     0.300 ? ? 'X-RAY DIFFRACTION' ? 
p_multtor_nbd       0.243 0.300 ? ? 'X-RAY DIFFRACTION' ? 
p_xhyhbond_nbd      ?     0.30  ? ? 'X-RAY DIFFRACTION' ? 
p_xyhbond_nbd       0.352 0.30  ? ? 'X-RAY DIFFRACTION' ? 
p_planar_tor        3.7   2.0   ? ? 'X-RAY DIFFRACTION' ? 
p_staggered_tor     24.7  15.0  ? ? 'X-RAY DIFFRACTION' ? 
p_orthonormal_tor   ?     ?     ? ? 'X-RAY DIFFRACTION' ? 
p_transverse_tor    26.0  20.0  ? ? 'X-RAY DIFFRACTION' ? 
p_special_tor       0.    15.0  ? ? 'X-RAY DIFFRACTION' ? 
# 
loop_
_struct_ncs_oper.id 
_struct_ncs_oper.code 
_struct_ncs_oper.details 
_struct_ncs_oper.matrix[1][1] 
_struct_ncs_oper.matrix[1][2] 
_struct_ncs_oper.matrix[1][3] 
_struct_ncs_oper.matrix[2][1] 
_struct_ncs_oper.matrix[2][2] 
_struct_ncs_oper.matrix[2][3] 
_struct_ncs_oper.matrix[3][1] 
_struct_ncs_oper.matrix[3][2] 
_struct_ncs_oper.matrix[3][3] 
_struct_ncs_oper.vector[1] 
_struct_ncs_oper.vector[2] 
_struct_ncs_oper.vector[3] 
1 given ? -0.99937754 0.00612750 -0.03474542 0.03250590  -0.22292232 -0.97429466 -0.01371558 -0.97481711 0.22258387 0.14080  0.25041 -0.20365 
2 given ? -0.99529928 0.05629926 0.07880095  -0.08976710 -0.23095339 -0.96881479 -0.03634452 -0.97133490 0.23492167 -0.28814 2.03694 0.49925 
# 
_struct.entry_id                  1BT6 
_struct.title                     'P11 (S100A10), LIGAND OF ANNEXIN II IN COMPLEX WITH ANNEXIN II N-TERMINUS' 
_struct.pdbx_model_details        ? 
_struct.pdbx_CASP_flag            ? 
_struct.pdbx_model_type_details   ? 
# 
_struct_keywords.entry_id        1BT6 
_struct_keywords.pdbx_keywords   'COMPLEX (LIGAND/ANNEXIN)' 
_struct_keywords.text            
;S100 FAMILY, EF-HAND PROTEIN, COMPLEX (LIGAND-ANNEXIN), LIGAND OF ANNEXIN II, CALCIUM/PHOSPHOLIPID BINDING PROTEIN, COMPLEX (LIGAND-ANNEXIN) complex
;
# 
loop_
_struct_asym.id 
_struct_asym.pdbx_blank_PDB_chainid_flag 
_struct_asym.pdbx_modified 
_struct_asym.entity_id 
_struct_asym.details 
A N N 1 ? 
B N N 1 ? 
C N N 2 ? 
D N N 2 ? 
E N N 3 ? 
F N N 3 ? 
G N N 3 ? 
# 
loop_
_struct_ref.id 
_struct_ref.db_name 
_struct_ref.db_code 
_struct_ref.entity_id 
_struct_ref.pdbx_db_accession 
_struct_ref.pdbx_align_begin 
_struct_ref.pdbx_seq_one_letter_code 
_struct_ref.pdbx_db_isoform 
1 UNP S10AA_HUMAN 1 P60903 1 
;PSQMEHAMETMMFTFHKFAGDKGYLTKEDLRVLMEKEFPGFLENQKDPLAVDKIMKDLDQCRDGKVGFQSFFSLIAGLTI
ACNDYFVVHMKQKGKK
;
? 
2 UNP ANX2_CHICK  2 P17785 1 
;STVHEILSKLSLEGDHSLPPSAYATVKAYSNFDADRDAAALEAAIKTKGVDEVTIINILTNRSNEQRQDIAFAYQRRTKK
ELSAALKSALSGHLEAVILGLLKTPSQYDASELKAAMKGLGTDEDTLIEIICSRTNQELNEINRVYREMYKTELEKDIIS
DTSGDFRKLMVALAKGKRCEDTSVIDYELIDQDARELYDAGVKRKGTDVPKWINIMTERSVPHLQKVFERYKSYSPYDML
ESIKKEVKGDLENAFLNLVQCIQNKQLYFADRLYDSMKGKGTRDKVLIRIMVSRCEVDMLKIKSEFKRKYGKSLYYFIQQ
DTKGDYQRALLNLCGGED
;
? 
# 
loop_
_struct_ref_seq.align_id 
_struct_ref_seq.ref_id 
_struct_ref_seq.pdbx_PDB_id_code 
_struct_ref_seq.pdbx_strand_id 
_struct_ref_seq.seq_align_beg 
_struct_ref_seq.pdbx_seq_align_beg_ins_code 
_struct_ref_seq.seq_align_end 
_struct_ref_seq.pdbx_seq_align_end_ins_code 
_struct_ref_seq.pdbx_db_accession 
_struct_ref_seq.db_align_beg 
_struct_ref_seq.pdbx_db_align_beg_ins_code 
_struct_ref_seq.db_align_end 
_struct_ref_seq.pdbx_db_align_end_ins_code 
_struct_ref_seq.pdbx_auth_seq_align_beg 
_struct_ref_seq.pdbx_auth_seq_align_end 
1 1 1BT6 A 1 ? 96 ? P60903 1 ? 96 ? 1 96 
2 1 1BT6 B 1 ? 96 ? P60903 1 ? 96 ? 1 96 
3 2 1BT6 C 2 ? 14 ? P17785 1 ? 13 ? 1 13 
4 2 1BT6 D 2 ? 14 ? P17785 1 ? 13 ? 1 13 
# 
loop_
_pdbx_struct_assembly.id 
_pdbx_struct_assembly.details 
_pdbx_struct_assembly.method_details 
_pdbx_struct_assembly.oligomeric_details 
_pdbx_struct_assembly.oligomeric_count 
1 author_and_software_defined_assembly PISA tetrameric 4 
2 software_defined_assembly            PISA octameric  8 
# 
loop_
_pdbx_struct_assembly_prop.biol_id 
_pdbx_struct_assembly_prop.type 
_pdbx_struct_assembly_prop.value 
_pdbx_struct_assembly_prop.details 
1 'ABSA (A^2)' 6130  ? 
1 MORE         -65   ? 
1 'SSA (A^2)'  10320 ? 
2 'ABSA (A^2)' 13470 ? 
2 MORE         -136  ? 
2 'SSA (A^2)'  19440 ? 
# 
loop_
_pdbx_struct_assembly_gen.assembly_id 
_pdbx_struct_assembly_gen.oper_expression 
_pdbx_struct_assembly_gen.asym_id_list 
1 1   A,B,C,D,E,F,G 
2 1,2 A,B,C,D,E,F,G 
# 
loop_
_pdbx_struct_oper_list.id 
_pdbx_struct_oper_list.type 
_pdbx_struct_oper_list.name 
_pdbx_struct_oper_list.symmetry_operation 
_pdbx_struct_oper_list.matrix[1][1] 
_pdbx_struct_oper_list.matrix[1][2] 
_pdbx_struct_oper_list.matrix[1][3] 
_pdbx_struct_oper_list.vector[1] 
_pdbx_struct_oper_list.matrix[2][1] 
_pdbx_struct_oper_list.matrix[2][2] 
_pdbx_struct_oper_list.matrix[2][3] 
_pdbx_struct_oper_list.vector[2] 
_pdbx_struct_oper_list.matrix[3][1] 
_pdbx_struct_oper_list.matrix[3][2] 
_pdbx_struct_oper_list.matrix[3][3] 
_pdbx_struct_oper_list.vector[3] 
1 'identity operation'         1_555 x,y,z       1.0000000000  0.0000000000  0.0000000000  0.0000000000  0.0000000000  1.0000000000 0.0000000000 0.0000000000  0.0000000000  0.0000000000 1.0000000000  0.0000000000   
2 'crystal symmetry operation' 2_756 -x+2,y,-z+1 -0.9636228562 -0.2029404365 -0.1739142612 -8.9981533594 -0.2029404365 0.1321620242 0.9702310955 17.3953316405 -0.1739142612 0.9702310955 -0.1685391680 -22.1807187503 
# 
_struct_biol.id   1 
# 
loop_
_struct_conf.conf_type_id 
_struct_conf.id 
_struct_conf.pdbx_PDB_helix_id 
_struct_conf.beg_label_comp_id 
_struct_conf.beg_label_asym_id 
_struct_conf.beg_label_seq_id 
_struct_conf.pdbx_beg_PDB_ins_code 
_struct_conf.end_label_comp_id 
_struct_conf.end_label_asym_id 
_struct_conf.end_label_seq_id 
_struct_conf.pdbx_end_PDB_ins_code 
_struct_conf.beg_auth_comp_id 
_struct_conf.beg_auth_asym_id 
_struct_conf.beg_auth_seq_id 
_struct_conf.end_auth_comp_id 
_struct_conf.end_auth_asym_id 
_struct_conf.end_auth_seq_id 
_struct_conf.pdbx_PDB_helix_class 
_struct_conf.details 
_struct_conf.pdbx_PDB_helix_length 
HELX_P HELX_P1  1A  GLN A 3  ? LYS A 22 ? GLN A 3  LYS A 22 1 ? 20 
HELX_P HELX_P2  2AA LYS A 27 ? GLU A 37 ? LYS A 27 GLU A 37 1 ? 11 
HELX_P HELX_P3  2AB PRO A 39 ? ASN A 44 ? PRO A 39 ASN A 44 1 ? 6  
HELX_P HELX_P4  3A  ALA A 50 ? LEU A 58 ? ALA A 50 LEU A 58 1 ? 9  
HELX_P HELX_P5  4A  PHE A 68 ? HIS A 89 ? PHE A 68 HIS A 89 1 ? 22 
HELX_P HELX_P6  1B  GLN B 3  ? ALA B 19 ? GLN B 3  ALA B 19 1 ? 17 
HELX_P HELX_P7  2BA LYS B 27 ? GLU B 37 ? LYS B 27 GLU B 37 1 ? 11 
HELX_P HELX_P8  2BB PRO B 39 ? ASN B 44 ? PRO B 39 ASN B 44 1 ? 6  
HELX_P HELX_P9  3B  ALA B 50 ? LEU B 58 ? ALA B 50 LEU B 58 1 ? 9  
HELX_P HELX_P10 4B  PHE B 68 ? HIS B 89 ? PHE B 68 HIS B 89 1 ? 22 
HELX_P HELX_P11 1C  SER C 2  ? LYS C 10 ? SER C 1  LYS C 9  1 ? 9  
HELX_P HELX_P12 1D  SER D 2  ? LYS D 10 ? SER D 1  LYS D 9  1 ? 9  
# 
_struct_conf_type.id          HELX_P 
_struct_conf_type.criteria    ? 
_struct_conf_type.reference   ? 
# 
loop_
_struct_conn.id 
_struct_conn.conn_type_id 
_struct_conn.pdbx_leaving_atom_flag 
_struct_conn.pdbx_PDB_id 
_struct_conn.ptnr1_label_asym_id 
_struct_conn.ptnr1_label_comp_id 
_struct_conn.ptnr1_label_seq_id 
_struct_conn.ptnr1_label_atom_id 
_struct_conn.pdbx_ptnr1_label_alt_id 
_struct_conn.pdbx_ptnr1_PDB_ins_code 
_struct_conn.pdbx_ptnr1_standard_comp_id 
_struct_conn.ptnr1_symmetry 
_struct_conn.ptnr2_label_asym_id 
_struct_conn.ptnr2_label_comp_id 
_struct_conn.ptnr2_label_seq_id 
_struct_conn.ptnr2_label_atom_id 
_struct_conn.pdbx_ptnr2_label_alt_id 
_struct_conn.pdbx_ptnr2_PDB_ins_code 
_struct_conn.ptnr1_auth_asym_id 
_struct_conn.ptnr1_auth_comp_id 
_struct_conn.ptnr1_auth_seq_id 
_struct_conn.ptnr2_auth_asym_id 
_struct_conn.ptnr2_auth_comp_id 
_struct_conn.ptnr2_auth_seq_id 
_struct_conn.ptnr2_symmetry 
_struct_conn.pdbx_ptnr3_label_atom_id 
_struct_conn.pdbx_ptnr3_label_seq_id 
_struct_conn.pdbx_ptnr3_label_comp_id 
_struct_conn.pdbx_ptnr3_label_asym_id 
_struct_conn.pdbx_ptnr3_label_alt_id 
_struct_conn.pdbx_ptnr3_PDB_ins_code 
_struct_conn.details 
_struct_conn.pdbx_dist_value 
_struct_conn.pdbx_value_order 
_struct_conn.pdbx_role 
covale1 covale both ? C ACE 1 C ? ? ? 1_555 C SER 2 N ? ? C ACE 0 C SER 1 1_555 ? ? ? ? ? ? ? 1.326 ? ? 
covale2 covale both ? D ACE 1 C ? ? ? 1_555 D SER 2 N ? ? D ACE 0 D SER 1 1_555 ? ? ? ? ? ? ? 1.346 ? ? 
# 
_struct_conn_type.id          covale 
_struct_conn_type.criteria    ? 
_struct_conn_type.reference   ? 
# 
loop_
_pdbx_modification_feature.ordinal 
_pdbx_modification_feature.label_comp_id 
_pdbx_modification_feature.label_asym_id 
_pdbx_modification_feature.label_seq_id 
_pdbx_modification_feature.label_alt_id 
_pdbx_modification_feature.modified_residue_label_comp_id 
_pdbx_modification_feature.modified_residue_label_asym_id 
_pdbx_modification_feature.modified_residue_label_seq_id 
_pdbx_modification_feature.modified_residue_label_alt_id 
_pdbx_modification_feature.auth_comp_id 
_pdbx_modification_feature.auth_asym_id 
_pdbx_modification_feature.auth_seq_id 
_pdbx_modification_feature.PDB_ins_code 
_pdbx_modification_feature.symmetry 
_pdbx_modification_feature.modified_residue_auth_comp_id 
_pdbx_modification_feature.modified_residue_auth_asym_id 
_pdbx_modification_feature.modified_residue_auth_seq_id 
_pdbx_modification_feature.modified_residue_PDB_ins_code 
_pdbx_modification_feature.modified_residue_symmetry 
_pdbx_modification_feature.comp_id_linking_atom 
_pdbx_modification_feature.modified_residue_id_linking_atom 
_pdbx_modification_feature.modified_residue_id 
_pdbx_modification_feature.ref_pcm_id 
_pdbx_modification_feature.ref_comp_id 
_pdbx_modification_feature.type 
_pdbx_modification_feature.category 
1 ACE C 1 ? SER C 2 ? ACE C 0 ? 1_555 SER C 1 ? 1_555 . . SER 6 ACE None 'Terminal acetylation' 
2 ACE D 1 ? SER D 2 ? ACE D 0 ? 1_555 SER D 1 ? 1_555 . . SER 6 ACE None 'Terminal acetylation' 
# 
loop_
_struct_sheet.id 
_struct_sheet.type 
_struct_sheet.number_strands 
_struct_sheet.details 
S1 ? 2 ? 
S2 ? 2 ? 
# 
loop_
_struct_sheet_order.sheet_id 
_struct_sheet_order.range_id_1 
_struct_sheet_order.range_id_2 
_struct_sheet_order.offset 
_struct_sheet_order.sense 
S1 1 2 ? anti-parallel 
S2 1 2 ? anti-parallel 
# 
loop_
_struct_sheet_range.sheet_id 
_struct_sheet_range.id 
_struct_sheet_range.beg_label_comp_id 
_struct_sheet_range.beg_label_asym_id 
_struct_sheet_range.beg_label_seq_id 
_struct_sheet_range.pdbx_beg_PDB_ins_code 
_struct_sheet_range.end_label_comp_id 
_struct_sheet_range.end_label_asym_id 
_struct_sheet_range.end_label_seq_id 
_struct_sheet_range.pdbx_end_PDB_ins_code 
_struct_sheet_range.beg_auth_comp_id 
_struct_sheet_range.beg_auth_asym_id 
_struct_sheet_range.beg_auth_seq_id 
_struct_sheet_range.end_auth_comp_id 
_struct_sheet_range.end_auth_asym_id 
_struct_sheet_range.end_auth_seq_id 
S1 1 LEU A 25 ? LEU A 25 ? LEU A 25 LEU A 25 
S1 2 VAL A 66 ? VAL A 66 ? VAL A 66 VAL A 66 
S2 1 LEU B 25 ? LEU B 25 ? LEU B 25 LEU B 25 
S2 2 VAL B 66 ? VAL B 66 ? VAL B 66 VAL B 66 
# 
_pdbx_entry_details.entry_id                   1BT6 
_pdbx_entry_details.compound_details           ? 
_pdbx_entry_details.source_details             ? 
_pdbx_entry_details.nonpolymer_details         ? 
_pdbx_entry_details.sequence_details           ? 
_pdbx_entry_details.has_ligand_of_interest     ? 
_pdbx_entry_details.has_protein_modification   Y 
# 
_pdbx_validate_symm_contact.id                1 
_pdbx_validate_symm_contact.PDB_model_num     1 
_pdbx_validate_symm_contact.auth_atom_id_1    O 
_pdbx_validate_symm_contact.auth_asym_id_1    A 
_pdbx_validate_symm_contact.auth_comp_id_1    HOH 
_pdbx_validate_symm_contact.auth_seq_id_1     103 
_pdbx_validate_symm_contact.PDB_ins_code_1    ? 
_pdbx_validate_symm_contact.label_alt_id_1    ? 
_pdbx_validate_symm_contact.site_symmetry_1   1_555 
_pdbx_validate_symm_contact.auth_atom_id_2    O 
_pdbx_validate_symm_contact.auth_asym_id_2    A 
_pdbx_validate_symm_contact.auth_comp_id_2    HOH 
_pdbx_validate_symm_contact.auth_seq_id_2     103 
_pdbx_validate_symm_contact.PDB_ins_code_2    ? 
_pdbx_validate_symm_contact.label_alt_id_2    ? 
_pdbx_validate_symm_contact.site_symmetry_2   2_757 
_pdbx_validate_symm_contact.dist              1.91 
# 
loop_
_pdbx_validate_rmsd_bond.id 
_pdbx_validate_rmsd_bond.PDB_model_num 
_pdbx_validate_rmsd_bond.auth_atom_id_1 
_pdbx_validate_rmsd_bond.auth_asym_id_1 
_pdbx_validate_rmsd_bond.auth_comp_id_1 
_pdbx_validate_rmsd_bond.auth_seq_id_1 
_pdbx_validate_rmsd_bond.PDB_ins_code_1 
_pdbx_validate_rmsd_bond.label_alt_id_1 
_pdbx_validate_rmsd_bond.auth_atom_id_2 
_pdbx_validate_rmsd_bond.auth_asym_id_2 
_pdbx_validate_rmsd_bond.auth_comp_id_2 
_pdbx_validate_rmsd_bond.auth_seq_id_2 
_pdbx_validate_rmsd_bond.PDB_ins_code_2 
_pdbx_validate_rmsd_bond.label_alt_id_2 
_pdbx_validate_rmsd_bond.bond_value 
_pdbx_validate_rmsd_bond.bond_target_value 
_pdbx_validate_rmsd_bond.bond_deviation 
_pdbx_validate_rmsd_bond.bond_standard_deviation 
_pdbx_validate_rmsd_bond.linker_flag 
1 1 C  C THR 2 ? ? O  C THR 2 ? ? 1.417 1.229 0.188  0.019 N 
2 1 N  D GLU 5 ? ? CA D GLU 5 ? ? 1.731 1.459 0.272  0.020 N 
3 1 CA D GLU 5 ? ? CB D GLU 5 ? ? 1.143 1.535 -0.392 0.022 N 
# 
loop_
_pdbx_validate_rmsd_angle.id 
_pdbx_validate_rmsd_angle.PDB_model_num 
_pdbx_validate_rmsd_angle.auth_atom_id_1 
_pdbx_validate_rmsd_angle.auth_asym_id_1 
_pdbx_validate_rmsd_angle.auth_comp_id_1 
_pdbx_validate_rmsd_angle.auth_seq_id_1 
_pdbx_validate_rmsd_angle.PDB_ins_code_1 
_pdbx_validate_rmsd_angle.label_alt_id_1 
_pdbx_validate_rmsd_angle.auth_atom_id_2 
_pdbx_validate_rmsd_angle.auth_asym_id_2 
_pdbx_validate_rmsd_angle.auth_comp_id_2 
_pdbx_validate_rmsd_angle.auth_seq_id_2 
_pdbx_validate_rmsd_angle.PDB_ins_code_2 
_pdbx_validate_rmsd_angle.label_alt_id_2 
_pdbx_validate_rmsd_angle.auth_atom_id_3 
_pdbx_validate_rmsd_angle.auth_asym_id_3 
_pdbx_validate_rmsd_angle.auth_comp_id_3 
_pdbx_validate_rmsd_angle.auth_seq_id_3 
_pdbx_validate_rmsd_angle.PDB_ins_code_3 
_pdbx_validate_rmsd_angle.label_alt_id_3 
_pdbx_validate_rmsd_angle.angle_value 
_pdbx_validate_rmsd_angle.angle_target_value 
_pdbx_validate_rmsd_angle.angle_deviation 
_pdbx_validate_rmsd_angle.angle_standard_deviation 
_pdbx_validate_rmsd_angle.linker_flag 
1  1 CA A GLU 35 ? ? CB A GLU 35 ? ? CG  A GLU 35 ? ? 127.62 113.40 14.22  2.20 N 
2  1 CA A GLU 37 ? ? C  A GLU 37 ? ? N   A PHE 38 ? ? 134.59 117.20 17.39  2.20 Y 
3  1 O  A GLU 37 ? ? C  A GLU 37 ? ? N   A PHE 38 ? ? 111.48 122.70 -11.22 1.60 Y 
4  1 CB A ASP 84 ? ? CG A ASP 84 ? ? OD1 A ASP 84 ? ? 127.30 118.30 9.00   0.90 N 
5  1 CB A TYR 85 ? ? CG A TYR 85 ? ? CD2 A TYR 85 ? ? 116.74 121.00 -4.26  0.60 N 
6  1 CG B MET 4  ? ? SD B MET 4  ? ? CE  B MET 4  ? ? 116.11 100.20 15.91  1.60 N 
7  1 N  B THR 10 ? ? CA B THR 10 ? ? CB  B THR 10 ? ? 124.58 110.30 14.28  1.90 N 
8  1 CD B ARG 62 ? ? NE B ARG 62 ? ? CZ  B ARG 62 ? ? 132.85 123.60 9.25   1.40 N 
9  1 O  C ACE 0  ? ? C  C ACE 0  ? ? N   C SER 1  ? ? 135.07 122.70 12.37  1.60 Y 
10 1 CA C THR 2  ? ? C  C THR 2  ? ? O   C THR 2  ? ? 133.39 120.10 13.29  2.10 N 
11 1 O  C THR 2  ? ? C  C THR 2  ? ? N   C VAL 3  ? ? 103.98 122.70 -18.72 1.60 Y 
12 1 C  D HIS 4  ? ? N  D GLU 5  ? ? CA  D GLU 5  ? ? 141.57 121.70 19.87  2.50 Y 
13 1 CB D GLU 5  ? ? CA D GLU 5  ? ? C   D GLU 5  ? ? 145.90 110.40 35.50  2.00 N 
14 1 CA D ILE 6  ? ? CB D ILE 6  ? ? CG1 D ILE 6  ? ? 123.51 111.00 12.51  1.90 N 
# 
loop_
_pdbx_validate_torsion.id 
_pdbx_validate_torsion.PDB_model_num 
_pdbx_validate_torsion.auth_comp_id 
_pdbx_validate_torsion.auth_asym_id 
_pdbx_validate_torsion.auth_seq_id 
_pdbx_validate_torsion.PDB_ins_code 
_pdbx_validate_torsion.label_alt_id 
_pdbx_validate_torsion.phi 
_pdbx_validate_torsion.psi 
1 1 LEU A 42 ? ? -51.48  -74.77 
2 1 ASP B 59 ? ? -117.63 76.04  
3 1 GLN B 60 ? ? -45.06  -70.02 
4 1 CYS B 61 ? ? -59.57  1.86   
5 1 GLU D 5  ? ? -38.42  -82.02 
# 
_pdbx_validate_chiral.id              1 
_pdbx_validate_chiral.PDB_model_num   1 
_pdbx_validate_chiral.auth_atom_id    CA 
_pdbx_validate_chiral.label_alt_id    ? 
_pdbx_validate_chiral.auth_asym_id    D 
_pdbx_validate_chiral.auth_comp_id    GLU 
_pdbx_validate_chiral.auth_seq_id     5 
_pdbx_validate_chiral.PDB_ins_code    ? 
_pdbx_validate_chiral.details         PLANAR 
_pdbx_validate_chiral.omega           . 
# 
loop_
_pdbx_validate_main_chain_plane.id 
_pdbx_validate_main_chain_plane.PDB_model_num 
_pdbx_validate_main_chain_plane.auth_comp_id 
_pdbx_validate_main_chain_plane.auth_asym_id 
_pdbx_validate_main_chain_plane.auth_seq_id 
_pdbx_validate_main_chain_plane.PDB_ins_code 
_pdbx_validate_main_chain_plane.label_alt_id 
_pdbx_validate_main_chain_plane.improper_torsion_angle 
1 1 HIS A 6  ? ? -13.70 
2 1 THR A 10 ? ? -10.16 
3 1 ILE A 80 ? ? -11.62 
# 
loop_
_pdbx_unobs_or_zero_occ_residues.id 
_pdbx_unobs_or_zero_occ_residues.PDB_model_num 
_pdbx_unobs_or_zero_occ_residues.polymer_flag 
_pdbx_unobs_or_zero_occ_residues.occupancy_flag 
_pdbx_unobs_or_zero_occ_residues.auth_asym_id 
_pdbx_unobs_or_zero_occ_residues.auth_comp_id 
_pdbx_unobs_or_zero_occ_residues.auth_seq_id 
_pdbx_unobs_or_zero_occ_residues.PDB_ins_code 
_pdbx_unobs_or_zero_occ_residues.label_asym_id 
_pdbx_unobs_or_zero_occ_residues.label_comp_id 
_pdbx_unobs_or_zero_occ_residues.label_seq_id 
1  1 Y 1 A GLN 92 ? A GLN 92 
2  1 Y 1 A LYS 93 ? A LYS 93 
3  1 Y 1 A GLY 94 ? A GLY 94 
4  1 Y 1 A LYS 95 ? A LYS 95 
5  1 Y 1 A LYS 96 ? A LYS 96 
6  1 Y 1 B GLN 92 ? B GLN 92 
7  1 Y 1 B LYS 93 ? B LYS 93 
8  1 Y 1 B GLY 94 ? B GLY 94 
9  1 Y 1 B LYS 95 ? B LYS 95 
10 1 Y 1 B LYS 96 ? B LYS 96 
11 1 Y 1 C LEU 12 ? C LEU 13 
12 1 Y 1 C GLU 13 ? C GLU 14 
13 1 Y 1 D LEU 12 ? D LEU 13 
14 1 Y 1 D GLU 13 ? D GLU 14 
# 
loop_
_chem_comp_atom.comp_id 
_chem_comp_atom.atom_id 
_chem_comp_atom.type_symbol 
_chem_comp_atom.pdbx_aromatic_flag 
_chem_comp_atom.pdbx_stereo_config 
_chem_comp_atom.pdbx_ordinal 
ACE C    C N N 1   
ACE O    O N N 2   
ACE CH3  C N N 3   
ACE H    H N N 4   
ACE H1   H N N 5   
ACE H2   H N N 6   
ACE H3   H N N 7   
ALA N    N N N 8   
ALA CA   C N S 9   
ALA C    C N N 10  
ALA O    O N N 11  
ALA CB   C N N 12  
ALA OXT  O N N 13  
ALA H    H N N 14  
ALA H2   H N N 15  
ALA HA   H N N 16  
ALA HB1  H N N 17  
ALA HB2  H N N 18  
ALA HB3  H N N 19  
ALA HXT  H N N 20  
ARG N    N N N 21  
ARG CA   C N S 22  
ARG C    C N N 23  
ARG O    O N N 24  
ARG CB   C N N 25  
ARG CG   C N N 26  
ARG CD   C N N 27  
ARG NE   N N N 28  
ARG CZ   C N N 29  
ARG NH1  N N N 30  
ARG NH2  N N N 31  
ARG OXT  O N N 32  
ARG H    H N N 33  
ARG H2   H N N 34  
ARG HA   H N N 35  
ARG HB2  H N N 36  
ARG HB3  H N N 37  
ARG HG2  H N N 38  
ARG HG3  H N N 39  
ARG HD2  H N N 40  
ARG HD3  H N N 41  
ARG HE   H N N 42  
ARG HH11 H N N 43  
ARG HH12 H N N 44  
ARG HH21 H N N 45  
ARG HH22 H N N 46  
ARG HXT  H N N 47  
ASN N    N N N 48  
ASN CA   C N S 49  
ASN C    C N N 50  
ASN O    O N N 51  
ASN CB   C N N 52  
ASN CG   C N N 53  
ASN OD1  O N N 54  
ASN ND2  N N N 55  
ASN OXT  O N N 56  
ASN H    H N N 57  
ASN H2   H N N 58  
ASN HA   H N N 59  
ASN HB2  H N N 60  
ASN HB3  H N N 61  
ASN HD21 H N N 62  
ASN HD22 H N N 63  
ASN HXT  H N N 64  
ASP N    N N N 65  
ASP CA   C N S 66  
ASP C    C N N 67  
ASP O    O N N 68  
ASP CB   C N N 69  
ASP CG   C N N 70  
ASP OD1  O N N 71  
ASP OD2  O N N 72  
ASP OXT  O N N 73  
ASP H    H N N 74  
ASP H2   H N N 75  
ASP HA   H N N 76  
ASP HB2  H N N 77  
ASP HB3  H N N 78  
ASP HD2  H N N 79  
ASP HXT  H N N 80  
CYS N    N N N 81  
CYS CA   C N R 82  
CYS C    C N N 83  
CYS O    O N N 84  
CYS CB   C N N 85  
CYS SG   S N N 86  
CYS OXT  O N N 87  
CYS H    H N N 88  
CYS H2   H N N 89  
CYS HA   H N N 90  
CYS HB2  H N N 91  
CYS HB3  H N N 92  
CYS HG   H N N 93  
CYS HXT  H N N 94  
GLN N    N N N 95  
GLN CA   C N S 96  
GLN C    C N N 97  
GLN O    O N N 98  
GLN CB   C N N 99  
GLN CG   C N N 100 
GLN CD   C N N 101 
GLN OE1  O N N 102 
GLN NE2  N N N 103 
GLN OXT  O N N 104 
GLN H    H N N 105 
GLN H2   H N N 106 
GLN HA   H N N 107 
GLN HB2  H N N 108 
GLN HB3  H N N 109 
GLN HG2  H N N 110 
GLN HG3  H N N 111 
GLN HE21 H N N 112 
GLN HE22 H N N 113 
GLN HXT  H N N 114 
GLU N    N N N 115 
GLU CA   C N S 116 
GLU C    C N N 117 
GLU O    O N N 118 
GLU CB   C N N 119 
GLU CG   C N N 120 
GLU CD   C N N 121 
GLU OE1  O N N 122 
GLU OE2  O N N 123 
GLU OXT  O N N 124 
GLU H    H N N 125 
GLU H2   H N N 126 
GLU HA   H N N 127 
GLU HB2  H N N 128 
GLU HB3  H N N 129 
GLU HG2  H N N 130 
GLU HG3  H N N 131 
GLU HE2  H N N 132 
GLU HXT  H N N 133 
GLY N    N N N 134 
GLY CA   C N N 135 
GLY C    C N N 136 
GLY O    O N N 137 
GLY OXT  O N N 138 
GLY H    H N N 139 
GLY H2   H N N 140 
GLY HA2  H N N 141 
GLY HA3  H N N 142 
GLY HXT  H N N 143 
HIS N    N N N 144 
HIS CA   C N S 145 
HIS C    C N N 146 
HIS O    O N N 147 
HIS CB   C N N 148 
HIS CG   C Y N 149 
HIS ND1  N Y N 150 
HIS CD2  C Y N 151 
HIS CE1  C Y N 152 
HIS NE2  N Y N 153 
HIS OXT  O N N 154 
HIS H    H N N 155 
HIS H2   H N N 156 
HIS HA   H N N 157 
HIS HB2  H N N 158 
HIS HB3  H N N 159 
HIS HD1  H N N 160 
HIS HD2  H N N 161 
HIS HE1  H N N 162 
HIS HE2  H N N 163 
HIS HXT  H N N 164 
HOH O    O N N 165 
HOH H1   H N N 166 
HOH H2   H N N 167 
ILE N    N N N 168 
ILE CA   C N S 169 
ILE C    C N N 170 
ILE O    O N N 171 
ILE CB   C N S 172 
ILE CG1  C N N 173 
ILE CG2  C N N 174 
ILE CD1  C N N 175 
ILE OXT  O N N 176 
ILE H    H N N 177 
ILE H2   H N N 178 
ILE HA   H N N 179 
ILE HB   H N N 180 
ILE HG12 H N N 181 
ILE HG13 H N N 182 
ILE HG21 H N N 183 
ILE HG22 H N N 184 
ILE HG23 H N N 185 
ILE HD11 H N N 186 
ILE HD12 H N N 187 
ILE HD13 H N N 188 
ILE HXT  H N N 189 
LEU N    N N N 190 
LEU CA   C N S 191 
LEU C    C N N 192 
LEU O    O N N 193 
LEU CB   C N N 194 
LEU CG   C N N 195 
LEU CD1  C N N 196 
LEU CD2  C N N 197 
LEU OXT  O N N 198 
LEU H    H N N 199 
LEU H2   H N N 200 
LEU HA   H N N 201 
LEU HB2  H N N 202 
LEU HB3  H N N 203 
LEU HG   H N N 204 
LEU HD11 H N N 205 
LEU HD12 H N N 206 
LEU HD13 H N N 207 
LEU HD21 H N N 208 
LEU HD22 H N N 209 
LEU HD23 H N N 210 
LEU HXT  H N N 211 
LYS N    N N N 212 
LYS CA   C N S 213 
LYS C    C N N 214 
LYS O    O N N 215 
LYS CB   C N N 216 
LYS CG   C N N 217 
LYS CD   C N N 218 
LYS CE   C N N 219 
LYS NZ   N N N 220 
LYS OXT  O N N 221 
LYS H    H N N 222 
LYS H2   H N N 223 
LYS HA   H N N 224 
LYS HB2  H N N 225 
LYS HB3  H N N 226 
LYS HG2  H N N 227 
LYS HG3  H N N 228 
LYS HD2  H N N 229 
LYS HD3  H N N 230 
LYS HE2  H N N 231 
LYS HE3  H N N 232 
LYS HZ1  H N N 233 
LYS HZ2  H N N 234 
LYS HZ3  H N N 235 
LYS HXT  H N N 236 
MET N    N N N 237 
MET CA   C N S 238 
MET C    C N N 239 
MET O    O N N 240 
MET CB   C N N 241 
MET CG   C N N 242 
MET SD   S N N 243 
MET CE   C N N 244 
MET OXT  O N N 245 
MET H    H N N 246 
MET H2   H N N 247 
MET HA   H N N 248 
MET HB2  H N N 249 
MET HB3  H N N 250 
MET HG2  H N N 251 
MET HG3  H N N 252 
MET HE1  H N N 253 
MET HE2  H N N 254 
MET HE3  H N N 255 
MET HXT  H N N 256 
PHE N    N N N 257 
PHE CA   C N S 258 
PHE C    C N N 259 
PHE O    O N N 260 
PHE CB   C N N 261 
PHE CG   C Y N 262 
PHE CD1  C Y N 263 
PHE CD2  C Y N 264 
PHE CE1  C Y N 265 
PHE CE2  C Y N 266 
PHE CZ   C Y N 267 
PHE OXT  O N N 268 
PHE H    H N N 269 
PHE H2   H N N 270 
PHE HA   H N N 271 
PHE HB2  H N N 272 
PHE HB3  H N N 273 
PHE HD1  H N N 274 
PHE HD2  H N N 275 
PHE HE1  H N N 276 
PHE HE2  H N N 277 
PHE HZ   H N N 278 
PHE HXT  H N N 279 
PRO N    N N N 280 
PRO CA   C N S 281 
PRO C    C N N 282 
PRO O    O N N 283 
PRO CB   C N N 284 
PRO CG   C N N 285 
PRO CD   C N N 286 
PRO OXT  O N N 287 
PRO H    H N N 288 
PRO HA   H N N 289 
PRO HB2  H N N 290 
PRO HB3  H N N 291 
PRO HG2  H N N 292 
PRO HG3  H N N 293 
PRO HD2  H N N 294 
PRO HD3  H N N 295 
PRO HXT  H N N 296 
SER N    N N N 297 
SER CA   C N S 298 
SER C    C N N 299 
SER O    O N N 300 
SER CB   C N N 301 
SER OG   O N N 302 
SER OXT  O N N 303 
SER H    H N N 304 
SER H2   H N N 305 
SER HA   H N N 306 
SER HB2  H N N 307 
SER HB3  H N N 308 
SER HG   H N N 309 
SER HXT  H N N 310 
THR N    N N N 311 
THR CA   C N S 312 
THR C    C N N 313 
THR O    O N N 314 
THR CB   C N R 315 
THR OG1  O N N 316 
THR CG2  C N N 317 
THR OXT  O N N 318 
THR H    H N N 319 
THR H2   H N N 320 
THR HA   H N N 321 
THR HB   H N N 322 
THR HG1  H N N 323 
THR HG21 H N N 324 
THR HG22 H N N 325 
THR HG23 H N N 326 
THR HXT  H N N 327 
TYR N    N N N 328 
TYR CA   C N S 329 
TYR C    C N N 330 
TYR O    O N N 331 
TYR CB   C N N 332 
TYR CG   C Y N 333 
TYR CD1  C Y N 334 
TYR CD2  C Y N 335 
TYR CE1  C Y N 336 
TYR CE2  C Y N 337 
TYR CZ   C Y N 338 
TYR OH   O N N 339 
TYR OXT  O N N 340 
TYR H    H N N 341 
TYR H2   H N N 342 
TYR HA   H N N 343 
TYR HB2  H N N 344 
TYR HB3  H N N 345 
TYR HD1  H N N 346 
TYR HD2  H N N 347 
TYR HE1  H N N 348 
TYR HE2  H N N 349 
TYR HH   H N N 350 
TYR HXT  H N N 351 
VAL N    N N N 352 
VAL CA   C N S 353 
VAL C    C N N 354 
VAL O    O N N 355 
VAL CB   C N N 356 
VAL CG1  C N N 357 
VAL CG2  C N N 358 
VAL OXT  O N N 359 
VAL H    H N N 360 
VAL H2   H N N 361 
VAL HA   H N N 362 
VAL HB   H N N 363 
VAL HG11 H N N 364 
VAL HG12 H N N 365 
VAL HG13 H N N 366 
VAL HG21 H N N 367 
VAL HG22 H N N 368 
VAL HG23 H N N 369 
VAL HXT  H N N 370 
# 
loop_
_chem_comp_bond.comp_id 
_chem_comp_bond.atom_id_1 
_chem_comp_bond.atom_id_2 
_chem_comp_bond.value_order 
_chem_comp_bond.pdbx_aromatic_flag 
_chem_comp_bond.pdbx_stereo_config 
_chem_comp_bond.pdbx_ordinal 
ACE C   O    doub N N 1   
ACE C   CH3  sing N N 2   
ACE C   H    sing N N 3   
ACE CH3 H1   sing N N 4   
ACE CH3 H2   sing N N 5   
ACE CH3 H3   sing N N 6   
ALA N   CA   sing N N 7   
ALA N   H    sing N N 8   
ALA N   H2   sing N N 9   
ALA CA  C    sing N N 10  
ALA CA  CB   sing N N 11  
ALA CA  HA   sing N N 12  
ALA C   O    doub N N 13  
ALA C   OXT  sing N N 14  
ALA CB  HB1  sing N N 15  
ALA CB  HB2  sing N N 16  
ALA CB  HB3  sing N N 17  
ALA OXT HXT  sing N N 18  
ARG N   CA   sing N N 19  
ARG N   H    sing N N 20  
ARG N   H2   sing N N 21  
ARG CA  C    sing N N 22  
ARG CA  CB   sing N N 23  
ARG CA  HA   sing N N 24  
ARG C   O    doub N N 25  
ARG C   OXT  sing N N 26  
ARG CB  CG   sing N N 27  
ARG CB  HB2  sing N N 28  
ARG CB  HB3  sing N N 29  
ARG CG  CD   sing N N 30  
ARG CG  HG2  sing N N 31  
ARG CG  HG3  sing N N 32  
ARG CD  NE   sing N N 33  
ARG CD  HD2  sing N N 34  
ARG CD  HD3  sing N N 35  
ARG NE  CZ   sing N N 36  
ARG NE  HE   sing N N 37  
ARG CZ  NH1  sing N N 38  
ARG CZ  NH2  doub N N 39  
ARG NH1 HH11 sing N N 40  
ARG NH1 HH12 sing N N 41  
ARG NH2 HH21 sing N N 42  
ARG NH2 HH22 sing N N 43  
ARG OXT HXT  sing N N 44  
ASN N   CA   sing N N 45  
ASN N   H    sing N N 46  
ASN N   H2   sing N N 47  
ASN CA  C    sing N N 48  
ASN CA  CB   sing N N 49  
ASN CA  HA   sing N N 50  
ASN C   O    doub N N 51  
ASN C   OXT  sing N N 52  
ASN CB  CG   sing N N 53  
ASN CB  HB2  sing N N 54  
ASN CB  HB3  sing N N 55  
ASN CG  OD1  doub N N 56  
ASN CG  ND2  sing N N 57  
ASN ND2 HD21 sing N N 58  
ASN ND2 HD22 sing N N 59  
ASN OXT HXT  sing N N 60  
ASP N   CA   sing N N 61  
ASP N   H    sing N N 62  
ASP N   H2   sing N N 63  
ASP CA  C    sing N N 64  
ASP CA  CB   sing N N 65  
ASP CA  HA   sing N N 66  
ASP C   O    doub N N 67  
ASP C   OXT  sing N N 68  
ASP CB  CG   sing N N 69  
ASP CB  HB2  sing N N 70  
ASP CB  HB3  sing N N 71  
ASP CG  OD1  doub N N 72  
ASP CG  OD2  sing N N 73  
ASP OD2 HD2  sing N N 74  
ASP OXT HXT  sing N N 75  
CYS N   CA   sing N N 76  
CYS N   H    sing N N 77  
CYS N   H2   sing N N 78  
CYS CA  C    sing N N 79  
CYS CA  CB   sing N N 80  
CYS CA  HA   sing N N 81  
CYS C   O    doub N N 82  
CYS C   OXT  sing N N 83  
CYS CB  SG   sing N N 84  
CYS CB  HB2  sing N N 85  
CYS CB  HB3  sing N N 86  
CYS SG  HG   sing N N 87  
CYS OXT HXT  sing N N 88  
GLN N   CA   sing N N 89  
GLN N   H    sing N N 90  
GLN N   H2   sing N N 91  
GLN CA  C    sing N N 92  
GLN CA  CB   sing N N 93  
GLN CA  HA   sing N N 94  
GLN C   O    doub N N 95  
GLN C   OXT  sing N N 96  
GLN CB  CG   sing N N 97  
GLN CB  HB2  sing N N 98  
GLN CB  HB3  sing N N 99  
GLN CG  CD   sing N N 100 
GLN CG  HG2  sing N N 101 
GLN CG  HG3  sing N N 102 
GLN CD  OE1  doub N N 103 
GLN CD  NE2  sing N N 104 
GLN NE2 HE21 sing N N 105 
GLN NE2 HE22 sing N N 106 
GLN OXT HXT  sing N N 107 
GLU N   CA   sing N N 108 
GLU N   H    sing N N 109 
GLU N   H2   sing N N 110 
GLU CA  C    sing N N 111 
GLU CA  CB   sing N N 112 
GLU CA  HA   sing N N 113 
GLU C   O    doub N N 114 
GLU C   OXT  sing N N 115 
GLU CB  CG   sing N N 116 
GLU CB  HB2  sing N N 117 
GLU CB  HB3  sing N N 118 
GLU CG  CD   sing N N 119 
GLU CG  HG2  sing N N 120 
GLU CG  HG3  sing N N 121 
GLU CD  OE1  doub N N 122 
GLU CD  OE2  sing N N 123 
GLU OE2 HE2  sing N N 124 
GLU OXT HXT  sing N N 125 
GLY N   CA   sing N N 126 
GLY N   H    sing N N 127 
GLY N   H2   sing N N 128 
GLY CA  C    sing N N 129 
GLY CA  HA2  sing N N 130 
GLY CA  HA3  sing N N 131 
GLY C   O    doub N N 132 
GLY C   OXT  sing N N 133 
GLY OXT HXT  sing N N 134 
HIS N   CA   sing N N 135 
HIS N   H    sing N N 136 
HIS N   H2   sing N N 137 
HIS CA  C    sing N N 138 
HIS CA  CB   sing N N 139 
HIS CA  HA   sing N N 140 
HIS C   O    doub N N 141 
HIS C   OXT  sing N N 142 
HIS CB  CG   sing N N 143 
HIS CB  HB2  sing N N 144 
HIS CB  HB3  sing N N 145 
HIS CG  ND1  sing Y N 146 
HIS CG  CD2  doub Y N 147 
HIS ND1 CE1  doub Y N 148 
HIS ND1 HD1  sing N N 149 
HIS CD2 NE2  sing Y N 150 
HIS CD2 HD2  sing N N 151 
HIS CE1 NE2  sing Y N 152 
HIS CE1 HE1  sing N N 153 
HIS NE2 HE2  sing N N 154 
HIS OXT HXT  sing N N 155 
HOH O   H1   sing N N 156 
HOH O   H2   sing N N 157 
ILE N   CA   sing N N 158 
ILE N   H    sing N N 159 
ILE N   H2   sing N N 160 
ILE CA  C    sing N N 161 
ILE CA  CB   sing N N 162 
ILE CA  HA   sing N N 163 
ILE C   O    doub N N 164 
ILE C   OXT  sing N N 165 
ILE CB  CG1  sing N N 166 
ILE CB  CG2  sing N N 167 
ILE CB  HB   sing N N 168 
ILE CG1 CD1  sing N N 169 
ILE CG1 HG12 sing N N 170 
ILE CG1 HG13 sing N N 171 
ILE CG2 HG21 sing N N 172 
ILE CG2 HG22 sing N N 173 
ILE CG2 HG23 sing N N 174 
ILE CD1 HD11 sing N N 175 
ILE CD1 HD12 sing N N 176 
ILE CD1 HD13 sing N N 177 
ILE OXT HXT  sing N N 178 
LEU N   CA   sing N N 179 
LEU N   H    sing N N 180 
LEU N   H2   sing N N 181 
LEU CA  C    sing N N 182 
LEU CA  CB   sing N N 183 
LEU CA  HA   sing N N 184 
LEU C   O    doub N N 185 
LEU C   OXT  sing N N 186 
LEU CB  CG   sing N N 187 
LEU CB  HB2  sing N N 188 
LEU CB  HB3  sing N N 189 
LEU CG  CD1  sing N N 190 
LEU CG  CD2  sing N N 191 
LEU CG  HG   sing N N 192 
LEU CD1 HD11 sing N N 193 
LEU CD1 HD12 sing N N 194 
LEU CD1 HD13 sing N N 195 
LEU CD2 HD21 sing N N 196 
LEU CD2 HD22 sing N N 197 
LEU CD2 HD23 sing N N 198 
LEU OXT HXT  sing N N 199 
LYS N   CA   sing N N 200 
LYS N   H    sing N N 201 
LYS N   H2   sing N N 202 
LYS CA  C    sing N N 203 
LYS CA  CB   sing N N 204 
LYS CA  HA   sing N N 205 
LYS C   O    doub N N 206 
LYS C   OXT  sing N N 207 
LYS CB  CG   sing N N 208 
LYS CB  HB2  sing N N 209 
LYS CB  HB3  sing N N 210 
LYS CG  CD   sing N N 211 
LYS CG  HG2  sing N N 212 
LYS CG  HG3  sing N N 213 
LYS CD  CE   sing N N 214 
LYS CD  HD2  sing N N 215 
LYS CD  HD3  sing N N 216 
LYS CE  NZ   sing N N 217 
LYS CE  HE2  sing N N 218 
LYS CE  HE3  sing N N 219 
LYS NZ  HZ1  sing N N 220 
LYS NZ  HZ2  sing N N 221 
LYS NZ  HZ3  sing N N 222 
LYS OXT HXT  sing N N 223 
MET N   CA   sing N N 224 
MET N   H    sing N N 225 
MET N   H2   sing N N 226 
MET CA  C    sing N N 227 
MET CA  CB   sing N N 228 
MET CA  HA   sing N N 229 
MET C   O    doub N N 230 
MET C   OXT  sing N N 231 
MET CB  CG   sing N N 232 
MET CB  HB2  sing N N 233 
MET CB  HB3  sing N N 234 
MET CG  SD   sing N N 235 
MET CG  HG2  sing N N 236 
MET CG  HG3  sing N N 237 
MET SD  CE   sing N N 238 
MET CE  HE1  sing N N 239 
MET CE  HE2  sing N N 240 
MET CE  HE3  sing N N 241 
MET OXT HXT  sing N N 242 
PHE N   CA   sing N N 243 
PHE N   H    sing N N 244 
PHE N   H2   sing N N 245 
PHE CA  C    sing N N 246 
PHE CA  CB   sing N N 247 
PHE CA  HA   sing N N 248 
PHE C   O    doub N N 249 
PHE C   OXT  sing N N 250 
PHE CB  CG   sing N N 251 
PHE CB  HB2  sing N N 252 
PHE CB  HB3  sing N N 253 
PHE CG  CD1  doub Y N 254 
PHE CG  CD2  sing Y N 255 
PHE CD1 CE1  sing Y N 256 
PHE CD1 HD1  sing N N 257 
PHE CD2 CE2  doub Y N 258 
PHE CD2 HD2  sing N N 259 
PHE CE1 CZ   doub Y N 260 
PHE CE1 HE1  sing N N 261 
PHE CE2 CZ   sing Y N 262 
PHE CE2 HE2  sing N N 263 
PHE CZ  HZ   sing N N 264 
PHE OXT HXT  sing N N 265 
PRO N   CA   sing N N 266 
PRO N   CD   sing N N 267 
PRO N   H    sing N N 268 
PRO CA  C    sing N N 269 
PRO CA  CB   sing N N 270 
PRO CA  HA   sing N N 271 
PRO C   O    doub N N 272 
PRO C   OXT  sing N N 273 
PRO CB  CG   sing N N 274 
PRO CB  HB2  sing N N 275 
PRO CB  HB3  sing N N 276 
PRO CG  CD   sing N N 277 
PRO CG  HG2  sing N N 278 
PRO CG  HG3  sing N N 279 
PRO CD  HD2  sing N N 280 
PRO CD  HD3  sing N N 281 
PRO OXT HXT  sing N N 282 
SER N   CA   sing N N 283 
SER N   H    sing N N 284 
SER N   H2   sing N N 285 
SER CA  C    sing N N 286 
SER CA  CB   sing N N 287 
SER CA  HA   sing N N 288 
SER C   O    doub N N 289 
SER C   OXT  sing N N 290 
SER CB  OG   sing N N 291 
SER CB  HB2  sing N N 292 
SER CB  HB3  sing N N 293 
SER OG  HG   sing N N 294 
SER OXT HXT  sing N N 295 
THR N   CA   sing N N 296 
THR N   H    sing N N 297 
THR N   H2   sing N N 298 
THR CA  C    sing N N 299 
THR CA  CB   sing N N 300 
THR CA  HA   sing N N 301 
THR C   O    doub N N 302 
THR C   OXT  sing N N 303 
THR CB  OG1  sing N N 304 
THR CB  CG2  sing N N 305 
THR CB  HB   sing N N 306 
THR OG1 HG1  sing N N 307 
THR CG2 HG21 sing N N 308 
THR CG2 HG22 sing N N 309 
THR CG2 HG23 sing N N 310 
THR OXT HXT  sing N N 311 
TYR N   CA   sing N N 312 
TYR N   H    sing N N 313 
TYR N   H2   sing N N 314 
TYR CA  C    sing N N 315 
TYR CA  CB   sing N N 316 
TYR CA  HA   sing N N 317 
TYR C   O    doub N N 318 
TYR C   OXT  sing N N 319 
TYR CB  CG   sing N N 320 
TYR CB  HB2  sing N N 321 
TYR CB  HB3  sing N N 322 
TYR CG  CD1  doub Y N 323 
TYR CG  CD2  sing Y N 324 
TYR CD1 CE1  sing Y N 325 
TYR CD1 HD1  sing N N 326 
TYR CD2 CE2  doub Y N 327 
TYR CD2 HD2  sing N N 328 
TYR CE1 CZ   doub Y N 329 
TYR CE1 HE1  sing N N 330 
TYR CE2 CZ   sing Y N 331 
TYR CE2 HE2  sing N N 332 
TYR CZ  OH   sing N N 333 
TYR OH  HH   sing N N 334 
TYR OXT HXT  sing N N 335 
VAL N   CA   sing N N 336 
VAL N   H    sing N N 337 
VAL N   H2   sing N N 338 
VAL CA  C    sing N N 339 
VAL CA  CB   sing N N 340 
VAL CA  HA   sing N N 341 
VAL C   O    doub N N 342 
VAL C   OXT  sing N N 343 
VAL CB  CG1  sing N N 344 
VAL CB  CG2  sing N N 345 
VAL CB  HB   sing N N 346 
VAL CG1 HG11 sing N N 347 
VAL CG1 HG12 sing N N 348 
VAL CG1 HG13 sing N N 349 
VAL CG2 HG21 sing N N 350 
VAL CG2 HG22 sing N N 351 
VAL CG2 HG23 sing N N 352 
VAL OXT HXT  sing N N 353 
# 
_pdbx_initial_refinement_model.id               1 
_pdbx_initial_refinement_model.entity_id_list   ? 
_pdbx_initial_refinement_model.type             'experimental model' 
_pdbx_initial_refinement_model.source_name      PDB 
_pdbx_initial_refinement_model.accession_code   1A4P 
_pdbx_initial_refinement_model.details          ? 
# 
_atom_sites.entry_id                    1BT6 
_atom_sites.fract_transf_matrix[1][1]   0.01342876 
_atom_sites.fract_transf_matrix[1][2]   0.00235938 
_atom_sites.fract_transf_matrix[1][3]   0.00005570 
_atom_sites.fract_transf_matrix[2][1]   -0.00239116 
_atom_sites.fract_transf_matrix[2][2]   0.01333976 
_atom_sites.fract_transf_matrix[2][3]   0.01143180 
_atom_sites.fract_transf_matrix[3][1]   0.00866776 
_atom_sites.fract_transf_matrix[3][2]   -0.00865843 
_atom_sites.fract_transf_matrix[3][3]   0.01191653 
_atom_sites.fract_transf_vector[1]      1.040512 
_atom_sites.fract_transf_vector[2]      0.501209 
_atom_sites.fract_transf_vector[3]      0.746465 
# 
loop_
_atom_type.symbol 
C 
N 
O 
S 
# 
loop_
_atom_site.group_PDB 
_atom_site.id 
_atom_site.type_symbol 
_atom_site.label_atom_id 
_atom_site.label_alt_id 
_atom_site.label_comp_id 
_atom_site.label_asym_id 
_atom_site.label_entity_id 
_atom_site.label_seq_id 
_atom_site.pdbx_PDB_ins_code 
_atom_site.Cartn_x 
_atom_site.Cartn_y 
_atom_site.Cartn_z 
_atom_site.occupancy 
_atom_site.B_iso_or_equiv 
_atom_site.pdbx_formal_charge 
_atom_site.auth_seq_id 
_atom_site.auth_comp_id 
_atom_site.auth_asym_id 
_atom_site.auth_atom_id 
_atom_site.pdbx_PDB_model_num 
ATOM   1    N N   . PRO A 1 1  ? -10.491 10.588  -10.450 1.00 35.75  ? 1   PRO A N   1 
ATOM   2    C CA  . PRO A 1 1  ? -10.532 9.849   -9.103  1.00 34.42  ? 1   PRO A CA  1 
ATOM   3    C C   . PRO A 1 1  ? -9.508  10.449  -8.153  1.00 30.97  ? 1   PRO A C   1 
ATOM   4    O O   . PRO A 1 1  ? -8.766  11.367  -8.608  1.00 28.54  ? 1   PRO A O   1 
ATOM   5    C CB  . PRO A 1 1  ? -10.315 8.420   -9.421  1.00 32.29  ? 1   PRO A CB  1 
ATOM   6    C CG  . PRO A 1 1  ? -10.435 8.323   -10.930 1.00 33.00  ? 1   PRO A CG  1 
ATOM   7    C CD  . PRO A 1 1  ? -9.941  9.646   -11.463 1.00 34.85  ? 1   PRO A CD  1 
ATOM   8    N N   . SER A 1 2  ? -9.524  10.041  -6.888  1.00 28.54  ? 2   SER A N   1 
ATOM   9    C CA  . SER A 1 2  ? -8.440  10.686  -6.051  1.00 34.26  ? 2   SER A CA  1 
ATOM   10   C C   . SER A 1 2  ? -7.083  10.022  -6.315  1.00 32.59  ? 2   SER A C   1 
ATOM   11   O O   . SER A 1 2  ? -6.970  8.856   -6.671  1.00 34.41  ? 2   SER A O   1 
ATOM   12   C CB  . SER A 1 2  ? -8.736  10.434  -4.567  1.00 33.30  ? 2   SER A CB  1 
ATOM   13   O OG  . SER A 1 2  ? -8.646  9.006   -4.428  1.00 39.34  ? 2   SER A OG  1 
ATOM   14   N N   . GLN A 1 3  ? -6.003  10.672  -6.024  1.00 36.56  ? 3   GLN A N   1 
ATOM   15   C CA  . GLN A 1 3  ? -4.610  10.272  -5.916  1.00 34.60  ? 3   GLN A CA  1 
ATOM   16   C C   . GLN A 1 3  ? -4.439  8.925   -5.183  1.00 33.59  ? 3   GLN A C   1 
ATOM   17   O O   . GLN A 1 3  ? -3.772  8.032   -5.726  1.00 33.09  ? 3   GLN A O   1 
ATOM   18   C CB  . GLN A 1 3  ? -3.878  11.395  -5.214  1.00 33.13  ? 3   GLN A CB  1 
ATOM   19   C CG  . GLN A 1 3  ? -3.222  12.348  -6.185  1.00 39.02  ? 3   GLN A CG  1 
ATOM   20   C CD  . GLN A 1 3  ? -2.664  13.533  -5.443  1.00 46.07  ? 3   GLN A CD  1 
ATOM   21   O OE1 . GLN A 1 3  ? -1.475  13.861  -5.484  1.00 54.42  ? 3   GLN A OE1 1 
ATOM   22   N NE2 . GLN A 1 3  ? -3.521  14.259  -4.741  1.00 52.90  ? 3   GLN A NE2 1 
ATOM   23   N N   . MET A 1 4  ? -5.116  8.739   -4.055  1.00 31.66  ? 4   MET A N   1 
ATOM   24   C CA  . MET A 1 4  ? -5.122  7.507   -3.331  1.00 34.16  ? 4   MET A CA  1 
ATOM   25   C C   . MET A 1 4  ? -5.711  6.395   -4.164  1.00 37.89  ? 4   MET A C   1 
ATOM   26   O O   . MET A 1 4  ? -5.145  5.299   -4.337  1.00 42.34  ? 4   MET A O   1 
ATOM   27   C CB  . MET A 1 4  ? -5.849  7.622   -1.982  1.00 33.34  ? 4   MET A CB  1 
ATOM   28   C CG  . MET A 1 4  ? -4.983  8.166   -0.834  1.00 38.42  ? 4   MET A CG  1 
ATOM   29   S SD  . MET A 1 4  ? -3.399  7.306   -0.577  1.00 41.17  ? 4   MET A SD  1 
ATOM   30   C CE  . MET A 1 4  ? -3.881  5.594   -0.518  1.00 25.18  ? 4   MET A CE  1 
ATOM   31   N N   . GLU A 1 5  ? -6.918  6.607   -4.746  1.00 38.79  ? 5   GLU A N   1 
ATOM   32   C CA  . GLU A 1 5  ? -7.471  5.565   -5.640  1.00 35.73  ? 5   GLU A CA  1 
ATOM   33   C C   . GLU A 1 5  ? -6.508  5.296   -6.810  1.00 29.20  ? 5   GLU A C   1 
ATOM   34   O O   . GLU A 1 5  ? -6.407  4.164   -7.261  1.00 27.06  ? 5   GLU A O   1 
ATOM   35   C CB  . GLU A 1 5  ? -8.812  6.018   -6.181  1.00 36.85  ? 5   GLU A CB  1 
ATOM   36   C CG  . GLU A 1 5  ? -10.045 5.738   -5.369  1.00 38.36  ? 5   GLU A CG  1 
ATOM   37   C CD  . GLU A 1 5  ? -11.159 6.790   -5.582  1.00 39.65  ? 5   GLU A CD  1 
ATOM   38   O OE1 . GLU A 1 5  ? -10.958 7.895   -6.147  1.00 35.76  ? 5   GLU A OE1 1 
ATOM   39   O OE2 . GLU A 1 5  ? -12.276 6.475   -5.130  1.00 41.15  ? 5   GLU A OE2 1 
ATOM   40   N N   . HIS A 1 6  ? -5.839  6.319   -7.316  1.00 24.72  ? 6   HIS A N   1 
ATOM   41   C CA  . HIS A 1 6  ? -4.908  6.085   -8.405  1.00 27.65  ? 6   HIS A CA  1 
ATOM   42   C C   . HIS A 1 6  ? -3.732  5.242   -7.926  1.00 26.47  ? 6   HIS A C   1 
ATOM   43   O O   . HIS A 1 6  ? -3.517  4.148   -8.320  1.00 26.77  ? 6   HIS A O   1 
ATOM   44   C CB  . HIS A 1 6  ? -4.457  7.388   -9.016  1.00 35.80  ? 6   HIS A CB  1 
ATOM   45   C CG  . HIS A 1 6  ? -5.314  7.885   -10.149 1.00 46.72  ? 6   HIS A CG  1 
ATOM   46   N ND1 . HIS A 1 6  ? -5.526  7.190   -11.326 1.00 47.09  ? 6   HIS A ND1 1 
ATOM   47   C CD2 . HIS A 1 6  ? -5.990  9.091   -10.263 1.00 46.92  ? 6   HIS A CD2 1 
ATOM   48   C CE1 . HIS A 1 6  ? -6.260  7.958   -12.104 1.00 50.83  ? 6   HIS A CE1 1 
ATOM   49   N NE2 . HIS A 1 6  ? -6.503  9.110   -11.502 1.00 48.65  ? 6   HIS A NE2 1 
ATOM   50   N N   . ALA A 1 7  ? -3.259  5.493   -6.699  1.00 29.08  ? 7   ALA A N   1 
ATOM   51   C CA  . ALA A 1 7  ? -2.148  4.719   -6.124  1.00 28.02  ? 7   ALA A CA  1 
ATOM   52   C C   . ALA A 1 7  ? -2.550  3.302   -5.933  1.00 25.58  ? 7   ALA A C   1 
ATOM   53   O O   . ALA A 1 7  ? -1.720  2.401   -6.288  1.00 27.22  ? 7   ALA A O   1 
ATOM   54   C CB  . ALA A 1 7  ? -1.587  5.466   -4.905  1.00 21.52  ? 7   ALA A CB  1 
ATOM   55   N N   . MET A 1 8  ? -3.754  3.025   -5.422  1.00 24.15  ? 8   MET A N   1 
ATOM   56   C CA  . MET A 1 8  ? -4.163  1.628   -5.196  1.00 24.75  ? 8   MET A CA  1 
ATOM   57   C C   . MET A 1 8  ? -4.347  0.809   -6.449  1.00 30.84  ? 8   MET A C   1 
ATOM   58   O O   . MET A 1 8  ? -4.112  -0.398  -6.574  1.00 33.15  ? 8   MET A O   1 
ATOM   59   C CB  . MET A 1 8  ? -5.485  1.635   -4.428  1.00 32.25  ? 8   MET A CB  1 
ATOM   60   C CG  . MET A 1 8  ? -5.475  2.478   -3.165  1.00 33.36  ? 8   MET A CG  1 
ATOM   61   S SD  . MET A 1 8  ? -6.963  2.555   -2.159  1.00 39.39  ? 8   MET A SD  1 
ATOM   62   C CE  . MET A 1 8  ? -7.954  1.174   -2.542  1.00 36.08  ? 8   MET A CE  1 
ATOM   63   N N   . GLU A 1 9  ? -4.812  1.526   -7.530  1.00 31.00  ? 9   GLU A N   1 
ATOM   64   C CA  . GLU A 1 9  ? -5.062  0.828   -8.753  1.00 29.66  ? 9   GLU A CA  1 
ATOM   65   C C   . GLU A 1 9  ? -3.685  0.439   -9.304  1.00 24.68  ? 9   GLU A C   1 
ATOM   66   O O   . GLU A 1 9  ? -3.535  -0.559  -9.988  1.00 24.57  ? 9   GLU A O   1 
ATOM   67   C CB  . GLU A 1 9  ? -5.709  1.824   -9.781  1.00 26.42  ? 9   GLU A CB  1 
ATOM   68   C CG  . GLU A 1 9  ? -6.133  1.056   -11.054 1.00 33.09  ? 9   GLU A CG  1 
ATOM   69   C CD  . GLU A 1 9  ? -7.292  1.771   -11.797 1.00 32.67  ? 9   GLU A CD  1 
ATOM   70   O OE1 . GLU A 1 9  ? -8.395  1.673   -11.226 1.00 33.55  ? 9   GLU A OE1 1 
ATOM   71   O OE2 . GLU A 1 9  ? -7.011  2.389   -12.848 1.00 27.08  ? 9   GLU A OE2 1 
ATOM   72   N N   . THR A 1 10 ? -2.796  1.458   -9.303  1.00 22.73  ? 10  THR A N   1 
ATOM   73   C CA  . THR A 1 10 ? -1.487  1.183   -9.818  1.00 31.34  ? 10  THR A CA  1 
ATOM   74   C C   . THR A 1 10 ? -0.783  0.006   -9.123  1.00 32.48  ? 10  THR A C   1 
ATOM   75   O O   . THR A 1 10 ? -0.354  -0.929  -9.826  1.00 34.05  ? 10  THR A O   1 
ATOM   76   C CB  . THR A 1 10 ? -0.582  2.285   -10.239 1.00 34.31  ? 10  THR A CB  1 
ATOM   77   O OG1 . THR A 1 10 ? 0.705   2.091   -9.736  1.00 36.69  ? 10  THR A OG1 1 
ATOM   78   C CG2 . THR A 1 10 ? -1.116  3.677   -10.218 1.00 31.23  ? 10  THR A CG2 1 
ATOM   79   N N   . MET A 1 11 ? -0.941  -0.202  -7.822  1.00 32.49  ? 11  MET A N   1 
ATOM   80   C CA  . MET A 1 11 ? -0.351  -1.360  -7.186  1.00 36.90  ? 11  MET A CA  1 
ATOM   81   C C   . MET A 1 11 ? -1.034  -2.631  -7.584  1.00 38.80  ? 11  MET A C   1 
ATOM   82   O O   . MET A 1 11 ? -0.372  -3.673  -7.613  1.00 43.40  ? 11  MET A O   1 
ATOM   83   C CB  . MET A 1 11 ? -0.356  -1.251  -5.645  1.00 32.88  ? 11  MET A CB  1 
ATOM   84   C CG  . MET A 1 11 ? 0.546   -0.047  -5.179  1.00 33.23  ? 11  MET A CG  1 
ATOM   85   S SD  . MET A 1 11 ? 0.632   -0.188  -3.373  1.00 41.48  ? 11  MET A SD  1 
ATOM   86   C CE  . MET A 1 11 ? 1.696   1.184   -2.983  1.00 38.33  ? 11  MET A CE  1 
ATOM   87   N N   . MET A 1 12 ? -2.349  -2.639  -7.545  1.00 40.90  ? 12  MET A N   1 
ATOM   88   C CA  . MET A 1 12 ? -3.115  -3.835  -7.913  1.00 41.29  ? 12  MET A CA  1 
ATOM   89   C C   . MET A 1 12 ? -2.850  -4.104  -9.382  1.00 40.64  ? 12  MET A C   1 
ATOM   90   O O   . MET A 1 12 ? -2.578  -5.252  -9.735  1.00 41.13  ? 12  MET A O   1 
ATOM   91   C CB  . MET A 1 12 ? -4.575  -3.662  -7.541  1.00 46.05  ? 12  MET A CB  1 
ATOM   92   C CG  . MET A 1 12 ? -5.597  -4.108  -8.561  1.00 50.26  ? 12  MET A CG  1 
ATOM   93   S SD  . MET A 1 12 ? -7.306  -4.198  -8.010  1.00 51.73  ? 12  MET A SD  1 
ATOM   94   C CE  . MET A 1 12 ? -7.366  -2.712  -6.969  1.00 43.54  ? 12  MET A CE  1 
ATOM   95   N N   . PHE A 1 13 ? -2.842  -3.139  -10.296 1.00 39.68  ? 13  PHE A N   1 
ATOM   96   C CA  . PHE A 1 13 ? -2.538  -3.545  -11.676 1.00 41.04  ? 13  PHE A CA  1 
ATOM   97   C C   . PHE A 1 13 ? -1.117  -3.989  -11.828 1.00 44.09  ? 13  PHE A C   1 
ATOM   98   O O   . PHE A 1 13 ? -0.877  -4.927  -12.591 1.00 44.33  ? 13  PHE A O   1 
ATOM   99   C CB  . PHE A 1 13 ? -2.965  -2.476  -12.670 1.00 49.14  ? 13  PHE A CB  1 
ATOM   100  C CG  . PHE A 1 13 ? -4.481  -2.379  -12.845 1.00 54.10  ? 13  PHE A CG  1 
ATOM   101  C CD1 . PHE A 1 13 ? -5.361  -3.297  -12.299 1.00 49.67  ? 13  PHE A CD1 1 
ATOM   102  C CD2 . PHE A 1 13 ? -5.012  -1.302  -13.549 1.00 57.72  ? 13  PHE A CD2 1 
ATOM   103  C CE1 . PHE A 1 13 ? -6.708  -3.159  -12.458 1.00 52.74  ? 13  PHE A CE1 1 
ATOM   104  C CE2 . PHE A 1 13 ? -6.382  -1.163  -13.715 1.00 56.48  ? 13  PHE A CE2 1 
ATOM   105  C CZ  . PHE A 1 13 ? -7.237  -2.104  -13.177 1.00 54.16  ? 13  PHE A CZ  1 
ATOM   106  N N   . THR A 1 14 ? -0.110  -3.402  -11.083 1.00 44.30  ? 14  THR A N   1 
ATOM   107  C CA  . THR A 1 14 ? 1.264   -3.860  -11.060 1.00 34.30  ? 14  THR A CA  1 
ATOM   108  C C   . THR A 1 14 ? 1.291   -5.322  -10.656 1.00 33.00  ? 14  THR A C   1 
ATOM   109  O O   . THR A 1 14 ? 1.994   -6.139  -11.269 1.00 31.41  ? 14  THR A O   1 
ATOM   110  C CB  . THR A 1 14 ? 2.206   -3.031  -10.222 1.00 38.39  ? 14  THR A CB  1 
ATOM   111  O OG1 . THR A 1 14 ? 2.328   -1.682  -10.786 1.00 34.12  ? 14  THR A OG1 1 
ATOM   112  C CG2 . THR A 1 14 ? 3.653   -3.601  -10.179 1.00 28.07  ? 14  THR A CG2 1 
ATOM   113  N N   . PHE A 1 15 ? 0.533   -5.777  -9.690  1.00 32.08  ? 15  PHE A N   1 
ATOM   114  C CA  . PHE A 1 15 ? 0.594   -7.214  -9.367  1.00 35.66  ? 15  PHE A CA  1 
ATOM   115  C C   . PHE A 1 15 ? 0.247   -8.087  -10.579 1.00 40.09  ? 15  PHE A C   1 
ATOM   116  O O   . PHE A 1 15 ? 0.957   -9.031  -11.009 1.00 40.04  ? 15  PHE A O   1 
ATOM   117  C CB  . PHE A 1 15 ? -0.348  -7.510  -8.199  1.00 31.93  ? 15  PHE A CB  1 
ATOM   118  C CG  . PHE A 1 15 ? -0.304  -8.976  -7.807  1.00 39.24  ? 15  PHE A CG  1 
ATOM   119  C CD1 . PHE A 1 15 ? 0.760   -9.460  -7.003  1.00 33.03  ? 15  PHE A CD1 1 
ATOM   120  C CD2 . PHE A 1 15 ? -1.303  -9.841  -8.224  1.00 34.34  ? 15  PHE A CD2 1 
ATOM   121  C CE1 . PHE A 1 15 ? 0.773   -10.801 -6.715  1.00 38.87  ? 15  PHE A CE1 1 
ATOM   122  C CE2 . PHE A 1 15 ? -1.293  -11.179 -7.923  1.00 33.30  ? 15  PHE A CE2 1 
ATOM   123  C CZ  . PHE A 1 15 ? -0.233  -11.672 -7.155  1.00 36.23  ? 15  PHE A CZ  1 
ATOM   124  N N   . HIS A 1 16 ? -0.880  -7.766  -11.205 1.00 40.10  ? 16  HIS A N   1 
ATOM   125  C CA  . HIS A 1 16 ? -1.565  -8.519  -12.244 1.00 38.87  ? 16  HIS A CA  1 
ATOM   126  C C   . HIS A 1 16 ? -0.690  -8.560  -13.467 1.00 41.42  ? 16  HIS A C   1 
ATOM   127  O O   . HIS A 1 16 ? -0.578  -9.568  -14.166 1.00 44.20  ? 16  HIS A O   1 
ATOM   128  C CB  . HIS A 1 16 ? -2.978  -7.873  -12.459 1.00 31.63  ? 16  HIS A CB  1 
ATOM   129  C CG  . HIS A 1 16 ? -3.799  -8.346  -11.309 1.00 27.06  ? 16  HIS A CG  1 
ATOM   130  N ND1 . HIS A 1 16 ? -4.064  -9.678  -11.129 1.00 33.74  ? 16  HIS A ND1 1 
ATOM   131  C CD2 . HIS A 1 16 ? -4.365  -7.734  -10.241 1.00 30.71  ? 16  HIS A CD2 1 
ATOM   132  C CE1 . HIS A 1 16 ? -4.775  -9.889  -10.024 1.00 28.64  ? 16  HIS A CE1 1 
ATOM   133  N NE2 . HIS A 1 16 ? -4.959  -8.690  -9.464  1.00 27.88  ? 16  HIS A NE2 1 
ATOM   134  N N   . LYS A 1 17 ? 0.032   -7.479  -13.720 1.00 40.54  ? 17  LYS A N   1 
ATOM   135  C CA  . LYS A 1 17 ? 0.942   -7.412  -14.832 1.00 41.88  ? 17  LYS A CA  1 
ATOM   136  C C   . LYS A 1 17 ? 2.106   -8.353  -14.663 1.00 45.24  ? 17  LYS A C   1 
ATOM   137  O O   . LYS A 1 17 ? 2.674   -8.824  -15.677 1.00 50.46  ? 17  LYS A O   1 
ATOM   138  C CB  . LYS A 1 17 ? 1.440   -5.948  -14.951 1.00 42.73  ? 17  LYS A CB  1 
ATOM   139  C CG  . LYS A 1 17 ? 2.835   -5.821  -15.528 1.00 48.21  ? 17  LYS A CG  1 
ATOM   140  C CD  . LYS A 1 17 ? 3.234   -4.399  -15.931 1.00 47.10  ? 17  LYS A CD  1 
ATOM   141  C CE  . LYS A 1 17 ? 4.492   -4.555  -16.831 1.00 49.54  ? 17  LYS A CE  1 
ATOM   142  N NZ  . LYS A 1 17 ? 4.993   -3.199  -17.266 1.00 55.15  ? 17  LYS A NZ  1 
ATOM   143  N N   . PHE A 1 18 ? 2.641   -8.639  -13.474 1.00 44.88  ? 18  PHE A N   1 
ATOM   144  C CA  . PHE A 1 18 ? 3.830   -9.543  -13.523 1.00 43.18  ? 18  PHE A CA  1 
ATOM   145  C C   . PHE A 1 18 ? 3.335   -10.942 -13.252 1.00 46.66  ? 18  PHE A C   1 
ATOM   146  O O   . PHE A 1 18 ? 3.926   -11.938 -13.663 1.00 52.83  ? 18  PHE A O   1 
ATOM   147  C CB  . PHE A 1 18 ? 4.904   -9.013  -12.624 1.00 34.26  ? 18  PHE A CB  1 
ATOM   148  C CG  . PHE A 1 18 ? 5.563   -7.748  -13.062 1.00 32.47  ? 18  PHE A CG  1 
ATOM   149  C CD1 . PHE A 1 18 ? 6.601   -7.761  -13.987 1.00 34.23  ? 18  PHE A CD1 1 
ATOM   150  C CD2 . PHE A 1 18 ? 5.179   -6.519  -12.550 1.00 28.28  ? 18  PHE A CD2 1 
ATOM   151  C CE1 . PHE A 1 18 ? 7.234   -6.590  -14.408 1.00 33.28  ? 18  PHE A CE1 1 
ATOM   152  C CE2 . PHE A 1 18 ? 5.789   -5.367  -12.959 1.00 29.22  ? 18  PHE A CE2 1 
ATOM   153  C CZ  . PHE A 1 18 ? 6.835   -5.396  -13.897 1.00 31.72  ? 18  PHE A CZ  1 
ATOM   154  N N   . ALA A 1 19 ? 2.193   -11.131 -12.620 1.00 47.27  ? 19  ALA A N   1 
ATOM   155  C CA  . ALA A 1 19 ? 1.632   -12.412 -12.327 1.00 48.51  ? 19  ALA A CA  1 
ATOM   156  C C   . ALA A 1 19 ? 0.880   -13.092 -13.461 1.00 51.01  ? 19  ALA A C   1 
ATOM   157  O O   . ALA A 1 19 ? 0.593   -14.318 -13.406 1.00 50.34  ? 19  ALA A O   1 
ATOM   158  C CB  . ALA A 1 19 ? 0.697   -12.233 -11.111 1.00 48.38  ? 19  ALA A CB  1 
ATOM   159  N N   . GLY A 1 20 ? 0.471   -12.399 -14.502 1.00 53.57  ? 20  GLY A N   1 
ATOM   160  C CA  . GLY A 1 20 ? -0.316  -13.001 -15.593 1.00 55.71  ? 20  GLY A CA  1 
ATOM   161  C C   . GLY A 1 20 ? -1.610  -13.655 -15.155 1.00 56.70  ? 20  GLY A C   1 
ATOM   162  O O   . GLY A 1 20 ? -2.135  -13.443 -14.046 1.00 57.27  ? 20  GLY A O   1 
ATOM   163  N N   . ASP A 1 21 ? -2.147  -14.528 -16.016 1.00 57.88  ? 21  ASP A N   1 
ATOM   164  C CA  . ASP A 1 21 ? -3.366  -15.259 -15.713 1.00 59.75  ? 21  ASP A CA  1 
ATOM   165  C C   . ASP A 1 21 ? -3.215  -16.159 -14.525 1.00 61.94  ? 21  ASP A C   1 
ATOM   166  O O   . ASP A 1 21 ? -4.183  -16.239 -13.754 1.00 63.55  ? 21  ASP A O   1 
ATOM   167  C CB  . ASP A 1 21 ? -3.873  -16.063 -16.927 1.00 63.65  ? 21  ASP A CB  1 
ATOM   168  C CG  . ASP A 1 21 ? -4.079  -15.092 -18.090 1.00 70.69  ? 21  ASP A CG  1 
ATOM   169  O OD1 . ASP A 1 21 ? -5.075  -14.314 -18.144 1.00 68.90  ? 21  ASP A OD1 1 
ATOM   170  O OD2 . ASP A 1 21 ? -3.154  -15.091 -18.935 1.00 75.28  ? 21  ASP A OD2 1 
ATOM   171  N N   . LYS A 1 22 ? -2.050  -16.808 -14.298 1.00 61.44  ? 22  LYS A N   1 
ATOM   172  C CA  . LYS A 1 22 ? -1.885  -17.652 -13.125 1.00 61.25  ? 22  LYS A CA  1 
ATOM   173  C C   . LYS A 1 22 ? -2.291  -17.014 -11.799 1.00 60.83  ? 22  LYS A C   1 
ATOM   174  O O   . LYS A 1 22 ? -2.656  -17.725 -10.848 1.00 59.01  ? 22  LYS A O   1 
ATOM   175  C CB  . LYS A 1 22 ? -0.483  -18.231 -13.026 1.00 62.95  ? 22  LYS A CB  1 
ATOM   176  C CG  . LYS A 1 22 ? 0.597   -17.597 -13.875 1.00 64.61  ? 22  LYS A CG  1 
ATOM   177  C CD  . LYS A 1 22 ? 1.955   -18.217 -13.538 1.00 64.95  ? 22  LYS A CD  1 
ATOM   178  C CE  . LYS A 1 22 ? 2.663   -17.576 -12.357 1.00 60.45  ? 22  LYS A CE  1 
ATOM   179  N NZ  . LYS A 1 22 ? 3.244   -16.260 -12.744 1.00 58.52  ? 22  LYS A NZ  1 
ATOM   180  N N   . GLY A 1 23 ? -2.231  -15.686 -11.633 1.00 60.87  ? 23  GLY A N   1 
ATOM   181  C CA  . GLY A 1 23 ? -2.643  -15.024 -10.411 1.00 59.12  ? 23  GLY A CA  1 
ATOM   182  C C   . GLY A 1 23 ? -1.677  -14.986 -9.266  1.00 57.27  ? 23  GLY A C   1 
ATOM   183  O O   . GLY A 1 23 ? -2.063  -14.626 -8.142  1.00 58.25  ? 23  GLY A O   1 
ATOM   184  N N   . TYR A 1 24 ? -0.434  -15.434 -9.473  1.00 55.19  ? 24  TYR A N   1 
ATOM   185  C CA  . TYR A 1 24 ? 0.527   -15.396 -8.364  1.00 53.55  ? 24  TYR A CA  1 
ATOM   186  C C   . TYR A 1 24 ? 1.910   -15.086 -8.943  1.00 51.13  ? 24  TYR A C   1 
ATOM   187  O O   . TYR A 1 24 ? 2.104   -15.171 -10.162 1.00 47.23  ? 24  TYR A O   1 
ATOM   188  C CB  . TYR A 1 24 ? 0.497   -16.667 -7.547  1.00 56.56  ? 24  TYR A CB  1 
ATOM   189  C CG  . TYR A 1 24 ? 0.832   -17.919 -8.338  1.00 63.47  ? 24  TYR A CG  1 
ATOM   190  C CD1 . TYR A 1 24 ? 2.158   -18.171 -8.696  1.00 65.14  ? 24  TYR A CD1 1 
ATOM   191  C CD2 . TYR A 1 24 ? -0.142  -18.827 -8.755  1.00 64.56  ? 24  TYR A CD2 1 
ATOM   192  C CE1 . TYR A 1 24 ? 2.517   -19.292 -9.409  1.00 65.91  ? 24  TYR A CE1 1 
ATOM   193  C CE2 . TYR A 1 24 ? 0.211   -19.951 -9.489  1.00 65.73  ? 24  TYR A CE2 1 
ATOM   194  C CZ  . TYR A 1 24 ? 1.532   -20.175 -9.804  1.00 66.87  ? 24  TYR A CZ  1 
ATOM   195  O OH  . TYR A 1 24 ? 1.910   -21.264 -10.542 1.00 68.48  ? 24  TYR A OH  1 
ATOM   196  N N   . LEU A 1 25 ? 2.810   -14.630 -8.063  1.00 47.91  ? 25  LEU A N   1 
ATOM   197  C CA  . LEU A 1 25 ? 4.175   -14.434 -8.555  1.00 48.59  ? 25  LEU A CA  1 
ATOM   198  C C   . LEU A 1 25 ? 5.028   -15.635 -8.078  1.00 48.01  ? 25  LEU A C   1 
ATOM   199  O O   . LEU A 1 25 ? 4.815   -16.359 -7.103  1.00 49.24  ? 25  LEU A O   1 
ATOM   200  C CB  . LEU A 1 25 ? 4.875   -13.142 -8.252  1.00 42.75  ? 25  LEU A CB  1 
ATOM   201  C CG  . LEU A 1 25 ? 4.070   -11.832 -8.237  1.00 45.30  ? 25  LEU A CG  1 
ATOM   202  C CD1 . LEU A 1 25 ? 4.553   -10.876 -7.157  1.00 40.25  ? 25  LEU A CD1 1 
ATOM   203  C CD2 . LEU A 1 25 ? 4.143   -11.132 -9.590  1.00 43.60  ? 25  LEU A CD2 1 
ATOM   204  N N   . THR A 1 26 ? 6.044   -15.852 -8.871  1.00 47.61  ? 26  THR A N   1 
ATOM   205  C CA  . THR A 1 26 ? 7.045   -16.877 -8.591  1.00 45.57  ? 26  THR A CA  1 
ATOM   206  C C   . THR A 1 26 ? 8.268   -16.031 -8.250  1.00 46.41  ? 26  THR A C   1 
ATOM   207  O O   . THR A 1 26 ? 8.265   -14.812 -8.491  1.00 46.57  ? 26  THR A O   1 
ATOM   208  C CB  . THR A 1 26 ? 7.403   -17.707 -9.856  1.00 41.15  ? 26  THR A CB  1 
ATOM   209  O OG1 . THR A 1 26 ? 7.831   -16.774 -10.849 1.00 37.98  ? 26  THR A OG1 1 
ATOM   210  C CG2 . THR A 1 26 ? 6.230   -18.524 -10.377 1.00 35.83  ? 26  THR A CG2 1 
ATOM   211  N N   . LYS A 1 27 ? 9.348   -16.699 -7.925  1.00 48.71  ? 27  LYS A N   1 
ATOM   212  C CA  . LYS A 1 27 ? 10.601  -16.011 -7.645  1.00 48.38  ? 27  LYS A CA  1 
ATOM   213  C C   . LYS A 1 27 ? 11.053  -15.182 -8.820  1.00 48.25  ? 27  LYS A C   1 
ATOM   214  O O   . LYS A 1 27 ? 11.537  -14.060 -8.760  1.00 47.80  ? 27  LYS A O   1 
ATOM   215  C CB  . LYS A 1 27 ? 11.620  -17.148 -7.395  1.00 54.85  ? 27  LYS A CB  1 
ATOM   216  C CG  . LYS A 1 27 ? 12.325  -17.094 -6.057  1.00 58.48  ? 27  LYS A CG  1 
ATOM   217  C CD  . LYS A 1 27 ? 13.660  -16.400 -6.205  1.00 63.11  ? 27  LYS A CD  1 
ATOM   218  C CE  . LYS A 1 27 ? 14.542  -17.092 -7.232  1.00 70.27  ? 27  LYS A CE  1 
ATOM   219  N NZ  . LYS A 1 27 ? 15.054  -18.419 -6.762  1.00 70.78  ? 27  LYS A NZ  1 
ATOM   220  N N   . GLU A 1 28 ? 10.947  -15.767 -10.012 1.00 49.43  ? 28  GLU A N   1 
ATOM   221  C CA  . GLU A 1 28 ? 11.416  -15.095 -11.227 1.00 50.97  ? 28  GLU A CA  1 
ATOM   222  C C   . GLU A 1 28 ? 10.604  -13.855 -11.534 1.00 49.19  ? 28  GLU A C   1 
ATOM   223  O O   . GLU A 1 28 ? 11.123  -12.773 -11.884 1.00 43.96  ? 28  GLU A O   1 
ATOM   224  C CB  . GLU A 1 28 ? 11.483  -16.166 -12.324 1.00 56.00  ? 28  GLU A CB  1 
ATOM   225  C CG  . GLU A 1 28 ? 10.316  -17.115 -12.308 1.00 65.59  ? 28  GLU A CG  1 
ATOM   226  C CD  . GLU A 1 28 ? 10.316  -18.363 -11.453 1.00 70.41  ? 28  GLU A CD  1 
ATOM   227  O OE1 . GLU A 1 28 ? 10.540  -18.332 -10.205 1.00 71.98  ? 28  GLU A OE1 1 
ATOM   228  O OE2 . GLU A 1 28 ? 10.025  -19.472 -12.011 1.00 68.31  ? 28  GLU A OE2 1 
ATOM   229  N N   . ASP A 1 29 ? 9.253   -14.019 -11.356 1.00 48.29  ? 29  ASP A N   1 
ATOM   230  C CA  . ASP A 1 29 ? 8.400   -12.855 -11.566 1.00 47.28  ? 29  ASP A CA  1 
ATOM   231  C C   . ASP A 1 29 ? 8.740   -11.792 -10.508 1.00 45.05  ? 29  ASP A C   1 
ATOM   232  O O   . ASP A 1 29 ? 8.688   -10.635 -10.906 1.00 43.08  ? 29  ASP A O   1 
ATOM   233  C CB  . ASP A 1 29 ? 6.929   -13.197 -11.470 1.00 52.77  ? 29  ASP A CB  1 
ATOM   234  C CG  . ASP A 1 29 ? 6.467   -14.243 -12.464 1.00 51.89  ? 29  ASP A CG  1 
ATOM   235  O OD1 . ASP A 1 29 ? 7.073   -14.343 -13.539 1.00 58.99  ? 29  ASP A OD1 1 
ATOM   236  O OD2 . ASP A 1 29 ? 5.505   -14.969 -12.204 1.00 51.98  ? 29  ASP A OD2 1 
ATOM   237  N N   . LEU A 1 30 ? 9.102   -12.203 -9.279  1.00 42.98  ? 30  LEU A N   1 
ATOM   238  C CA  . LEU A 1 30 ? 9.408   -11.284 -8.191  1.00 42.98  ? 30  LEU A CA  1 
ATOM   239  C C   . LEU A 1 30 ? 10.633  -10.446 -8.468  1.00 42.34  ? 30  LEU A C   1 
ATOM   240  O O   . LEU A 1 30 ? 10.726  -9.223  -8.321  1.00 43.63  ? 30  LEU A O   1 
ATOM   241  C CB  . LEU A 1 30 ? 9.539   -11.956 -6.816  1.00 43.55  ? 30  LEU A CB  1 
ATOM   242  C CG  . LEU A 1 30 ? 9.895   -11.019 -5.651  1.00 48.26  ? 30  LEU A CG  1 
ATOM   243  C CD1 . LEU A 1 30 ? 8.762   -10.002 -5.417  1.00 46.74  ? 30  LEU A CD1 1 
ATOM   244  C CD2 . LEU A 1 30 ? 10.225  -11.735 -4.330  1.00 40.67  ? 30  LEU A CD2 1 
ATOM   245  N N   . ARG A 1 31 ? 11.629  -11.116 -8.981  1.00 43.05  ? 31  ARG A N   1 
ATOM   246  C CA  . ARG A 1 31 ? 12.890  -10.492 -9.379  1.00 44.26  ? 31  ARG A CA  1 
ATOM   247  C C   . ARG A 1 31 ? 12.613  -9.590  -10.582 1.00 40.95  ? 31  ARG A C   1 
ATOM   248  O O   . ARG A 1 31 ? 13.264  -8.514  -10.609 1.00 43.66  ? 31  ARG A O   1 
ATOM   249  C CB  . ARG A 1 31 ? 13.962  -11.558 -9.675  1.00 41.69  ? 31  ARG A CB  1 
ATOM   250  C CG  . ARG A 1 31 ? 15.186  -11.048 -10.386 1.00 51.38  ? 31  ARG A CG  1 
ATOM   251  C CD  . ARG A 1 31 ? 16.125  -12.141 -10.892 1.00 59.04  ? 31  ARG A CD  1 
ATOM   252  N NE  . ARG A 1 31 ? 16.272  -13.286 -9.989  1.00 61.73  ? 31  ARG A NE  1 
ATOM   253  C CZ  . ARG A 1 31 ? 17.003  -13.205 -8.871  1.00 66.33  ? 31  ARG A CZ  1 
ATOM   254  N NH1 . ARG A 1 31 ? 17.627  -12.074 -8.583  1.00 66.12  ? 31  ARG A NH1 1 
ATOM   255  N NH2 . ARG A 1 31 ? 17.145  -14.241 -8.045  1.00 67.96  ? 31  ARG A NH2 1 
ATOM   256  N N   . VAL A 1 32 ? 11.782  -9.967  -11.564 1.00 35.93  ? 32  VAL A N   1 
ATOM   257  C CA  . VAL A 1 32 ? 11.622  -9.013  -12.662 1.00 38.69  ? 32  VAL A CA  1 
ATOM   258  C C   . VAL A 1 32 ? 10.847  -7.788  -12.150 1.00 37.88  ? 32  VAL A C   1 
ATOM   259  O O   . VAL A 1 32 ? 11.251  -6.687  -12.475 1.00 38.52  ? 32  VAL A O   1 
ATOM   260  C CB  . VAL A 1 32 ? 10.942  -9.404  -13.967 1.00 43.27  ? 32  VAL A CB  1 
ATOM   261  C CG1 . VAL A 1 32 ? 11.516  -8.471  -15.086 1.00 45.26  ? 32  VAL A CG1 1 
ATOM   262  C CG2 . VAL A 1 32 ? 11.092  -10.840 -14.328 1.00 39.07  ? 32  VAL A CG2 1 
ATOM   263  N N   . LEU A 1 33 ? 9.835   -8.058  -11.334 1.00 37.12  ? 33  LEU A N   1 
ATOM   264  C CA  . LEU A 1 33 ? 9.081   -6.973  -10.716 1.00 39.46  ? 33  LEU A CA  1 
ATOM   265  C C   . LEU A 1 33 ? 10.027  -6.103  -9.906  1.00 39.81  ? 33  LEU A C   1 
ATOM   266  O O   . LEU A 1 33 ? 10.009  -4.843  -10.074 1.00 41.93  ? 33  LEU A O   1 
ATOM   267  C CB  . LEU A 1 33 ? 7.950   -7.605  -9.921  1.00 40.33  ? 33  LEU A CB  1 
ATOM   268  C CG  . LEU A 1 33 ? 7.271   -6.888  -8.782  1.00 39.75  ? 33  LEU A CG  1 
ATOM   269  C CD1 . LEU A 1 33 ? 7.339   -5.407  -8.755  1.00 34.73  ? 33  LEU A CD1 1 
ATOM   270  C CD2 . LEU A 1 33 ? 5.787   -7.292  -8.752  1.00 42.77  ? 33  LEU A CD2 1 
ATOM   271  N N   . MET A 1 34 ? 10.964  -6.619  -9.126  1.00 37.52  ? 34  MET A N   1 
ATOM   272  C CA  . MET A 1 34 ? 11.888  -5.663  -8.470  1.00 37.90  ? 34  MET A CA  1 
ATOM   273  C C   . MET A 1 34 ? 12.826  -5.046  -9.450  1.00 35.76  ? 34  MET A C   1 
ATOM   274  O O   . MET A 1 34 ? 13.151  -3.865  -9.393  1.00 31.07  ? 34  MET A O   1 
ATOM   275  C CB  . MET A 1 34 ? 12.613  -6.326  -7.257  1.00 44.79  ? 34  MET A CB  1 
ATOM   276  C CG  . MET A 1 34 ? 11.537  -6.783  -6.247  1.00 47.37  ? 34  MET A CG  1 
ATOM   277  S SD  . MET A 1 34 ? 11.844  -6.698  -4.533  1.00 57.77  ? 34  MET A SD  1 
ATOM   278  C CE  . MET A 1 34 ? 12.628  -5.137  -4.225  1.00 48.08  ? 34  MET A CE  1 
ATOM   279  N N   . GLU A 1 35 ? 13.283  -5.752  -10.468 1.00 36.60  ? 35  GLU A N   1 
ATOM   280  C CA  . GLU A 1 35 ? 14.230  -5.101  -11.402 1.00 40.48  ? 35  GLU A CA  1 
ATOM   281  C C   . GLU A 1 35 ? 13.576  -3.907  -12.039 1.00 41.22  ? 35  GLU A C   1 
ATOM   282  O O   . GLU A 1 35 ? 14.157  -2.845  -12.181 1.00 43.18  ? 35  GLU A O   1 
ATOM   283  C CB  . GLU A 1 35 ? 14.681  -6.158  -12.378 1.00 48.18  ? 35  GLU A CB  1 
ATOM   284  C CG  . GLU A 1 35 ? 16.062  -6.573  -12.681 1.00 55.58  ? 35  GLU A CG  1 
ATOM   285  C CD  . GLU A 1 35 ? 16.278  -8.073  -12.787 1.00 62.58  ? 35  GLU A CD  1 
ATOM   286  O OE1 . GLU A 1 35 ? 15.580  -8.741  -13.608 1.00 63.16  ? 35  GLU A OE1 1 
ATOM   287  O OE2 . GLU A 1 35 ? 17.117  -8.620  -12.008 1.00 66.07  ? 35  GLU A OE2 1 
ATOM   288  N N   . LYS A 1 36 ? 12.360  -4.055  -12.586 1.00 42.27  ? 36  LYS A N   1 
ATOM   289  C CA  . LYS A 1 36 ? 11.726  -2.917  -13.257 1.00 42.93  ? 36  LYS A CA  1 
ATOM   290  C C   . LYS A 1 36 ? 11.156  -1.900  -12.283 1.00 40.06  ? 36  LYS A C   1 
ATOM   291  O O   . LYS A 1 36 ? 11.216  -0.738  -12.555 1.00 40.14  ? 36  LYS A O   1 
ATOM   292  C CB  . LYS A 1 36 ? 10.643  -3.435  -14.196 1.00 45.13  ? 36  LYS A CB  1 
ATOM   293  C CG  . LYS A 1 36 ? 11.153  -4.255  -15.382 1.00 51.90  ? 36  LYS A CG  1 
ATOM   294  C CD  . LYS A 1 36 ? 11.744  -3.269  -16.387 1.00 61.46  ? 36  LYS A CD  1 
ATOM   295  C CE  . LYS A 1 36 ? 12.205  -3.934  -17.690 1.00 67.63  ? 36  LYS A CE  1 
ATOM   296  N NZ  . LYS A 1 36 ? 12.366  -2.851  -18.760 1.00 67.34  ? 36  LYS A NZ  1 
ATOM   297  N N   . GLU A 1 37 ? 10.566  -2.268  -11.165 1.00 39.11  ? 37  GLU A N   1 
ATOM   298  C CA  . GLU A 1 37 ? 10.004  -1.253  -10.226 1.00 40.60  ? 37  GLU A CA  1 
ATOM   299  C C   . GLU A 1 37 ? 11.067  -1.059  -9.219  1.00 44.57  ? 37  GLU A C   1 
ATOM   300  O O   . GLU A 1 37 ? 11.741  -2.137  -8.954  1.00 49.57  ? 37  GLU A O   1 
ATOM   301  C CB  . GLU A 1 37 ? 8.692   -1.840  -9.641  1.00 36.25  ? 37  GLU A CB  1 
ATOM   302  C CG  . GLU A 1 37 ? 7.617   -2.098  -10.676 1.00 31.45  ? 37  GLU A CG  1 
ATOM   303  C CD  . GLU A 1 37 ? 7.035   -0.821  -11.287 1.00 37.20  ? 37  GLU A CD  1 
ATOM   304  O OE1 . GLU A 1 37 ? 7.025   0.354   -10.803 1.00 33.51  ? 37  GLU A OE1 1 
ATOM   305  O OE2 . GLU A 1 37 ? 6.496   -0.970  -12.400 1.00 34.89  ? 37  GLU A OE2 1 
ATOM   306  N N   . PHE A 1 38 ? 11.523  -0.045  -8.569  1.00 48.10  ? 38  PHE A N   1 
ATOM   307  C CA  . PHE A 1 38 ? 12.665  -0.239  -7.600  1.00 48.90  ? 38  PHE A CA  1 
ATOM   308  C C   . PHE A 1 38 ? 13.975  -0.728  -8.171  1.00 51.63  ? 38  PHE A C   1 
ATOM   309  O O   . PHE A 1 38 ? 14.753  -1.534  -7.569  1.00 50.04  ? 38  PHE A O   1 
ATOM   310  C CB  . PHE A 1 38 ? 12.325  -1.104  -6.388  1.00 38.84  ? 38  PHE A CB  1 
ATOM   311  C CG  . PHE A 1 38 ? 10.928  -1.253  -5.924  1.00 40.17  ? 38  PHE A CG  1 
ATOM   312  C CD1 . PHE A 1 38 ? 10.171  -0.148  -5.492  1.00 40.65  ? 38  PHE A CD1 1 
ATOM   313  C CD2 . PHE A 1 38 ? 10.279  -2.477  -5.999  1.00 37.74  ? 38  PHE A CD2 1 
ATOM   314  C CE1 . PHE A 1 38 ? 8.859   -0.326  -5.110  1.00 38.40  ? 38  PHE A CE1 1 
ATOM   315  C CE2 . PHE A 1 38 ? 8.973   -2.648  -5.623  1.00 36.80  ? 38  PHE A CE2 1 
ATOM   316  C CZ  . PHE A 1 38 ? 8.249   -1.567  -5.173  1.00 35.91  ? 38  PHE A CZ  1 
ATOM   317  N N   . PRO A 1 39 ? 14.443  -0.190  -9.284  1.00 53.90  ? 39  PRO A N   1 
ATOM   318  C CA  . PRO A 1 39 ? 15.787  -0.596  -9.760  1.00 57.81  ? 39  PRO A CA  1 
ATOM   319  C C   . PRO A 1 39 ? 16.930  0.083   -9.016  1.00 57.00  ? 39  PRO A C   1 
ATOM   320  O O   . PRO A 1 39 ? 18.121  -0.301  -9.172  1.00 57.27  ? 39  PRO A O   1 
ATOM   321  C CB  . PRO A 1 39 ? 15.693  -0.244  -11.240 1.00 56.84  ? 39  PRO A CB  1 
ATOM   322  C CG  . PRO A 1 39 ? 14.922  1.043   -11.204 1.00 57.09  ? 39  PRO A CG  1 
ATOM   323  C CD  . PRO A 1 39 ? 13.851  0.823   -10.138 1.00 55.14  ? 39  PRO A CD  1 
ATOM   324  N N   . GLY A 1 40 ? 16.693  1.041   -8.132  1.00 54.01  ? 40  GLY A N   1 
ATOM   325  C CA  . GLY A 1 40 ? 17.824  1.656   -7.420  1.00 55.23  ? 40  GLY A CA  1 
ATOM   326  C C   . GLY A 1 40 ? 18.050  0.967   -6.076  1.00 56.67  ? 40  GLY A C   1 
ATOM   327  O O   . GLY A 1 40 ? 19.040  1.129   -5.327  1.00 57.40  ? 40  GLY A O   1 
ATOM   328  N N   . PHE A 1 41 ? 17.067  0.120   -5.748  1.00 53.36  ? 41  PHE A N   1 
ATOM   329  C CA  . PHE A 1 41 ? 17.095  -0.548  -4.464  1.00 49.46  ? 41  PHE A CA  1 
ATOM   330  C C   . PHE A 1 41 ? 17.891  -1.834  -4.471  1.00 49.30  ? 41  PHE A C   1 
ATOM   331  O O   . PHE A 1 41 ? 18.721  -2.003  -3.552  1.00 47.46  ? 41  PHE A O   1 
ATOM   332  C CB  . PHE A 1 41 ? 15.674  -0.750  -3.996  1.00 40.74  ? 41  PHE A CB  1 
ATOM   333  C CG  . PHE A 1 41 ? 15.478  -1.481  -2.725  1.00 35.49  ? 41  PHE A CG  1 
ATOM   334  C CD1 . PHE A 1 41 ? 15.779  -0.899  -1.516  1.00 33.94  ? 41  PHE A CD1 1 
ATOM   335  C CD2 . PHE A 1 41 ? 14.986  -2.777  -2.777  1.00 35.91  ? 41  PHE A CD2 1 
ATOM   336  C CE1 . PHE A 1 41 ? 15.568  -1.627  -0.345  1.00 37.79  ? 41  PHE A CE1 1 
ATOM   337  C CE2 . PHE A 1 41 ? 14.788  -3.497  -1.595  1.00 38.39  ? 41  PHE A CE2 1 
ATOM   338  C CZ  . PHE A 1 41 ? 15.071  -2.914  -0.400  1.00 37.04  ? 41  PHE A CZ  1 
ATOM   339  N N   . LEU A 1 42 ? 17.506  -2.784  -5.272  1.00 50.78  ? 42  LEU A N   1 
ATOM   340  C CA  . LEU A 1 42 ? 18.186  -4.086  -5.266  1.00 57.33  ? 42  LEU A CA  1 
ATOM   341  C C   . LEU A 1 42 ? 19.708  -3.959  -5.404  1.00 60.22  ? 42  LEU A C   1 
ATOM   342  O O   . LEU A 1 42 ? 20.459  -4.067  -4.465  1.00 59.37  ? 42  LEU A O   1 
ATOM   343  C CB  . LEU A 1 42 ? 17.661  -4.883  -6.452  1.00 54.47  ? 42  LEU A CB  1 
ATOM   344  C CG  . LEU A 1 42 ? 16.970  -6.197  -6.108  1.00 54.94  ? 42  LEU A CG  1 
ATOM   345  C CD1 . LEU A 1 42 ? 16.211  -6.099  -4.795  1.00 48.95  ? 42  LEU A CD1 1 
ATOM   346  C CD2 . LEU A 1 42 ? 16.067  -6.477  -7.316  1.00 56.74  ? 42  LEU A CD2 1 
ATOM   347  N N   . GLU A 1 43 ? 20.176  -3.658  -6.600  1.00 63.76  ? 43  GLU A N   1 
ATOM   348  C CA  . GLU A 1 43 ? 21.540  -3.448  -6.974  1.00 68.59  ? 43  GLU A CA  1 
ATOM   349  C C   . GLU A 1 43 ? 22.335  -2.658  -5.933  1.00 71.21  ? 43  GLU A C   1 
ATOM   350  O O   . GLU A 1 43 ? 23.520  -2.992  -5.710  1.00 73.02  ? 43  GLU A O   1 
ATOM   351  C CB  . GLU A 1 43 ? 21.610  -2.782  -8.350  1.00 69.73  ? 43  GLU A CB  1 
ATOM   352  C CG  . GLU A 1 43 ? 20.891  -3.521  -9.460  1.00 75.09  ? 43  GLU A CG  1 
ATOM   353  C CD  . GLU A 1 43 ? 19.423  -3.189  -9.649  1.00 75.54  ? 43  GLU A CD  1 
ATOM   354  O OE1 . GLU A 1 43 ? 18.771  -2.684  -8.710  1.00 76.07  ? 43  GLU A OE1 1 
ATOM   355  O OE2 . GLU A 1 43 ? 18.852  -3.451  -10.736 1.00 76.28  ? 43  GLU A OE2 1 
ATOM   356  N N   . ASN A 1 44 ? 21.773  -1.725  -5.187  1.00 70.91  ? 44  ASN A N   1 
ATOM   357  C CA  . ASN A 1 44 ? 22.480  -1.023  -4.137  1.00 70.93  ? 44  ASN A CA  1 
ATOM   358  C C   . ASN A 1 44 ? 22.553  -1.820  -2.860  1.00 71.68  ? 44  ASN A C   1 
ATOM   359  O O   . ASN A 1 44 ? 23.246  -1.475  -1.888  1.00 73.74  ? 44  ASN A O   1 
ATOM   360  C CB  . ASN A 1 44 ? 21.998  0.391   -3.983  1.00 73.70  ? 44  ASN A CB  1 
ATOM   361  C CG  . ASN A 1 44 ? 22.594  1.239   -5.087  1.00 79.36  ? 44  ASN A CG  1 
ATOM   362  O OD1 . ASN A 1 44 ? 21.892  1.561   -6.053  1.00 86.83  ? 44  ASN A OD1 1 
ATOM   363  N ND2 . ASN A 1 44 ? 23.868  1.577   -5.001  1.00 81.91  ? 44  ASN A ND2 1 
ATOM   364  N N   . GLN A 1 45 ? 21.828  -2.923  -2.794  1.00 70.77  ? 45  GLN A N   1 
ATOM   365  C CA  . GLN A 1 45 ? 21.969  -3.859  -1.660  1.00 69.99  ? 45  GLN A CA  1 
ATOM   366  C C   . GLN A 1 45 ? 23.289  -4.511  -2.117  1.00 69.43  ? 45  GLN A C   1 
ATOM   367  O O   . GLN A 1 45 ? 23.506  -4.423  -3.372  1.00 69.92  ? 45  GLN A O   1 
ATOM   368  C CB  . GLN A 1 45 ? 20.872  -4.888  -1.633  1.00 71.21  ? 45  GLN A CB  1 
ATOM   369  C CG  . GLN A 1 45 ? 19.517  -4.546  -1.130  1.00 74.62  ? 45  GLN A CG  1 
ATOM   370  C CD  . GLN A 1 45 ? 19.383  -4.330  0.358   1.00 77.71  ? 45  GLN A CD  1 
ATOM   371  O OE1 . GLN A 1 45 ? 19.655  -3.240  0.868   1.00 77.82  ? 45  GLN A OE1 1 
ATOM   372  N NE2 . GLN A 1 45 ? 18.950  -5.359  1.100   1.00 78.83  ? 45  GLN A NE2 1 
ATOM   373  N N   . LYS A 1 46 ? 24.213  -5.054  -1.380  1.00 69.35  ? 46  LYS A N   1 
ATOM   374  C CA  . LYS A 1 46 ? 25.358  -5.550  -2.245  1.00 71.73  ? 46  LYS A CA  1 
ATOM   375  C C   . LYS A 1 46 ? 25.228  -7.030  -2.499  1.00 71.45  ? 46  LYS A C   1 
ATOM   376  O O   . LYS A 1 46 ? 25.899  -7.693  -3.300  1.00 73.83  ? 46  LYS A O   1 
ATOM   377  C CB  . LYS A 1 46 ? 26.644  -4.967  -1.755  1.00 74.97  ? 46  LYS A CB  1 
ATOM   378  C CG  . LYS A 1 46 ? 26.783  -3.477  -2.168  1.00 77.59  ? 46  LYS A CG  1 
ATOM   379  C CD  . LYS A 1 46 ? 26.673  -2.591  -0.945  1.00 80.93  ? 46  LYS A CD  1 
ATOM   380  C CE  . LYS A 1 46 ? 26.458  -1.120  -1.296  1.00 82.82  ? 46  LYS A CE  1 
ATOM   381  N NZ  . LYS A 1 46 ? 27.051  -0.233  -0.224  1.00 83.90  ? 46  LYS A NZ  1 
ATOM   382  N N   . ASP A 1 47 ? 24.247  -7.623  -1.854  1.00 68.53  ? 47  ASP A N   1 
ATOM   383  C CA  . ASP A 1 47 ? 23.833  -8.973  -1.826  1.00 63.97  ? 47  ASP A CA  1 
ATOM   384  C C   . ASP A 1 47 ? 23.138  -9.508  -3.038  1.00 62.81  ? 47  ASP A C   1 
ATOM   385  O O   . ASP A 1 47 ? 21.923  -9.363  -3.231  1.00 63.41  ? 47  ASP A O   1 
ATOM   386  C CB  . ASP A 1 47 ? 22.896  -9.021  -0.600  1.00 61.33  ? 47  ASP A CB  1 
ATOM   387  C CG  . ASP A 1 47 ? 22.396  -10.399 -0.297  1.00 61.01  ? 47  ASP A CG  1 
ATOM   388  O OD1 . ASP A 1 47 ? 22.558  -11.314 -1.119  1.00 62.57  ? 47  ASP A OD1 1 
ATOM   389  O OD2 . ASP A 1 47 ? 21.829  -10.559 0.805   1.00 62.66  ? 47  ASP A OD2 1 
ATOM   390  N N   . PRO A 1 48 ? 23.795  -10.423 -3.766  1.00 61.52  ? 48  PRO A N   1 
ATOM   391  C CA  . PRO A 1 48 ? 23.224  -11.093 -4.921  1.00 57.63  ? 48  PRO A CA  1 
ATOM   392  C C   . PRO A 1 48 ? 22.191  -12.133 -4.559  1.00 52.17  ? 48  PRO A C   1 
ATOM   393  O O   . PRO A 1 48 ? 21.654  -12.756 -5.477  1.00 53.55  ? 48  PRO A O   1 
ATOM   394  C CB  . PRO A 1 48 ? 24.416  -11.769 -5.610  1.00 59.66  ? 48  PRO A CB  1 
ATOM   395  C CG  . PRO A 1 48 ? 25.349  -12.008 -4.472  1.00 60.56  ? 48  PRO A CG  1 
ATOM   396  C CD  . PRO A 1 48 ? 25.238  -10.734 -3.632  1.00 61.43  ? 48  PRO A CD  1 
ATOM   397  N N   . LEU A 1 49 ? 21.933  -12.387 -3.303  1.00 46.84  ? 49  LEU A N   1 
ATOM   398  C CA  . LEU A 1 49 ? 20.935  -13.288 -2.809  1.00 44.36  ? 49  LEU A CA  1 
ATOM   399  C C   . LEU A 1 49 ? 19.653  -12.516 -2.334  1.00 43.07  ? 49  LEU A C   1 
ATOM   400  O O   . LEU A 1 49 ? 18.653  -13.193 -1.996  1.00 42.64  ? 49  LEU A O   1 
ATOM   401  C CB  . LEU A 1 49 ? 21.417  -14.165 -1.669  1.00 43.19  ? 49  LEU A CB  1 
ATOM   402  C CG  . LEU A 1 49 ? 22.749  -14.945 -1.831  1.00 46.67  ? 49  LEU A CG  1 
ATOM   403  C CD1 . LEU A 1 49 ? 23.058  -15.664 -0.536  1.00 44.46  ? 49  LEU A CD1 1 
ATOM   404  C CD2 . LEU A 1 49 ? 22.698  -15.949 -2.962  1.00 46.03  ? 49  LEU A CD2 1 
ATOM   405  N N   . ALA A 1 50 ? 19.635  -11.190 -2.300  1.00 38.13  ? 50  ALA A N   1 
ATOM   406  C CA  . ALA A 1 50 ? 18.544  -10.333 -1.838  1.00 38.31  ? 50  ALA A CA  1 
ATOM   407  C C   . ALA A 1 50 ? 17.139  -10.757 -2.235  1.00 35.61  ? 50  ALA A C   1 
ATOM   408  O O   . ALA A 1 50 ? 16.244  -11.085 -1.461  1.00 35.48  ? 50  ALA A O   1 
ATOM   409  C CB  . ALA A 1 50 ? 18.851  -8.913  -2.324  1.00 45.58  ? 50  ALA A CB  1 
ATOM   410  N N   . VAL A 1 51 ? 16.927  -10.973 -3.519  1.00 33.46  ? 51  VAL A N   1 
ATOM   411  C CA  . VAL A 1 51 ? 15.689  -11.511 -3.976  1.00 38.87  ? 51  VAL A CA  1 
ATOM   412  C C   . VAL A 1 51 ? 15.351  -12.771 -3.246  1.00 40.14  ? 51  VAL A C   1 
ATOM   413  O O   . VAL A 1 51 ? 14.203  -12.917 -2.733  1.00 43.00  ? 51  VAL A O   1 
ATOM   414  C CB  . VAL A 1 51 ? 15.644  -11.681 -5.518  1.00 41.14  ? 51  VAL A CB  1 
ATOM   415  C CG1 . VAL A 1 51 ? 14.346  -12.336 -5.940  1.00 43.26  ? 51  VAL A CG1 1 
ATOM   416  C CG2 . VAL A 1 51 ? 15.753  -10.304 -6.176  1.00 44.62  ? 51  VAL A CG2 1 
ATOM   417  N N   . ASP A 1 52 ? 16.237  -13.744 -3.193  1.00 42.90  ? 52  ASP A N   1 
ATOM   418  C CA  . ASP A 1 52 ? 15.984  -15.049 -2.571  1.00 40.23  ? 52  ASP A CA  1 
ATOM   419  C C   . ASP A 1 52 ? 15.557  -14.962 -1.134  1.00 37.92  ? 52  ASP A C   1 
ATOM   420  O O   . ASP A 1 52 ? 14.687  -15.729 -0.680  1.00 37.12  ? 52  ASP A O   1 
ATOM   421  C CB  . ASP A 1 52 ? 17.287  -15.909 -2.672  1.00 48.39  ? 52  ASP A CB  1 
ATOM   422  C CG  . ASP A 1 52 ? 17.472  -16.231 -4.158  1.00 51.09  ? 52  ASP A CG  1 
ATOM   423  O OD1 . ASP A 1 52 ? 18.121  -15.398 -4.814  1.00 53.34  ? 52  ASP A OD1 1 
ATOM   424  O OD2 . ASP A 1 52 ? 16.929  -17.286 -4.546  1.00 52.31  ? 52  ASP A OD2 1 
ATOM   425  N N   . LYS A 1 53 ? 16.165  -14.047 -0.399  1.00 37.93  ? 53  LYS A N   1 
ATOM   426  C CA  . LYS A 1 53 ? 15.815  -13.826 1.000   1.00 42.73  ? 53  LYS A CA  1 
ATOM   427  C C   . LYS A 1 53 ? 14.440  -13.112 1.110   1.00 42.41  ? 53  LYS A C   1 
ATOM   428  O O   . LYS A 1 53 ? 13.695  -13.320 2.063   1.00 38.73  ? 53  LYS A O   1 
ATOM   429  C CB  . LYS A 1 53 ? 16.886  -13.021 1.753   1.00 43.97  ? 53  LYS A CB  1 
ATOM   430  C CG  . LYS A 1 53 ? 18.303  -13.200 1.323   1.00 46.41  ? 53  LYS A CG  1 
ATOM   431  C CD  . LYS A 1 53 ? 19.284  -13.420 2.446   1.00 47.88  ? 53  LYS A CD  1 
ATOM   432  C CE  . LYS A 1 53 ? 20.718  -13.353 1.986   1.00 48.43  ? 53  LYS A CE  1 
ATOM   433  N NZ  . LYS A 1 53 ? 21.510  -12.232 2.526   1.00 48.69  ? 53  LYS A NZ  1 
ATOM   434  N N   . ILE A 1 54 ? 14.121  -12.238 0.131   1.00 43.42  ? 54  ILE A N   1 
ATOM   435  C CA  . ILE A 1 54 ? 12.791  -11.597 0.202   1.00 44.01  ? 54  ILE A CA  1 
ATOM   436  C C   . ILE A 1 54 ? 11.781  -12.716 0.006   1.00 42.66  ? 54  ILE A C   1 
ATOM   437  O O   . ILE A 1 54 ? 10.913  -12.981 0.829   1.00 42.64  ? 54  ILE A O   1 
ATOM   438  C CB  . ILE A 1 54 ? 12.612  -10.479 -0.851  1.00 43.97  ? 54  ILE A CB  1 
ATOM   439  C CG1 . ILE A 1 54 ? 13.390  -9.220  -0.422  1.00 36.81  ? 54  ILE A CG1 1 
ATOM   440  C CG2 . ILE A 1 54 ? 11.130  -10.128 -1.022  1.00 39.88  ? 54  ILE A CG2 1 
ATOM   441  C CD1 . ILE A 1 54 ? 14.112  -8.596  -1.586  1.00 35.88  ? 54  ILE A CD1 1 
ATOM   442  N N   . MET A 1 55 ? 11.954  -13.457 -1.093  1.00 42.19  ? 55  MET A N   1 
ATOM   443  C CA  . MET A 1 55 ? 11.082  -14.597 -1.374  1.00 46.69  ? 55  MET A CA  1 
ATOM   444  C C   . MET A 1 55 ? 10.865  -15.533 -0.203  1.00 49.57  ? 55  MET A C   1 
ATOM   445  O O   . MET A 1 55 ? 9.868   -16.210 0.078   1.00 50.72  ? 55  MET A O   1 
ATOM   446  C CB  . MET A 1 55 ? 11.709  -15.391 -2.546  1.00 43.71  ? 55  MET A CB  1 
ATOM   447  C CG  . MET A 1 55 ? 10.762  -16.487 -3.008  1.00 48.18  ? 55  MET A CG  1 
ATOM   448  S SD  . MET A 1 55 ? 9.294   -15.727 -3.871  1.00 51.42  ? 55  MET A SD  1 
ATOM   449  C CE  . MET A 1 55 ? 8.316   -17.222 -3.916  1.00 45.41  ? 55  MET A CE  1 
ATOM   450  N N   . LYS A 1 56 ? 11.916  -15.706 0.604   1.00 51.97  ? 56  LYS A N   1 
ATOM   451  C CA  . LYS A 1 56 ? 11.902  -16.567 1.767   1.00 51.72  ? 56  LYS A CA  1 
ATOM   452  C C   . LYS A 1 56 ? 10.969  -16.071 2.849   1.00 50.87  ? 56  LYS A C   1 
ATOM   453  O O   . LYS A 1 56 ? 10.220  -16.855 3.444   1.00 50.66  ? 56  LYS A O   1 
ATOM   454  C CB  . LYS A 1 56 ? 13.373  -16.678 2.216   1.00 53.46  ? 56  LYS A CB  1 
ATOM   455  C CG  . LYS A 1 56 ? 13.670  -17.990 2.882   1.00 49.25  ? 56  LYS A CG  1 
ATOM   456  C CD  . LYS A 1 56 ? 13.322  -17.889 4.338   1.00 51.64  ? 56  LYS A CD  1 
ATOM   457  C CE  . LYS A 1 56 ? 14.442  -17.258 5.132   1.00 58.93  ? 56  LYS A CE  1 
ATOM   458  N NZ  . LYS A 1 56 ? 14.858  -18.208 6.218   1.00 63.78  ? 56  LYS A NZ  1 
ATOM   459  N N   . ASP A 1 57 ? 10.947  -14.777 3.174   1.00 51.87  ? 57  ASP A N   1 
ATOM   460  C CA  . ASP A 1 57 ? 10.013  -14.334 4.208   1.00 53.28  ? 57  ASP A CA  1 
ATOM   461  C C   . ASP A 1 57 ? 8.561   -14.314 3.697   1.00 50.61  ? 57  ASP A C   1 
ATOM   462  O O   . ASP A 1 57 ? 7.666   -14.454 4.498   1.00 50.44  ? 57  ASP A O   1 
ATOM   463  C CB  . ASP A 1 57 ? 10.358  -12.946 4.737   1.00 57.72  ? 57  ASP A CB  1 
ATOM   464  C CG  . ASP A 1 57 ? 11.830  -12.907 5.091   1.00 59.69  ? 57  ASP A CG  1 
ATOM   465  O OD1 . ASP A 1 57 ? 12.200  -13.564 6.080   1.00 61.45  ? 57  ASP A OD1 1 
ATOM   466  O OD2 . ASP A 1 57 ? 12.539  -12.223 4.332   1.00 65.90  ? 57  ASP A OD2 1 
ATOM   467  N N   . LEU A 1 58 ? 8.370   -14.157 2.406   1.00 50.31  ? 58  LEU A N   1 
ATOM   468  C CA  . LEU A 1 58 ? 7.107   -14.101 1.754   1.00 51.91  ? 58  LEU A CA  1 
ATOM   469  C C   . LEU A 1 58 ? 6.431   -15.434 1.512   1.00 55.78  ? 58  LEU A C   1 
ATOM   470  O O   . LEU A 1 58 ? 5.201   -15.442 1.262   1.00 57.60  ? 58  LEU A O   1 
ATOM   471  C CB  . LEU A 1 58 ? 7.232   -13.379 0.421   1.00 46.89  ? 58  LEU A CB  1 
ATOM   472  C CG  . LEU A 1 58 ? 7.707   -11.937 0.419   1.00 43.16  ? 58  LEU A CG  1 
ATOM   473  C CD1 . LEU A 1 58 ? 7.891   -11.432 -1.010  1.00 36.60  ? 58  LEU A CD1 1 
ATOM   474  C CD2 . LEU A 1 58 ? 6.758   -11.092 1.245   1.00 44.25  ? 58  LEU A CD2 1 
ATOM   475  N N   . ASP A 1 59 ? 7.181   -16.516 1.469   1.00 60.32  ? 59  ASP A N   1 
ATOM   476  C CA  . ASP A 1 59 ? 6.665   -17.858 1.226   1.00 62.90  ? 59  ASP A CA  1 
ATOM   477  C C   . ASP A 1 59 ? 6.420   -18.571 2.546   1.00 65.55  ? 59  ASP A C   1 
ATOM   478  O O   . ASP A 1 59 ? 7.079   -19.507 2.946   1.00 67.75  ? 59  ASP A O   1 
ATOM   479  C CB  . ASP A 1 59 ? 7.559   -18.657 0.329   1.00 66.46  ? 59  ASP A CB  1 
ATOM   480  C CG  . ASP A 1 59 ? 6.976   -19.674 -0.606  1.00 68.48  ? 59  ASP A CG  1 
ATOM   481  O OD1 . ASP A 1 59 ? 5.818   -20.104 -0.490  1.00 69.72  ? 59  ASP A OD1 1 
ATOM   482  O OD2 . ASP A 1 59 ? 7.695   -20.098 -1.558  1.00 69.47  ? 59  ASP A OD2 1 
ATOM   483  N N   . GLN A 1 60 ? 5.366   -18.149 3.256   1.00 68.72  ? 60  GLN A N   1 
ATOM   484  C CA  . GLN A 1 60 ? 4.976   -18.779 4.510   1.00 70.46  ? 60  GLN A CA  1 
ATOM   485  C C   . GLN A 1 60 ? 4.891   -20.292 4.299   1.00 70.21  ? 60  GLN A C   1 
ATOM   486  O O   . GLN A 1 60 ? 5.568   -21.096 4.894   1.00 69.75  ? 60  GLN A O   1 
ATOM   487  C CB  . GLN A 1 60 ? 3.608   -18.237 4.931   1.00 74.82  ? 60  GLN A CB  1 
ATOM   488  C CG  . GLN A 1 60 ? 3.660   -17.295 6.131   1.00 79.66  ? 60  GLN A CG  1 
ATOM   489  C CD  . GLN A 1 60 ? 3.754   -15.843 5.709   1.00 82.93  ? 60  GLN A CD  1 
ATOM   490  O OE1 . GLN A 1 60 ? 4.832   -15.361 5.343   1.00 87.78  ? 60  GLN A OE1 1 
ATOM   491  N NE2 . GLN A 1 60 ? 2.654   -15.114 5.722   1.00 84.52  ? 60  GLN A NE2 1 
ATOM   492  N N   . CYS A 1 61 ? 4.078   -20.678 3.309   1.00 69.58  ? 61  CYS A N   1 
ATOM   493  C CA  . CYS A 1 61 ? 3.898   -22.073 2.973   1.00 68.53  ? 61  CYS A CA  1 
ATOM   494  C C   . CYS A 1 61 ? 4.978   -22.673 2.142   1.00 68.85  ? 61  CYS A C   1 
ATOM   495  O O   . CYS A 1 61 ? 4.816   -23.816 1.658   1.00 70.99  ? 61  CYS A O   1 
ATOM   496  C CB  . CYS A 1 61 ? 2.512   -22.217 2.317   1.00 68.41  ? 61  CYS A CB  1 
ATOM   497  S SG  . CYS A 1 61 ? 1.254   -21.486 3.437   1.00 70.72  ? 61  CYS A SG  1 
ATOM   498  N N   . ARG A 1 62 ? 6.122   -22.057 1.876   1.00 68.40  ? 62  ARG A N   1 
ATOM   499  C CA  . ARG A 1 62 ? 7.114   -22.763 1.056   1.00 69.98  ? 62  ARG A CA  1 
ATOM   500  C C   . ARG A 1 62 ? 6.533   -23.413 -0.190  1.00 68.52  ? 62  ARG A C   1 
ATOM   501  O O   . ARG A 1 62 ? 7.068   -24.426 -0.664  1.00 69.00  ? 62  ARG A O   1 
ATOM   502  C CB  . ARG A 1 62 ? 7.767   -23.862 1.908   1.00 72.68  ? 62  ARG A CB  1 
ATOM   503  C CG  . ARG A 1 62 ? 8.549   -23.326 3.104   1.00 77.99  ? 62  ARG A CG  1 
ATOM   504  C CD  . ARG A 1 62 ? 10.039  -23.438 2.821   1.00 84.40  ? 62  ARG A CD  1 
ATOM   505  N NE  . ARG A 1 62 ? 10.398  -22.913 1.497   1.00 88.62  ? 62  ARG A NE  1 
ATOM   506  C CZ  . ARG A 1 62 ? 11.534  -23.209 0.879   1.00 91.04  ? 62  ARG A CZ  1 
ATOM   507  N NH1 . ARG A 1 62 ? 12.419  -24.036 1.452   1.00 92.36  ? 62  ARG A NH1 1 
ATOM   508  N NH2 . ARG A 1 62 ? 11.786  -22.694 -0.317  1.00 92.34  ? 62  ARG A NH2 1 
ATOM   509  N N   . ASP A 1 63 ? 5.560   -22.806 -0.873  1.00 65.07  ? 63  ASP A N   1 
ATOM   510  C CA  . ASP A 1 63 ? 5.090   -23.453 -2.109  1.00 61.73  ? 63  ASP A CA  1 
ATOM   511  C C   . ASP A 1 63 ? 5.594   -22.726 -3.336  1.00 58.23  ? 63  ASP A C   1 
ATOM   512  O O   . ASP A 1 63 ? 5.272   -22.957 -4.500  1.00 56.75  ? 63  ASP A O   1 
ATOM   513  C CB  . ASP A 1 63 ? 3.592   -23.633 -1.986  1.00 63.95  ? 63  ASP A CB  1 
ATOM   514  C CG  . ASP A 1 63 ? 2.851   -22.355 -1.653  1.00 65.82  ? 63  ASP A CG  1 
ATOM   515  O OD1 . ASP A 1 63 ? 3.325   -21.255 -2.020  1.00 67.33  ? 63  ASP A OD1 1 
ATOM   516  O OD2 . ASP A 1 63 ? 1.780   -22.439 -1.024  1.00 66.59  ? 63  ASP A OD2 1 
ATOM   517  N N   . GLY A 1 64 ? 6.484   -21.758 -3.150  1.00 56.03  ? 64  GLY A N   1 
ATOM   518  C CA  . GLY A 1 64 ? 7.039   -21.014 -4.233  1.00 55.95  ? 64  GLY A CA  1 
ATOM   519  C C   . GLY A 1 64 ? 6.114   -20.033 -4.900  1.00 56.61  ? 64  GLY A C   1 
ATOM   520  O O   . GLY A 1 64 ? 6.384   -19.597 -6.032  1.00 57.92  ? 64  GLY A O   1 
ATOM   521  N N   . LYS A 1 65 ? 5.019   -19.636 -4.261  1.00 55.57  ? 65  LYS A N   1 
ATOM   522  C CA  . LYS A 1 65 ? 4.133   -18.690 -4.917  1.00 56.40  ? 65  LYS A CA  1 
ATOM   523  C C   . LYS A 1 65 ? 3.782   -17.521 -3.979  1.00 53.00  ? 65  LYS A C   1 
ATOM   524  O O   . LYS A 1 65 ? 3.503   -17.707 -2.809  1.00 50.90  ? 65  LYS A O   1 
ATOM   525  C CB  . LYS A 1 65 ? 2.890   -19.300 -5.519  1.00 58.99  ? 65  LYS A CB  1 
ATOM   526  C CG  . LYS A 1 65 ? 2.779   -20.778 -5.682  1.00 60.61  ? 65  LYS A CG  1 
ATOM   527  C CD  . LYS A 1 65 ? 1.336   -21.243 -5.725  1.00 64.01  ? 65  LYS A CD  1 
ATOM   528  C CE  . LYS A 1 65 ? 1.234   -22.756 -5.810  1.00 65.28  ? 65  LYS A CE  1 
ATOM   529  N NZ  . LYS A 1 65 ? 1.289   -23.244 -7.212  1.00 65.41  ? 65  LYS A NZ  1 
ATOM   530  N N   . VAL A 1 66 ? 3.830   -16.348 -4.601  1.00 49.28  ? 66  VAL A N   1 
ATOM   531  C CA  . VAL A 1 66 ? 3.494   -15.106 -3.882  1.00 46.09  ? 66  VAL A CA  1 
ATOM   532  C C   . VAL A 1 66 ? 2.160   -14.520 -4.363  1.00 41.88  ? 66  VAL A C   1 
ATOM   533  O O   . VAL A 1 66 ? 2.055   -13.983 -5.476  1.00 41.96  ? 66  VAL A O   1 
ATOM   534  C CB  . VAL A 1 66 ? 4.604   -14.052 -4.001  1.00 42.45  ? 66  VAL A CB  1 
ATOM   535  C CG1 . VAL A 1 66 ? 4.171   -12.725 -3.428  1.00 35.28  ? 66  VAL A CG1 1 
ATOM   536  C CG2 . VAL A 1 66 ? 5.818   -14.573 -3.193  1.00 43.16  ? 66  VAL A CG2 1 
ATOM   537  N N   . GLY A 1 67 ? 1.169   -14.611 -3.507  1.00 38.09  ? 67  GLY A N   1 
ATOM   538  C CA  . GLY A 1 67 ? -0.144  -14.055 -3.794  1.00 38.41  ? 67  GLY A CA  1 
ATOM   539  C C   . GLY A 1 67 ? -0.203  -12.533 -3.595  1.00 38.01  ? 67  GLY A C   1 
ATOM   540  O O   . GLY A 1 67 ? 0.790   -11.893 -3.317  1.00 38.02  ? 67  GLY A O   1 
ATOM   541  N N   . PHE A 1 68 ? -1.412  -11.942 -3.660  1.00 38.79  ? 68  PHE A N   1 
ATOM   542  C CA  . PHE A 1 68 ? -1.628  -10.512 -3.607  1.00 36.05  ? 68  PHE A CA  1 
ATOM   543  C C   . PHE A 1 68 ? -1.335  -9.932  -2.241  1.00 34.39  ? 68  PHE A C   1 
ATOM   544  O O   . PHE A 1 68 ? -0.654  -8.926  -2.097  1.00 37.76  ? 68  PHE A O   1 
ATOM   545  C CB  . PHE A 1 68 ? -3.034  -10.116 -4.159  1.00 32.01  ? 68  PHE A CB  1 
ATOM   546  C CG  . PHE A 1 68 ? -3.068  -8.612  -4.291  1.00 28.52  ? 68  PHE A CG  1 
ATOM   547  C CD1 . PHE A 1 68 ? -2.367  -7.996  -5.293  1.00 28.43  ? 68  PHE A CD1 1 
ATOM   548  C CD2 . PHE A 1 68 ? -3.768  -7.855  -3.395  1.00 30.91  ? 68  PHE A CD2 1 
ATOM   549  C CE1 . PHE A 1 68 ? -2.357  -6.633  -5.406  1.00 30.10  ? 68  PHE A CE1 1 
ATOM   550  C CE2 . PHE A 1 68 ? -3.767  -6.461  -3.486  1.00 31.02  ? 68  PHE A CE2 1 
ATOM   551  C CZ  . PHE A 1 68 ? -3.053  -5.861  -4.503  1.00 34.72  ? 68  PHE A CZ  1 
ATOM   552  N N   . GLN A 1 69 ? -1.753  -10.534 -1.198  1.00 36.38  ? 69  GLN A N   1 
ATOM   553  C CA  . GLN A 1 69 ? -1.564  -10.200 0.201   1.00 39.85  ? 69  GLN A CA  1 
ATOM   554  C C   . GLN A 1 69 ? -0.100  -10.316 0.603   1.00 41.20  ? 69  GLN A C   1 
ATOM   555  O O   . GLN A 1 69 ? 0.424   -9.239  1.001   1.00 46.69  ? 69  GLN A O   1 
ATOM   556  C CB  . GLN A 1 69 ? -2.554  -10.964 1.027   1.00 42.20  ? 69  GLN A CB  1 
ATOM   557  C CG  . GLN A 1 69 ? -2.818  -10.647 2.466   1.00 55.72  ? 69  GLN A CG  1 
ATOM   558  C CD  . GLN A 1 69 ? -3.916  -11.533 3.054   1.00 63.84  ? 69  GLN A CD  1 
ATOM   559  O OE1 . GLN A 1 69 ? -3.800  -12.022 4.193   1.00 68.17  ? 69  GLN A OE1 1 
ATOM   560  N NE2 . GLN A 1 69 ? -5.000  -11.771 2.290   1.00 65.89  ? 69  GLN A NE2 1 
ATOM   561  N N   . SER A 1 70 ? 0.695   -11.315 0.310   1.00 40.03  ? 70  SER A N   1 
ATOM   562  C CA  . SER A 1 70 ? 2.165   -11.259 0.510   1.00 37.21  ? 70  SER A CA  1 
ATOM   563  C C   . SER A 1 70 ? 2.799   -10.190 -0.342  1.00 34.69  ? 70  SER A C   1 
ATOM   564  O O   . SER A 1 70 ? 3.589   -9.365  0.148   1.00 36.73  ? 70  SER A O   1 
ATOM   565  C CB  . SER A 1 70 ? 2.825   -12.602 0.150   1.00 32.49  ? 70  SER A CB  1 
ATOM   566  O OG  . SER A 1 70 ? 1.994   -13.536 0.838   1.00 38.98  ? 70  SER A OG  1 
ATOM   567  N N   . PHE A 1 71 ? 2.436   -10.080 -1.628  1.00 32.43  ? 71  PHE A N   1 
ATOM   568  C CA  . PHE A 1 71 ? 3.047   -8.946  -2.345  1.00 34.26  ? 71  PHE A CA  1 
ATOM   569  C C   . PHE A 1 71 ? 2.795   -7.640  -1.565  1.00 35.48  ? 71  PHE A C   1 
ATOM   570  O O   . PHE A 1 71 ? 3.598   -6.729  -1.472  1.00 34.70  ? 71  PHE A O   1 
ATOM   571  C CB  . PHE A 1 71 ? 2.405   -8.908  -3.720  1.00 35.77  ? 71  PHE A CB  1 
ATOM   572  C CG  . PHE A 1 71 ? 2.593   -7.609  -4.492  1.00 33.02  ? 71  PHE A CG  1 
ATOM   573  C CD1 . PHE A 1 71 ? 3.764   -7.334  -5.135  1.00 32.01  ? 71  PHE A CD1 1 
ATOM   574  C CD2 . PHE A 1 71 ? 1.564   -6.696  -4.569  1.00 33.55  ? 71  PHE A CD2 1 
ATOM   575  C CE1 . PHE A 1 71 ? 3.898   -6.134  -5.827  1.00 34.76  ? 71  PHE A CE1 1 
ATOM   576  C CE2 . PHE A 1 71 ? 1.646   -5.525  -5.263  1.00 32.00  ? 71  PHE A CE2 1 
ATOM   577  C CZ  . PHE A 1 71 ? 2.838   -5.251  -5.885  1.00 34.77  ? 71  PHE A CZ  1 
ATOM   578  N N   . PHE A 1 72 ? 1.587   -7.482  -0.968  1.00 35.15  ? 72  PHE A N   1 
ATOM   579  C CA  . PHE A 1 72 ? 1.232   -6.319  -0.250  1.00 34.80  ? 72  PHE A CA  1 
ATOM   580  C C   . PHE A 1 72 ? 1.989   -6.121  1.039   1.00 34.12  ? 72  PHE A C   1 
ATOM   581  O O   . PHE A 1 72 ? 2.268   -4.956  1.425   1.00 33.91  ? 72  PHE A O   1 
ATOM   582  C CB  . PHE A 1 72 ? -0.322  -6.227  -0.091  1.00 35.70  ? 72  PHE A CB  1 
ATOM   583  C CG  . PHE A 1 72 ? -0.707  -4.766  -0.208  1.00 30.82  ? 72  PHE A CG  1 
ATOM   584  C CD1 . PHE A 1 72 ? -1.000  -4.210  -1.421  1.00 33.52  ? 72  PHE A CD1 1 
ATOM   585  C CD2 . PHE A 1 72 ? -0.753  -3.974  0.906   1.00 32.44  ? 72  PHE A CD2 1 
ATOM   586  C CE1 . PHE A 1 72 ? -1.364  -2.884  -1.517  1.00 34.68  ? 72  PHE A CE1 1 
ATOM   587  C CE2 . PHE A 1 72 ? -1.036  -2.629  0.793   1.00 32.33  ? 72  PHE A CE2 1 
ATOM   588  C CZ  . PHE A 1 72 ? -1.358  -2.075  -0.394  1.00 29.13  ? 72  PHE A CZ  1 
ATOM   589  N N   . SER A 1 73 ? 2.365   -7.228  1.661   1.00 33.20  ? 73  SER A N   1 
ATOM   590  C CA  . SER A 1 73 ? 3.192   -7.125  2.890   1.00 36.08  ? 73  SER A CA  1 
ATOM   591  C C   . SER A 1 73 ? 4.598   -6.669  2.481   1.00 34.03  ? 73  SER A C   1 
ATOM   592  O O   . SER A 1 73 ? 5.232   -5.792  3.078   1.00 37.01  ? 73  SER A O   1 
ATOM   593  C CB  . SER A 1 73 ? 3.162   -8.425  3.665   1.00 40.42  ? 73  SER A CB  1 
ATOM   594  O OG  . SER A 1 73 ? 4.267   -9.236  3.393   1.00 50.15  ? 73  SER A OG  1 
ATOM   595  N N   . LEU A 1 74 ? 5.069   -7.065  1.307   1.00 28.85  ? 74  LEU A N   1 
ATOM   596  C CA  . LEU A 1 74 ? 6.300   -6.593  0.810   1.00 27.34  ? 74  LEU A CA  1 
ATOM   597  C C   . LEU A 1 74 ? 6.201   -5.131  0.567   1.00 27.74  ? 74  LEU A C   1 
ATOM   598  O O   . LEU A 1 74 ? 7.186   -4.448  0.941   1.00 32.29  ? 74  LEU A O   1 
ATOM   599  C CB  . LEU A 1 74 ? 6.843   -7.420  -0.404  1.00 24.62  ? 74  LEU A CB  1 
ATOM   600  C CG  . LEU A 1 74 ? 7.993   -6.688  -1.114  1.00 26.12  ? 74  LEU A CG  1 
ATOM   601  C CD1 . LEU A 1 74 ? 9.234   -6.653  -0.219  1.00 29.37  ? 74  LEU A CD1 1 
ATOM   602  C CD2 . LEU A 1 74 ? 8.283   -7.274  -2.440  1.00 29.01  ? 74  LEU A CD2 1 
ATOM   603  N N   . ILE A 1 75 ? 5.162   -4.556  -0.047  1.00 29.58  ? 75  ILE A N   1 
ATOM   604  C CA  . ILE A 1 75 ? 5.093   -3.091  -0.308  1.00 25.92  ? 75  ILE A CA  1 
ATOM   605  C C   . ILE A 1 75 ? 4.933   -2.294  0.973   1.00 26.56  ? 75  ILE A C   1 
ATOM   606  O O   . ILE A 1 75 ? 5.430   -1.174  1.085   1.00 25.78  ? 75  ILE A O   1 
ATOM   607  C CB  . ILE A 1 75 ? 3.859   -2.790  -1.228  1.00 30.61  ? 75  ILE A CB  1 
ATOM   608  C CG1 . ILE A 1 75 ? 3.862   -3.529  -2.552  1.00 29.83  ? 75  ILE A CG1 1 
ATOM   609  C CG2 . ILE A 1 75 ? 3.695   -1.290  -1.425  1.00 18.68  ? 75  ILE A CG2 1 
ATOM   610  C CD1 . ILE A 1 75 ? 5.144   -3.657  -3.332  1.00 33.53  ? 75  ILE A CD1 1 
ATOM   611  N N   . ALA A 1 76 ? 4.204   -2.791  1.960   1.00 25.66  ? 76  ALA A N   1 
ATOM   612  C CA  . ALA A 1 76 ? 4.031   -2.122  3.242   1.00 32.16  ? 76  ALA A CA  1 
ATOM   613  C C   . ALA A 1 76 ? 5.434   -2.014  3.911   1.00 30.92  ? 76  ALA A C   1 
ATOM   614  O O   . ALA A 1 76 ? 5.998   -0.939  4.100   1.00 32.74  ? 76  ALA A O   1 
ATOM   615  C CB  . ALA A 1 76 ? 3.124   -2.959  4.184   1.00 32.58  ? 76  ALA A CB  1 
ATOM   616  N N   . GLY A 1 77 ? 6.053   -3.128  4.105   1.00 32.26  ? 77  GLY A N   1 
ATOM   617  C CA  . GLY A 1 77 ? 7.505   -3.258  4.495   1.00 28.99  ? 77  GLY A CA  1 
ATOM   618  C C   . GLY A 1 77 ? 8.326   -2.237  3.805   1.00 25.54  ? 77  GLY A C   1 
ATOM   619  O O   . GLY A 1 77 ? 8.970   -1.461  4.504   1.00 28.04  ? 77  GLY A O   1 
ATOM   620  N N   . LEU A 1 78 ? 8.390   -2.044  2.495   1.00 24.08  ? 78  LEU A N   1 
ATOM   621  C CA  . LEU A 1 78 ? 9.188   -0.946  2.024   1.00 26.70  ? 78  LEU A CA  1 
ATOM   622  C C   . LEU A 1 78 ? 8.583   0.423   2.331   1.00 31.70  ? 78  LEU A C   1 
ATOM   623  O O   . LEU A 1 78 ? 9.404   1.413   2.465   1.00 36.13  ? 78  LEU A O   1 
ATOM   624  C CB  . LEU A 1 78 ? 9.338   -1.062  0.497   1.00 26.54  ? 78  LEU A CB  1 
ATOM   625  C CG  . LEU A 1 78 ? 9.891   -2.377  -0.036  1.00 33.34  ? 78  LEU A CG  1 
ATOM   626  C CD1 . LEU A 1 78 ? 9.830   -2.371  -1.548  1.00 29.15  ? 78  LEU A CD1 1 
ATOM   627  C CD2 . LEU A 1 78 ? 11.384  -2.549  0.425   1.00 33.21  ? 78  LEU A CD2 1 
ATOM   628  N N   . THR A 1 79 ? 7.256   0.573   2.355   1.00 26.37  ? 79  THR A N   1 
ATOM   629  C CA  . THR A 1 79 ? 6.700   1.930   2.480   1.00 29.34  ? 79  THR A CA  1 
ATOM   630  C C   . THR A 1 79 ? 6.934   2.470   3.871   1.00 26.27  ? 79  THR A C   1 
ATOM   631  O O   . THR A 1 79 ? 7.349   3.601   4.071   1.00 25.16  ? 79  THR A O   1 
ATOM   632  C CB  . THR A 1 79 ? 5.167   2.108   2.117   1.00 26.24  ? 79  THR A CB  1 
ATOM   633  O OG1 . THR A 1 79 ? 5.000   1.548   0.747   1.00 26.59  ? 79  THR A OG1 1 
ATOM   634  C CG2 . THR A 1 79 ? 4.987   3.574   1.808   1.00 17.43  ? 79  THR A CG2 1 
ATOM   635  N N   . ILE A 1 80 ? 6.691   1.598   4.816   1.00 28.17  ? 80  ILE A N   1 
ATOM   636  C CA  . ILE A 1 80 ? 6.899   1.954   6.240   1.00 31.44  ? 80  ILE A CA  1 
ATOM   637  C C   . ILE A 1 80 ? 8.390   2.234   6.449   1.00 36.79  ? 80  ILE A C   1 
ATOM   638  O O   . ILE A 1 80 ? 8.750   3.358   6.891   1.00 37.58  ? 80  ILE A O   1 
ATOM   639  C CB  . ILE A 1 80 ? 6.338   0.780   7.038   1.00 31.94  ? 80  ILE A CB  1 
ATOM   640  C CG1 . ILE A 1 80 ? 4.820   0.649   6.903   1.00 30.48  ? 80  ILE A CG1 1 
ATOM   641  C CG2 . ILE A 1 80 ? 6.741   0.922   8.491   1.00 37.63  ? 80  ILE A CG2 1 
ATOM   642  C CD1 . ILE A 1 80 ? 4.217   -0.530  7.606   1.00 28.67  ? 80  ILE A CD1 1 
ATOM   643  N N   . ALA A 1 81 ? 9.346   1.484   5.781   1.00 32.67  ? 81  ALA A N   1 
ATOM   644  C CA  . ALA A 1 81 ? 10.741  1.828   6.029   1.00 34.57  ? 81  ALA A CA  1 
ATOM   645  C C   . ALA A 1 81 ? 11.010  3.172   5.433   1.00 37.62  ? 81  ALA A C   1 
ATOM   646  O O   . ALA A 1 81 ? 11.782  3.950   5.987   1.00 40.66  ? 81  ALA A O   1 
ATOM   647  C CB  . ALA A 1 81 ? 11.779  0.849   5.438   1.00 33.21  ? 81  ALA A CB  1 
ATOM   648  N N   . CYS A 1 82 ? 10.425  3.422   4.250   1.00 37.33  ? 82  CYS A N   1 
ATOM   649  C CA  . CYS A 1 82 ? 10.678  4.714   3.608   1.00 33.14  ? 82  CYS A CA  1 
ATOM   650  C C   . CYS A 1 82 ? 10.191  5.873   4.430   1.00 30.61  ? 82  CYS A C   1 
ATOM   651  O O   . CYS A 1 82 ? 10.829  6.910   4.431   1.00 31.90  ? 82  CYS A O   1 
ATOM   652  C CB  . CYS A 1 82 ? 9.927   4.756   2.242   1.00 29.00  ? 82  CYS A CB  1 
ATOM   653  S SG  . CYS A 1 82 ? 10.993  3.928   1.024   1.00 36.02  ? 82  CYS A SG  1 
ATOM   654  N N   . ASN A 1 83 ? 9.076   5.728   5.087   1.00 31.90  ? 83  ASN A N   1 
ATOM   655  C CA  . ASN A 1 83 ? 8.497   6.760   5.929   1.00 34.62  ? 83  ASN A CA  1 
ATOM   656  C C   . ASN A 1 83 ? 9.284   6.944   7.227   1.00 35.07  ? 83  ASN A C   1 
ATOM   657  O O   . ASN A 1 83 ? 9.270   8.056   7.808   1.00 38.86  ? 83  ASN A O   1 
ATOM   658  C CB  . ASN A 1 83 ? 7.025   6.332   6.305   1.00 27.56  ? 83  ASN A CB  1 
ATOM   659  C CG  . ASN A 1 83 ? 6.440   7.443   7.144   1.00 29.44  ? 83  ASN A CG  1 
ATOM   660  O OD1 . ASN A 1 83 ? 6.005   7.180   8.241   1.00 33.51  ? 83  ASN A OD1 1 
ATOM   661  N ND2 . ASN A 1 83 ? 6.421   8.672   6.668   1.00 27.46  ? 83  ASN A ND2 1 
ATOM   662  N N   . ASP A 1 84 ? 9.774   5.872   7.839   1.00 35.41  ? 84  ASP A N   1 
ATOM   663  C CA  . ASP A 1 84 ? 10.617  6.071   9.106   1.00 34.87  ? 84  ASP A CA  1 
ATOM   664  C C   . ASP A 1 84 ? 11.845  6.867   8.643   1.00 33.07  ? 84  ASP A C   1 
ATOM   665  O O   . ASP A 1 84 ? 12.132  7.928   9.189   1.00 34.07  ? 84  ASP A O   1 
ATOM   666  C CB  . ASP A 1 84 ? 10.994  4.761   9.699   1.00 30.98  ? 84  ASP A CB  1 
ATOM   667  C CG  . ASP A 1 84 ? 9.965   4.049   10.471  1.00 32.77  ? 84  ASP A CG  1 
ATOM   668  O OD1 . ASP A 1 84 ? 9.004   4.554   11.108  1.00 41.35  ? 84  ASP A OD1 1 
ATOM   669  O OD2 . ASP A 1 84 ? 10.047  2.818   10.546  1.00 43.74  ? 84  ASP A OD2 1 
ATOM   670  N N   . TYR A 1 85 ? 12.490  6.510   7.538   1.00 31.67  ? 85  TYR A N   1 
ATOM   671  C CA  . TYR A 1 85 ? 13.611  7.346   7.136   1.00 38.82  ? 85  TYR A CA  1 
ATOM   672  C C   . TYR A 1 85 ? 13.247  8.783   6.871   1.00 44.82  ? 85  TYR A C   1 
ATOM   673  O O   . TYR A 1 85 ? 13.896  9.770   7.206   1.00 49.60  ? 85  TYR A O   1 
ATOM   674  C CB  . TYR A 1 85 ? 14.241  6.752   5.896   1.00 41.72  ? 85  TYR A CB  1 
ATOM   675  C CG  . TYR A 1 85 ? 15.467  7.468   5.425   1.00 46.81  ? 85  TYR A CG  1 
ATOM   676  C CD1 . TYR A 1 85 ? 15.445  8.682   4.770   1.00 47.23  ? 85  TYR A CD1 1 
ATOM   677  C CD2 . TYR A 1 85 ? 16.709  6.828   5.660   1.00 49.12  ? 85  TYR A CD2 1 
ATOM   678  C CE1 . TYR A 1 85 ? 16.599  9.304   4.331   1.00 48.08  ? 85  TYR A CE1 1 
ATOM   679  C CE2 . TYR A 1 85 ? 17.878  7.436   5.221   1.00 48.84  ? 85  TYR A CE2 1 
ATOM   680  C CZ  . TYR A 1 85 ? 17.804  8.653   4.591   1.00 50.34  ? 85  TYR A CZ  1 
ATOM   681  O OH  . TYR A 1 85 ? 18.994  9.205   4.179   1.00 55.97  ? 85  TYR A OH  1 
ATOM   682  N N   . PHE A 1 86 ? 12.171  9.026   6.129   1.00 47.82  ? 86  PHE A N   1 
ATOM   683  C CA  . PHE A 1 86 ? 11.721  10.355  5.769   1.00 44.40  ? 86  PHE A CA  1 
ATOM   684  C C   . PHE A 1 86 ? 11.370  11.139  7.004   1.00 41.29  ? 86  PHE A C   1 
ATOM   685  O O   . PHE A 1 86 ? 11.761  12.292  7.036   1.00 42.38  ? 86  PHE A O   1 
ATOM   686  C CB  . PHE A 1 86 ? 10.494  10.267  4.792   1.00 41.78  ? 86  PHE A CB  1 
ATOM   687  C CG  . PHE A 1 86 ? 9.615   11.468  4.697   1.00 36.00  ? 86  PHE A CG  1 
ATOM   688  C CD1 . PHE A 1 86 ? 9.883   12.464  3.794   1.00 40.56  ? 86  PHE A CD1 1 
ATOM   689  C CD2 . PHE A 1 86 ? 8.509   11.595  5.527   1.00 38.58  ? 86  PHE A CD2 1 
ATOM   690  C CE1 . PHE A 1 86 ? 9.080   13.604  3.681   1.00 43.14  ? 86  PHE A CE1 1 
ATOM   691  C CE2 . PHE A 1 86 ? 7.704   12.733  5.431   1.00 45.23  ? 86  PHE A CE2 1 
ATOM   692  C CZ  . PHE A 1 86 ? 7.988   13.742  4.507   1.00 42.36  ? 86  PHE A CZ  1 
ATOM   693  N N   . VAL A 1 87 ? 10.638  10.575  7.952   1.00 41.46  ? 87  VAL A N   1 
ATOM   694  C CA  . VAL A 1 87 ? 10.303  11.435  9.139   1.00 44.30  ? 87  VAL A CA  1 
ATOM   695  C C   . VAL A 1 87 ? 11.535  11.968  9.871   1.00 47.26  ? 87  VAL A C   1 
ATOM   696  O O   . VAL A 1 87 ? 11.639  13.130  10.236  1.00 48.11  ? 87  VAL A O   1 
ATOM   697  C CB  . VAL A 1 87 ? 9.452   10.598  10.105  1.00 43.83  ? 87  VAL A CB  1 
ATOM   698  C CG1 . VAL A 1 87 ? 9.478   11.180  11.495  1.00 42.90  ? 87  VAL A CG1 1 
ATOM   699  C CG2 . VAL A 1 87 ? 8.023   10.445  9.607   1.00 42.07  ? 87  VAL A CG2 1 
ATOM   700  N N   . VAL A 1 88 ? 12.546  11.150  10.094  1.00 48.44  ? 88  VAL A N   1 
ATOM   701  C CA  . VAL A 1 88 ? 13.771  11.401  10.742  1.00 53.80  ? 88  VAL A CA  1 
ATOM   702  C C   . VAL A 1 88 ? 14.742  12.318  10.023  1.00 54.73  ? 88  VAL A C   1 
ATOM   703  O O   . VAL A 1 88 ? 15.321  13.160  10.700  1.00 57.04  ? 88  VAL A O   1 
ATOM   704  C CB  . VAL A 1 88 ? 14.541  10.052  11.023  1.00 55.74  ? 88  VAL A CB  1 
ATOM   705  C CG1 . VAL A 1 88 ? 15.953  10.282  11.491  1.00 53.49  ? 88  VAL A CG1 1 
ATOM   706  C CG2 . VAL A 1 88 ? 13.778  9.229   12.047  1.00 56.13  ? 88  VAL A CG2 1 
ATOM   707  N N   . HIS A 1 89 ? 14.995  12.152  8.751   1.00 56.49  ? 89  HIS A N   1 
ATOM   708  C CA  . HIS A 1 89 ? 15.929  12.886  7.952   1.00 56.90  ? 89  HIS A CA  1 
ATOM   709  C C   . HIS A 1 89 ? 15.411  13.881  6.931   1.00 58.82  ? 89  HIS A C   1 
ATOM   710  O O   . HIS A 1 89 ? 16.083  14.894  6.675   1.00 57.77  ? 89  HIS A O   1 
ATOM   711  C CB  . HIS A 1 89 ? 16.779  11.915  7.111   1.00 54.71  ? 89  HIS A CB  1 
ATOM   712  C CG  . HIS A 1 89 ? 17.505  10.921  7.951   1.00 59.65  ? 89  HIS A CG  1 
ATOM   713  N ND1 . HIS A 1 89 ? 17.089  9.605   8.096   1.00 58.88  ? 89  HIS A ND1 1 
ATOM   714  C CD2 . HIS A 1 89 ? 18.649  11.053  8.676   1.00 59.61  ? 89  HIS A CD2 1 
ATOM   715  C CE1 . HIS A 1 89 ? 17.957  8.968   8.866   1.00 61.10  ? 89  HIS A CE1 1 
ATOM   716  N NE2 . HIS A 1 89 ? 18.903  9.821   9.237   1.00 60.02  ? 89  HIS A NE2 1 
ATOM   717  N N   . MET A 1 90 ? 14.273  13.591  6.288   1.00 60.56  ? 90  MET A N   1 
ATOM   718  C CA  . MET A 1 90 ? 13.812  14.502  5.255   1.00 61.59  ? 90  MET A CA  1 
ATOM   719  C C   . MET A 1 90 ? 12.751  15.506  5.592   1.00 63.66  ? 90  MET A C   1 
ATOM   720  O O   . MET A 1 90 ? 12.935  16.591  5.009   1.00 64.16  ? 90  MET A O   1 
ATOM   721  C CB  . MET A 1 90 ? 13.504  13.728  3.982   1.00 54.75  ? 90  MET A CB  1 
ATOM   722  C CG  . MET A 1 90 ? 14.763  13.251  3.316   1.00 54.77  ? 90  MET A CG  1 
ATOM   723  S SD  . MET A 1 90 ? 14.441  12.092  1.980   1.00 59.13  ? 90  MET A SD  1 
ATOM   724  C CE  . MET A 1 90 ? 14.660  13.181  0.566   1.00 61.07  ? 90  MET A CE  1 
ATOM   725  N N   . LYS A 1 91 ? 11.726  15.359  6.402   1.00 65.91  ? 91  LYS A N   1 
ATOM   726  C CA  . LYS A 1 91 ? 10.757  16.435  6.590   1.00 70.30  ? 91  LYS A CA  1 
ATOM   727  C C   . LYS A 1 91 ? 11.367  17.765  7.024   1.00 73.62  ? 91  LYS A C   1 
ATOM   728  O O   . LYS A 1 91 ? 10.707  18.401  7.933   1.00 76.78  ? 91  LYS A O   1 
ATOM   729  C CB  . LYS A 1 91 ? 9.540   16.065  7.405   1.00 71.29  ? 91  LYS A CB  1 
ATOM   730  C CG  . LYS A 1 91 ? 9.617   15.550  8.788   1.00 74.95  ? 91  LYS A CG  1 
ATOM   731  C CD  . LYS A 1 91 ? 10.912  15.873  9.515   1.00 77.36  ? 91  LYS A CD  1 
ATOM   732  C CE  . LYS A 1 91 ? 10.681  15.972  11.009  1.00 83.27  ? 91  LYS A CE  1 
ATOM   733  N NZ  . LYS A 1 91 ? 10.392  14.654  11.643  1.00 85.08  ? 91  LYS A NZ  1 
ATOM   734  N N   . PRO B 1 1  ? 11.540  7.548   -11.816 1.00 33.68  ? 1   PRO B N   1 
ATOM   735  C CA  . PRO B 1 1  ? 10.898  6.721   -10.736 1.00 32.89  ? 1   PRO B CA  1 
ATOM   736  C C   . PRO B 1 1  ? 9.938   5.759   -11.360 1.00 33.92  ? 1   PRO B C   1 
ATOM   737  O O   . PRO B 1 1  ? 9.604   5.955   -12.505 1.00 40.60  ? 1   PRO B O   1 
ATOM   738  C CB  . PRO B 1 1  ? 10.341  7.657   -9.747  1.00 32.15  ? 1   PRO B CB  1 
ATOM   739  C CG  . PRO B 1 1  ? 10.972  8.940   -9.991  1.00 34.82  ? 1   PRO B CG  1 
ATOM   740  C CD  . PRO B 1 1  ? 11.903  8.861   -11.185 1.00 36.05  ? 1   PRO B CD  1 
ATOM   741  N N   . SER B 1 2  ? 9.585   4.641   -10.767 1.00 32.21  ? 2   SER B N   1 
ATOM   742  C CA  . SER B 1 2  ? 8.692   3.752   -11.457 1.00 33.73  ? 2   SER B CA  1 
ATOM   743  C C   . SER B 1 2  ? 7.257   4.151   -11.088 1.00 34.56  ? 2   SER B C   1 
ATOM   744  O O   . SER B 1 2  ? 6.992   4.924   -10.158 1.00 36.52  ? 2   SER B O   1 
ATOM   745  C CB  . SER B 1 2  ? 9.003   2.311   -10.994 1.00 26.59  ? 2   SER B CB  1 
ATOM   746  O OG  . SER B 1 2  ? 8.639   2.248   -9.643  1.00 34.51  ? 2   SER B OG  1 
ATOM   747  N N   . GLN B 1 3  ? 6.303   3.415   -11.673 1.00 33.04  ? 3   GLN B N   1 
ATOM   748  C CA  . GLN B 1 3  ? 4.925   3.637   -11.161 1.00 33.60  ? 3   GLN B CA  1 
ATOM   749  C C   . GLN B 1 3  ? 4.813   3.253   -9.704  1.00 30.88  ? 3   GLN B C   1 
ATOM   750  O O   . GLN B 1 3  ? 4.151   3.869   -8.891  1.00 36.43  ? 3   GLN B O   1 
ATOM   751  C CB  . GLN B 1 3  ? 4.016   2.754   -12.012 1.00 37.95  ? 3   GLN B CB  1 
ATOM   752  C CG  . GLN B 1 3  ? 3.481   3.502   -13.247 1.00 43.25  ? 3   GLN B CG  1 
ATOM   753  C CD  . GLN B 1 3  ? 2.453   2.554   -13.910 1.00 50.41  ? 3   GLN B CD  1 
ATOM   754  O OE1 . GLN B 1 3  ? 2.829   1.501   -14.428 1.00 54.26  ? 3   GLN B OE1 1 
ATOM   755  N NE2 . GLN B 1 3  ? 1.183   2.891   -13.805 1.00 51.26  ? 3   GLN B NE2 1 
ATOM   756  N N   . MET B 1 4  ? 5.400   2.154   -9.276  1.00 33.85  ? 4   MET B N   1 
ATOM   757  C CA  . MET B 1 4  ? 5.361   1.640   -7.887  1.00 30.21  ? 4   MET B CA  1 
ATOM   758  C C   . MET B 1 4  ? 5.912   2.686   -6.942  1.00 25.64  ? 4   MET B C   1 
ATOM   759  O O   . MET B 1 4  ? 5.299   3.002   -5.953  1.00 26.20  ? 4   MET B O   1 
ATOM   760  C CB  . MET B 1 4  ? 6.080   0.337   -7.803  1.00 32.88  ? 4   MET B CB  1 
ATOM   761  C CG  . MET B 1 4  ? 5.251   -0.929  -7.949  1.00 37.23  ? 4   MET B CG  1 
ATOM   762  S SD  . MET B 1 4  ? 3.669   -1.011  -7.275  1.00 39.11  ? 4   MET B SD  1 
ATOM   763  C CE  . MET B 1 4  ? 3.552   -1.682  -5.692  1.00 34.94  ? 4   MET B CE  1 
ATOM   764  N N   . GLU B 1 5  ? 7.003   3.335   -7.298  1.00 24.46  ? 5   GLU B N   1 
ATOM   765  C CA  . GLU B 1 5  ? 7.579   4.374   -6.495  1.00 28.90  ? 5   GLU B CA  1 
ATOM   766  C C   . GLU B 1 5  ? 6.695   5.604   -6.405  1.00 31.31  ? 5   GLU B C   1 
ATOM   767  O O   . GLU B 1 5  ? 6.553   6.073   -5.274  1.00 33.34  ? 5   GLU B O   1 
ATOM   768  C CB  . GLU B 1 5  ? 8.956   4.837   -7.040  1.00 30.99  ? 5   GLU B CB  1 
ATOM   769  C CG  . GLU B 1 5  ? 9.982   3.709   -6.907  1.00 32.68  ? 5   GLU B CG  1 
ATOM   770  C CD  . GLU B 1 5  ? 11.303  4.111   -7.560  1.00 38.37  ? 5   GLU B CD  1 
ATOM   771  O OE1 . GLU B 1 5  ? 11.349  4.794   -8.599  1.00 38.93  ? 5   GLU B OE1 1 
ATOM   772  O OE2 . GLU B 1 5  ? 12.364  3.733   -7.041  1.00 40.20  ? 5   GLU B OE2 1 
ATOM   773  N N   . HIS B 1 6  ? 6.007   5.979   -7.539  1.00 30.78  ? 6   HIS B N   1 
ATOM   774  C CA  . HIS B 1 6  ? 5.061   7.105   -7.460  1.00 24.58  ? 6   HIS B CA  1 
ATOM   775  C C   . HIS B 1 6  ? 3.916   6.702   -6.598  1.00 23.49  ? 6   HIS B C   1 
ATOM   776  O O   . HIS B 1 6  ? 3.478   7.512   -5.805  1.00 26.38  ? 6   HIS B O   1 
ATOM   777  C CB  . HIS B 1 6  ? 4.478   7.500   -8.814  1.00 28.50  ? 6   HIS B CB  1 
ATOM   778  C CG  . HIS B 1 6  ? 5.416   8.418   -9.543  1.00 17.28  ? 6   HIS B CG  1 
ATOM   779  N ND1 . HIS B 1 6  ? 5.394   9.767   -9.248  1.00 19.11  ? 6   HIS B ND1 1 
ATOM   780  C CD2 . HIS B 1 6  ? 6.351   8.145   -10.437 1.00 16.03  ? 6   HIS B CD2 1 
ATOM   781  C CE1 . HIS B 1 6  ? 6.365   10.346  -10.001 1.00 19.74  ? 6   HIS B CE1 1 
ATOM   782  N NE2 . HIS B 1 6  ? 6.942   9.391   -10.724 1.00 24.92  ? 6   HIS B NE2 1 
ATOM   783  N N   . ALA B 1 7  ? 3.476   5.462   -6.736  1.00 20.24  ? 7   ALA B N   1 
ATOM   784  C CA  . ALA B 1 7  ? 2.372   5.099   -5.856  1.00 24.18  ? 7   ALA B CA  1 
ATOM   785  C C   . ALA B 1 7  ? 2.722   5.132   -4.406  1.00 27.31  ? 7   ALA B C   1 
ATOM   786  O O   . ALA B 1 7  ? 1.817   5.373   -3.553  1.00 33.08  ? 7   ALA B O   1 
ATOM   787  C CB  . ALA B 1 7  ? 1.797   3.728   -6.250  1.00 20.78  ? 7   ALA B CB  1 
ATOM   788  N N   . MET B 1 8  ? 3.920   4.726   -4.048  1.00 29.07  ? 8   MET B N   1 
ATOM   789  C CA  . MET B 1 8  ? 4.327   4.578   -2.586  1.00 28.19  ? 8   MET B CA  1 
ATOM   790  C C   . MET B 1 8  ? 4.477   5.986   -2.052  1.00 25.15  ? 8   MET B C   1 
ATOM   791  O O   . MET B 1 8  ? 4.079   6.310   -0.972  1.00 27.53  ? 8   MET B O   1 
ATOM   792  C CB  . MET B 1 8  ? 5.716   3.862   -2.549  1.00 25.67  ? 8   MET B CB  1 
ATOM   793  C CG  . MET B 1 8  ? 5.566   2.364   -2.663  1.00 27.31  ? 8   MET B CG  1 
ATOM   794  S SD  . MET B 1 8  ? 7.118   1.473   -3.034  1.00 35.98  ? 8   MET B SD  1 
ATOM   795  C CE  . MET B 1 8  ? 8.011   1.922   -1.477  1.00 21.92  ? 8   MET B CE  1 
ATOM   796  N N   . GLU B 1 9  ? 5.085   6.854   -2.854  1.00 25.11  ? 9   GLU B N   1 
ATOM   797  C CA  . GLU B 1 9  ? 5.210   8.228   -2.463  1.00 29.77  ? 9   GLU B CA  1 
ATOM   798  C C   . GLU B 1 9  ? 3.814   8.854   -2.263  1.00 31.50  ? 9   GLU B C   1 
ATOM   799  O O   . GLU B 1 9  ? 3.630   9.435   -1.207  1.00 34.41  ? 9   GLU B O   1 
ATOM   800  C CB  . GLU B 1 9  ? 5.916   9.068   -3.546  1.00 29.67  ? 9   GLU B CB  1 
ATOM   801  C CG  . GLU B 1 9  ? 6.149   10.513  -3.090  1.00 34.43  ? 9   GLU B CG  1 
ATOM   802  C CD  . GLU B 1 9  ? 7.246   11.181  -3.880  1.00 43.47  ? 9   GLU B CD  1 
ATOM   803  O OE1 . GLU B 1 9  ? 8.333   10.563  -4.093  1.00 45.89  ? 9   GLU B OE1 1 
ATOM   804  O OE2 . GLU B 1 9  ? 7.121   12.356  -4.358  1.00 47.84  ? 9   GLU B OE2 1 
ATOM   805  N N   . THR B 1 10 ? 2.830   8.624   -3.178  1.00 29.84  ? 10  THR B N   1 
ATOM   806  C CA  . THR B 1 10 ? 1.569   9.264   -3.024  1.00 29.14  ? 10  THR B CA  1 
ATOM   807  C C   . THR B 1 10 ? 0.950   8.831   -1.719  1.00 29.57  ? 10  THR B C   1 
ATOM   808  O O   . THR B 1 10 ? 0.488   9.761   -1.105  1.00 29.11  ? 10  THR B O   1 
ATOM   809  C CB  . THR B 1 10 ? 0.529   9.446   -4.161  1.00 28.10  ? 10  THR B CB  1 
ATOM   810  O OG1 . THR B 1 10 ? -0.639  8.670   -4.019  1.00 29.26  ? 10  THR B OG1 1 
ATOM   811  C CG2 . THR B 1 10 ? 1.077   9.289   -5.528  1.00 19.89  ? 10  THR B CG2 1 
ATOM   812  N N   . MET B 1 11 ? 0.990   7.588   -1.309  1.00 32.42  ? 11  MET B N   1 
ATOM   813  C CA  . MET B 1 11 ? 0.453   7.114   -0.067  1.00 32.99  ? 11  MET B CA  1 
ATOM   814  C C   . MET B 1 11 ? 1.198   7.681   1.133   1.00 39.35  ? 11  MET B C   1 
ATOM   815  O O   . MET B 1 11 ? 0.566   7.800   2.196   1.00 43.02  ? 11  MET B O   1 
ATOM   816  C CB  . MET B 1 11 ? 0.350   5.603   0.063   1.00 31.87  ? 11  MET B CB  1 
ATOM   817  C CG  . MET B 1 11 ? -0.026  4.810   -1.203  1.00 30.29  ? 11  MET B CG  1 
ATOM   818  S SD  . MET B 1 11 ? -0.450  3.119   -0.728  1.00 39.23  ? 11  MET B SD  1 
ATOM   819  C CE  . MET B 1 11 ? -1.448  2.488   -2.057  1.00 44.74  ? 11  MET B CE  1 
ATOM   820  N N   . MET B 1 12 ? 2.488   7.971   1.046   1.00 40.44  ? 12  MET B N   1 
ATOM   821  C CA  . MET B 1 12 ? 3.267   8.520   2.125   1.00 39.82  ? 12  MET B CA  1 
ATOM   822  C C   . MET B 1 12 ? 2.894   9.999   2.319   1.00 39.09  ? 12  MET B C   1 
ATOM   823  O O   . MET B 1 12 ? 2.706   10.491  3.429   1.00 37.22  ? 12  MET B O   1 
ATOM   824  C CB  . MET B 1 12 ? 4.788   8.561   1.735   1.00 41.61  ? 12  MET B CB  1 
ATOM   825  C CG  . MET B 1 12 ? 5.733   8.404   2.916   1.00 44.68  ? 12  MET B CG  1 
ATOM   826  S SD  . MET B 1 12 ? 7.441   8.080   2.422   1.00 47.64  ? 12  MET B SD  1 
ATOM   827  C CE  . MET B 1 12 ? 8.034   9.707   2.110   1.00 38.57  ? 12  MET B CE  1 
ATOM   828  N N   . PHE B 1 13 ? 2.883   10.709  1.188   1.00 37.50  ? 13  PHE B N   1 
ATOM   829  C CA  . PHE B 1 13 ? 2.566   12.132  1.205   1.00 39.35  ? 13  PHE B CA  1 
ATOM   830  C C   . PHE B 1 13 ? 1.109   12.409  1.612   1.00 40.95  ? 13  PHE B C   1 
ATOM   831  O O   . PHE B 1 13 ? 0.937   13.430  2.287   1.00 42.28  ? 13  PHE B O   1 
ATOM   832  C CB  . PHE B 1 13 ? 2.951   12.784  -0.082  1.00 41.15  ? 13  PHE B CB  1 
ATOM   833  C CG  . PHE B 1 13 ? 4.359   13.060  -0.413  1.00 46.49  ? 13  PHE B CG  1 
ATOM   834  C CD1 . PHE B 1 13 ? 5.395   12.833  0.514   1.00 53.35  ? 13  PHE B CD1 1 
ATOM   835  C CD2 . PHE B 1 13 ? 4.726   13.587  -1.635  1.00 50.50  ? 13  PHE B CD2 1 
ATOM   836  C CE1 . PHE B 1 13 ? 6.713   13.094  0.237   1.00 53.53  ? 13  PHE B CE1 1 
ATOM   837  C CE2 . PHE B 1 13 ? 6.049   13.873  -1.948  1.00 56.53  ? 13  PHE B CE2 1 
ATOM   838  C CZ  . PHE B 1 13 ? 7.057   13.630  -1.007  1.00 56.88  ? 13  PHE B CZ  1 
ATOM   839  N N   . THR B 1 14 ? 0.170   11.523  1.371   1.00 40.60  ? 14  THR B N   1 
ATOM   840  C CA  . THR B 1 14 ? -1.220  11.564  1.691   1.00 43.22  ? 14  THR B CA  1 
ATOM   841  C C   . THR B 1 14 ? -1.380  11.607  3.207   1.00 42.91  ? 14  THR B C   1 
ATOM   842  O O   . THR B 1 14 ? -2.008  12.501  3.768   1.00 42.84  ? 14  THR B O   1 
ATOM   843  C CB  . THR B 1 14 ? -2.102  10.371  1.217   1.00 42.80  ? 14  THR B CB  1 
ATOM   844  O OG1 . THR B 1 14 ? -2.145  10.301  -0.201  1.00 48.71  ? 14  THR B OG1 1 
ATOM   845  C CG2 . THR B 1 14 ? -3.581  10.531  1.572   1.00 40.89  ? 14  THR B CG2 1 
ATOM   846  N N   . PHE B 1 15 ? -0.892  10.528  3.819   1.00 42.60  ? 15  PHE B N   1 
ATOM   847  C CA  . PHE B 1 15 ? -0.886  10.465  5.281   1.00 43.36  ? 15  PHE B CA  1 
ATOM   848  C C   . PHE B 1 15 ? -0.271  11.770  5.868   1.00 43.32  ? 15  PHE B C   1 
ATOM   849  O O   . PHE B 1 15 ? -0.854  12.326  6.758   1.00 40.18  ? 15  PHE B O   1 
ATOM   850  C CB  . PHE B 1 15 ? 0.038   9.331   5.769   1.00 41.48  ? 15  PHE B CB  1 
ATOM   851  C CG  . PHE B 1 15 ? 0.251   9.316   7.275   1.00 37.88  ? 15  PHE B CG  1 
ATOM   852  C CD1 . PHE B 1 15 ? 1.307   10.024  7.845   1.00 32.05  ? 15  PHE B CD1 1 
ATOM   853  C CD2 . PHE B 1 15 ? -0.586  8.575   8.081   1.00 32.73  ? 15  PHE B CD2 1 
ATOM   854  C CE1 . PHE B 1 15 ? 1.480   9.961   9.215   1.00 31.45  ? 15  PHE B CE1 1 
ATOM   855  C CE2 . PHE B 1 15 ? -0.414  8.543   9.457   1.00 34.38  ? 15  PHE B CE2 1 
ATOM   856  C CZ  . PHE B 1 15 ? 0.645   9.246   10.020  1.00 27.96  ? 15  PHE B CZ  1 
ATOM   857  N N   . HIS B 1 16 ? 0.884   12.238  5.364   1.00 43.26  ? 16  HIS B N   1 
ATOM   858  C CA  . HIS B 1 16 ? 1.450   13.404  5.994   1.00 49.12  ? 16  HIS B CA  1 
ATOM   859  C C   . HIS B 1 16 ? 0.579   14.635  5.906   1.00 53.43  ? 16  HIS B C   1 
ATOM   860  O O   . HIS B 1 16 ? 0.477   15.426  6.855   1.00 54.52  ? 16  HIS B O   1 
ATOM   861  C CB  . HIS B 1 16 ? 2.891   13.683  5.563   1.00 46.31  ? 16  HIS B CB  1 
ATOM   862  C CG  . HIS B 1 16 ? 3.797   12.654  6.191   1.00 52.34  ? 16  HIS B CG  1 
ATOM   863  N ND1 . HIS B 1 16 ? 4.046   12.625  7.541   1.00 57.19  ? 16  HIS B ND1 1 
ATOM   864  C CD2 . HIS B 1 16 ? 4.485   11.607  5.682   1.00 53.68  ? 16  HIS B CD2 1 
ATOM   865  C CE1 . HIS B 1 16 ? 4.839   11.625  7.864   1.00 53.90  ? 16  HIS B CE1 1 
ATOM   866  N NE2 . HIS B 1 16 ? 5.106   10.994  6.741   1.00 56.70  ? 16  HIS B NE2 1 
ATOM   867  N N   . LYS B 1 17 ? -0.086  14.776  4.774   1.00 56.54  ? 17  LYS B N   1 
ATOM   868  C CA  . LYS B 1 17 ? -0.917  15.861  4.353   1.00 55.68  ? 17  LYS B CA  1 
ATOM   869  C C   . LYS B 1 17 ? -2.062  16.037  5.360   1.00 54.56  ? 17  LYS B C   1 
ATOM   870  O O   . LYS B 1 17 ? -2.410  17.160  5.658   1.00 55.13  ? 17  LYS B O   1 
ATOM   871  C CB  . LYS B 1 17 ? -1.602  15.480  3.030   1.00 60.22  ? 17  LYS B CB  1 
ATOM   872  C CG  . LYS B 1 17 ? -1.384  16.268  1.771   1.00 62.17  ? 17  LYS B CG  1 
ATOM   873  C CD  . LYS B 1 17 ? -1.598  15.327  0.554   1.00 63.56  ? 17  LYS B CD  1 
ATOM   874  C CE  . LYS B 1 17 ? -0.449  15.409  -0.436  1.00 66.80  ? 17  LYS B CE  1 
ATOM   875  N NZ  . LYS B 1 17 ? -0.630  14.448  -1.573  1.00 73.27  ? 17  LYS B NZ  1 
ATOM   876  N N   . PHE B 1 18 ? -2.607  14.926  5.795   1.00 51.72  ? 18  PHE B N   1 
ATOM   877  C CA  . PHE B 1 18 ? -3.726  14.982  6.713   1.00 56.91  ? 18  PHE B CA  1 
ATOM   878  C C   . PHE B 1 18 ? -3.296  14.903  8.166   1.00 61.53  ? 18  PHE B C   1 
ATOM   879  O O   . PHE B 1 18 ? -4.120  15.030  9.096   1.00 61.89  ? 18  PHE B O   1 
ATOM   880  C CB  . PHE B 1 18 ? -4.743  13.868  6.330   1.00 51.93  ? 18  PHE B CB  1 
ATOM   881  C CG  . PHE B 1 18 ? -5.366  14.114  4.968   1.00 57.61  ? 18  PHE B CG  1 
ATOM   882  C CD1 . PHE B 1 18 ? -6.356  15.100  4.802   1.00 56.43  ? 18  PHE B CD1 1 
ATOM   883  C CD2 . PHE B 1 18 ? -4.969  13.422  3.835   1.00 55.84  ? 18  PHE B CD2 1 
ATOM   884  C CE1 . PHE B 1 18 ? -6.914  15.327  3.560   1.00 55.62  ? 18  PHE B CE1 1 
ATOM   885  C CE2 . PHE B 1 18 ? -5.480  13.658  2.568   1.00 51.88  ? 18  PHE B CE2 1 
ATOM   886  C CZ  . PHE B 1 18 ? -6.475  14.620  2.442   1.00 55.75  ? 18  PHE B CZ  1 
ATOM   887  N N   . ALA B 1 19 ? -1.994  14.605  8.390   1.00 63.00  ? 19  ALA B N   1 
ATOM   888  C CA  . ALA B 1 19 ? -1.566  14.347  9.755   1.00 64.83  ? 19  ALA B CA  1 
ATOM   889  C C   . ALA B 1 19 ? -1.009  15.613  10.369  1.00 66.82  ? 19  ALA B C   1 
ATOM   890  O O   . ALA B 1 19 ? -1.188  15.847  11.565  1.00 66.49  ? 19  ALA B O   1 
ATOM   891  C CB  . ALA B 1 19 ? -0.698  13.118  9.850   1.00 62.99  ? 19  ALA B CB  1 
ATOM   892  N N   . GLY B 1 20 ? -0.368  16.454  9.568   1.00 68.48  ? 20  GLY B N   1 
ATOM   893  C CA  . GLY B 1 20 ? 0.153   17.696  10.152  1.00 70.69  ? 20  GLY B CA  1 
ATOM   894  C C   . GLY B 1 20 ? 1.521   17.515  10.747  1.00 72.23  ? 20  GLY B C   1 
ATOM   895  O O   . GLY B 1 20 ? 2.188   16.527  10.454  1.00 72.47  ? 20  GLY B O   1 
ATOM   896  N N   . ASP B 1 21 ? 1.999   18.517  11.489  1.00 73.85  ? 21  ASP B N   1 
ATOM   897  C CA  . ASP B 1 21 ? 3.350   18.424  12.089  1.00 72.96  ? 21  ASP B CA  1 
ATOM   898  C C   . ASP B 1 21 ? 3.295   17.392  13.195  1.00 71.47  ? 21  ASP B C   1 
ATOM   899  O O   . ASP B 1 21 ? 4.217   16.608  13.402  1.00 70.65  ? 21  ASP B O   1 
ATOM   900  C CB  . ASP B 1 21 ? 3.798   19.783  12.568  1.00 78.59  ? 21  ASP B CB  1 
ATOM   901  C CG  . ASP B 1 21 ? 5.077   20.305  11.960  1.00 83.56  ? 21  ASP B CG  1 
ATOM   902  O OD1 . ASP B 1 21 ? 5.096   20.711  10.774  1.00 84.21  ? 21  ASP B OD1 1 
ATOM   903  O OD2 . ASP B 1 21 ? 6.105   20.321  12.693  1.00 87.10  ? 21  ASP B OD2 1 
ATOM   904  N N   . LYS B 1 22 ? 2.145   17.238  13.872  1.00 69.90  ? 22  LYS B N   1 
ATOM   905  C CA  . LYS B 1 22 ? 1.966   16.246  14.908  1.00 68.20  ? 22  LYS B CA  1 
ATOM   906  C C   . LYS B 1 22 ? 2.342   14.832  14.468  1.00 67.50  ? 22  LYS B C   1 
ATOM   907  O O   . LYS B 1 22 ? 2.378   13.958  15.364  1.00 67.97  ? 22  LYS B O   1 
ATOM   908  C CB  . LYS B 1 22 ? 0.570   16.169  15.518  1.00 64.78  ? 22  LYS B CB  1 
ATOM   909  C CG  . LYS B 1 22 ? -0.623  16.692  14.783  1.00 64.48  ? 22  LYS B CG  1 
ATOM   910  C CD  . LYS B 1 22 ? -1.918  16.014  15.228  1.00 64.34  ? 22  LYS B CD  1 
ATOM   911  C CE  . LYS B 1 22 ? -2.915  15.942  14.069  1.00 66.32  ? 22  LYS B CE  1 
ATOM   912  N NZ  . LYS B 1 22 ? -4.028  14.994  14.390  1.00 67.34  ? 22  LYS B NZ  1 
ATOM   913  N N   . GLY B 1 23 ? 2.517   14.525  13.202  1.00 66.59  ? 23  GLY B N   1 
ATOM   914  C CA  . GLY B 1 23 ? 2.878   13.240  12.677  1.00 65.06  ? 23  GLY B CA  1 
ATOM   915  C C   . GLY B 1 23 ? 1.903   12.096  12.816  1.00 63.15  ? 23  GLY B C   1 
ATOM   916  O O   . GLY B 1 23 ? 2.281   10.939  12.558  1.00 63.66  ? 23  GLY B O   1 
ATOM   917  N N   . TYR B 1 24 ? 0.663   12.296  13.218  1.00 60.56  ? 24  TYR B N   1 
ATOM   918  C CA  . TYR B 1 24 ? -0.290  11.181  13.310  1.00 58.87  ? 24  TYR B CA  1 
ATOM   919  C C   . TYR B 1 24 ? -1.683  11.763  12.974  1.00 58.61  ? 24  TYR B C   1 
ATOM   920  O O   . TYR B 1 24 ? -1.783  12.993  12.789  1.00 57.23  ? 24  TYR B O   1 
ATOM   921  C CB  . TYR B 1 24 ? -0.344  10.560  14.680  1.00 58.30  ? 24  TYR B CB  1 
ATOM   922  C CG  . TYR B 1 24 ? -0.736  11.599  15.721  1.00 62.19  ? 24  TYR B CG  1 
ATOM   923  C CD1 . TYR B 1 24 ? 0.231   12.399  16.315  1.00 63.14  ? 24  TYR B CD1 1 
ATOM   924  C CD2 . TYR B 1 24 ? -2.071  11.781  16.073  1.00 63.99  ? 24  TYR B CD2 1 
ATOM   925  C CE1 . TYR B 1 24 ? -0.118  13.351  17.246  1.00 67.44  ? 24  TYR B CE1 1 
ATOM   926  C CE2 . TYR B 1 24 ? -2.429  12.739  16.993  1.00 67.26  ? 24  TYR B CE2 1 
ATOM   927  C CZ  . TYR B 1 24 ? -1.447  13.509  17.594  1.00 69.33  ? 24  TYR B CZ  1 
ATOM   928  O OH  . TYR B 1 24 ? -1.814  14.459  18.529  1.00 71.96  ? 24  TYR B OH  1 
ATOM   929  N N   . LEU B 1 25 ? -2.708  10.935  12.968  1.00 56.03  ? 25  LEU B N   1 
ATOM   930  C CA  . LEU B 1 25 ? -3.997  11.544  12.678  1.00 58.32  ? 25  LEU B CA  1 
ATOM   931  C C   . LEU B 1 25 ? -5.040  11.223  13.716  1.00 60.74  ? 25  LEU B C   1 
ATOM   932  O O   . LEU B 1 25 ? -5.129  10.138  14.300  1.00 60.43  ? 25  LEU B O   1 
ATOM   933  C CB  . LEU B 1 25 ? -4.370  11.254  11.217  1.00 58.51  ? 25  LEU B CB  1 
ATOM   934  C CG  . LEU B 1 25 ? -4.677  9.845   10.798  1.00 61.02  ? 25  LEU B CG  1 
ATOM   935  C CD1 . LEU B 1 25 ? -6.120  9.485   11.099  1.00 64.04  ? 25  LEU B CD1 1 
ATOM   936  C CD2 . LEU B 1 25 ? -4.356  9.553   9.345   1.00 61.29  ? 25  LEU B CD2 1 
ATOM   937  N N   . THR B 1 26 ? -5.911  12.204  14.005  1.00 63.53  ? 26  THR B N   1 
ATOM   938  C CA  . THR B 1 26 ? -6.978  11.944  14.993  1.00 66.71  ? 26  THR B CA  1 
ATOM   939  C C   . THR B 1 26 ? -8.176  11.421  14.207  1.00 67.49  ? 26  THR B C   1 
ATOM   940  O O   . THR B 1 26 ? -8.067  11.368  12.961  1.00 66.92  ? 26  THR B O   1 
ATOM   941  C CB  . THR B 1 26 ? -7.332  13.187  15.807  1.00 69.66  ? 26  THR B CB  1 
ATOM   942  O OG1 . THR B 1 26 ? -6.139  13.958  16.084  1.00 69.05  ? 26  THR B OG1 1 
ATOM   943  C CG2 . THR B 1 26 ? -7.967  12.792  17.156  1.00 69.90  ? 26  THR B CG2 1 
ATOM   944  N N   . LYS B 1 27 ? -9.288  11.090  14.852  1.00 67.13  ? 27  LYS B N   1 
ATOM   945  C CA  . LYS B 1 27 ? -10.454 10.611  14.102  1.00 69.00  ? 27  LYS B CA  1 
ATOM   946  C C   . LYS B 1 27 ? -10.988 11.724  13.195  1.00 69.83  ? 27  LYS B C   1 
ATOM   947  O O   . LYS B 1 27 ? -11.461 11.525  12.081  1.00 69.42  ? 27  LYS B O   1 
ATOM   948  C CB  . LYS B 1 27 ? -11.497 10.006  15.019  1.00 70.37  ? 27  LYS B CB  1 
ATOM   949  C CG  . LYS B 1 27 ? -12.735 10.832  15.261  1.00 76.33  ? 27  LYS B CG  1 
ATOM   950  C CD  . LYS B 1 27 ? -13.805 10.178  16.113  1.00 79.81  ? 27  LYS B CD  1 
ATOM   951  C CE  . LYS B 1 27 ? -13.413 10.001  17.572  1.00 80.37  ? 27  LYS B CE  1 
ATOM   952  N NZ  . LYS B 1 27 ? -13.754 11.151  18.442  1.00 78.27  ? 27  LYS B NZ  1 
ATOM   953  N N   . GLU B 1 28 ? -10.783 12.975  13.566  1.00 69.34  ? 28  GLU B N   1 
ATOM   954  C CA  . GLU B 1 28 ? -11.174 14.161  12.854  1.00 70.63  ? 28  GLU B CA  1 
ATOM   955  C C   . GLU B 1 28 ? -10.415 14.263  11.533  1.00 69.97  ? 28  GLU B C   1 
ATOM   956  O O   . GLU B 1 28 ? -10.796 14.910  10.540  1.00 71.66  ? 28  GLU B O   1 
ATOM   957  C CB  . GLU B 1 28 ? -10.904 15.393  13.733  1.00 75.29  ? 28  GLU B CB  1 
ATOM   958  C CG  . GLU B 1 28 ? -10.798 15.067  15.242  1.00 78.54  ? 28  GLU B CG  1 
ATOM   959  C CD  . GLU B 1 28 ? -12.036 14.318  15.738  1.00 80.96  ? 28  GLU B CD  1 
ATOM   960  O OE1 . GLU B 1 28 ? -13.115 14.473  15.103  1.00 80.41  ? 28  GLU B OE1 1 
ATOM   961  O OE2 . GLU B 1 28 ? -11.907 13.558  16.728  1.00 79.64  ? 28  GLU B OE2 1 
ATOM   962  N N   . ASP B 1 29 ? -9.268  13.612  11.528  1.00 66.08  ? 29  ASP B N   1 
ATOM   963  C CA  . ASP B 1 29 ? -8.382  13.555  10.398  1.00 61.98  ? 29  ASP B CA  1 
ATOM   964  C C   . ASP B 1 29 ? -8.700  12.375  9.498   1.00 58.29  ? 29  ASP B C   1 
ATOM   965  O O   . ASP B 1 29 ? -8.584  12.467  8.295   1.00 57.11  ? 29  ASP B O   1 
ATOM   966  C CB  . ASP B 1 29 ? -6.962  13.442  10.952  1.00 65.12  ? 29  ASP B CB  1 
ATOM   967  C CG  . ASP B 1 29 ? -6.662  14.736  11.682  1.00 67.85  ? 29  ASP B CG  1 
ATOM   968  O OD1 . ASP B 1 29 ? -7.368  15.002  12.674  1.00 74.99  ? 29  ASP B OD1 1 
ATOM   969  O OD2 . ASP B 1 29 ? -5.771  15.454  11.251  1.00 70.82  ? 29  ASP B OD2 1 
ATOM   970  N N   . LEU B 1 30 ? -9.101  11.273  10.093  1.00 56.39  ? 30  LEU B N   1 
ATOM   971  C CA  . LEU B 1 30 ? -9.414  10.079  9.316   1.00 56.27  ? 30  LEU B CA  1 
ATOM   972  C C   . LEU B 1 30 ? -10.603 10.390  8.416   1.00 57.11  ? 30  LEU B C   1 
ATOM   973  O O   . LEU B 1 30 ? -10.430 10.309  7.183   1.00 57.84  ? 30  LEU B O   1 
ATOM   974  C CB  . LEU B 1 30 ? -9.529  8.854   10.175  1.00 50.13  ? 30  LEU B CB  1 
ATOM   975  C CG  . LEU B 1 30 ? -9.699  7.512   9.511   1.00 48.68  ? 30  LEU B CG  1 
ATOM   976  C CD1 . LEU B 1 30 ? -8.507  7.142   8.647   1.00 43.01  ? 30  LEU B CD1 1 
ATOM   977  C CD2 . LEU B 1 30 ? -10.027 6.439   10.547  1.00 51.00  ? 30  LEU B CD2 1 
ATOM   978  N N   . ARG B 1 31 ? -11.702 10.855  8.970   1.00 57.44  ? 31  ARG B N   1 
ATOM   979  C CA  . ARG B 1 31 ? -12.889 11.288  8.271   1.00 59.18  ? 31  ARG B CA  1 
ATOM   980  C C   . ARG B 1 31 ? -12.609 12.190  7.063   1.00 57.17  ? 31  ARG B C   1 
ATOM   981  O O   . ARG B 1 31 ? -13.054 11.955  5.934   1.00 58.34  ? 31  ARG B O   1 
ATOM   982  C CB  . ARG B 1 31 ? -13.744 12.175  9.200   1.00 66.44  ? 31  ARG B CB  1 
ATOM   983  C CG  . ARG B 1 31 ? -14.904 11.466  9.895   1.00 73.85  ? 31  ARG B CG  1 
ATOM   984  C CD  . ARG B 1 31 ? -15.907 12.521  10.408  1.00 78.58  ? 31  ARG B CD  1 
ATOM   985  N NE  . ARG B 1 31 ? -16.252 13.428  9.308   1.00 81.86  ? 31  ARG B NE  1 
ATOM   986  C CZ  . ARG B 1 31 ? -15.786 14.676  9.202   1.00 82.50  ? 31  ARG B CZ  1 
ATOM   987  N NH1 . ARG B 1 31 ? -14.957 15.135  10.140  1.00 83.07  ? 31  ARG B NH1 1 
ATOM   988  N NH2 . ARG B 1 31 ? -16.145 15.407  8.165   1.00 80.58  ? 31  ARG B NH2 1 
ATOM   989  N N   . VAL B 1 32 ? -11.869 13.257  7.297   1.00 53.46  ? 32  VAL B N   1 
ATOM   990  C CA  . VAL B 1 32 ? -11.583 14.161  6.212   1.00 53.90  ? 32  VAL B CA  1 
ATOM   991  C C   . VAL B 1 32 ? -10.818 13.472  5.113   1.00 55.71  ? 32  VAL B C   1 
ATOM   992  O O   . VAL B 1 32 ? -11.177 13.533  3.911   1.00 56.05  ? 32  VAL B O   1 
ATOM   993  C CB  . VAL B 1 32 ? -10.933 15.436  6.728   1.00 55.19  ? 32  VAL B CB  1 
ATOM   994  C CG1 . VAL B 1 32 ? -10.427 16.327  5.616   1.00 57.99  ? 32  VAL B CG1 1 
ATOM   995  C CG2 . VAL B 1 32 ? -12.002 16.178  7.534   1.00 59.80  ? 32  VAL B CG2 1 
ATOM   996  N N   . LEU B 1 33 ? -9.795  12.719  5.515   1.00 54.61  ? 33  LEU B N   1 
ATOM   997  C CA  . LEU B 1 33 ? -8.897  11.973  4.670   1.00 50.05  ? 33  LEU B CA  1 
ATOM   998  C C   . LEU B 1 33 ? -9.764  11.109  3.744   1.00 50.33  ? 33  LEU B C   1 
ATOM   999  O O   . LEU B 1 33 ? -9.644  11.076  2.529   1.00 50.39  ? 33  LEU B O   1 
ATOM   1000 C CB  . LEU B 1 33 ? -8.074  11.079  5.586   1.00 51.48  ? 33  LEU B CB  1 
ATOM   1001 C CG  . LEU B 1 33 ? -7.110  9.991   5.167   1.00 48.80  ? 33  LEU B CG  1 
ATOM   1002 C CD1 . LEU B 1 33 ? -7.452  9.253   3.912   1.00 31.80  ? 33  LEU B CD1 1 
ATOM   1003 C CD2 . LEU B 1 33 ? -5.682  10.564  5.078   1.00 50.12  ? 33  LEU B CD2 1 
ATOM   1004 N N   . MET B 1 34 ? -10.635 10.383  4.399   1.00 49.99  ? 34  MET B N   1 
ATOM   1005 C CA  . MET B 1 34 ? -11.552 9.456   3.816   1.00 55.13  ? 34  MET B CA  1 
ATOM   1006 C C   . MET B 1 34 ? -12.587 10.135  2.925   1.00 57.74  ? 34  MET B C   1 
ATOM   1007 O O   . MET B 1 34 ? -13.126 9.522   2.012   1.00 58.06  ? 34  MET B O   1 
ATOM   1008 C CB  . MET B 1 34 ? -12.275 8.718   4.962   1.00 59.11  ? 34  MET B CB  1 
ATOM   1009 C CG  . MET B 1 34 ? -11.246 7.822   5.731   1.00 58.45  ? 34  MET B CG  1 
ATOM   1010 S SD  . MET B 1 34 ? -11.571 6.134   5.221   1.00 59.98  ? 34  MET B SD  1 
ATOM   1011 C CE  . MET B 1 34 ? -12.782 5.684   6.454   1.00 63.89  ? 34  MET B CE  1 
ATOM   1012 N N   . GLU B 1 35 ? -12.856 11.392  3.254   1.00 58.23  ? 35  GLU B N   1 
ATOM   1013 C CA  . GLU B 1 35 ? -13.832 12.153  2.501   1.00 59.62  ? 35  GLU B CA  1 
ATOM   1014 C C   . GLU B 1 35 ? -13.187 12.608  1.208   1.00 57.19  ? 35  GLU B C   1 
ATOM   1015 O O   . GLU B 1 35 ? -13.682 12.284  0.136   1.00 60.07  ? 35  GLU B O   1 
ATOM   1016 C CB  . GLU B 1 35 ? -14.320 13.322  3.371   1.00 63.79  ? 35  GLU B CB  1 
ATOM   1017 C CG  . GLU B 1 35 ? -15.500 12.885  4.242   1.00 65.57  ? 35  GLU B CG  1 
ATOM   1018 C CD  . GLU B 1 35 ? -15.859 13.947  5.259   1.00 65.93  ? 35  GLU B CD  1 
ATOM   1019 O OE1 . GLU B 1 35 ? -15.102 14.933  5.387   1.00 69.54  ? 35  GLU B OE1 1 
ATOM   1020 O OE2 . GLU B 1 35 ? -16.898 13.776  5.917   1.00 66.63  ? 35  GLU B OE2 1 
ATOM   1021 N N   . LYS B 1 36 ? -12.072 13.317  1.316   1.00 52.83  ? 36  LYS B N   1 
ATOM   1022 C CA  . LYS B 1 36 ? -11.388 13.774  0.143   1.00 49.67  ? 36  LYS B CA  1 
ATOM   1023 C C   . LYS B 1 36 ? -10.651 12.719  -0.652  1.00 50.22  ? 36  LYS B C   1 
ATOM   1024 O O   . LYS B 1 36 ? -10.418 13.014  -1.834  1.00 48.68  ? 36  LYS B O   1 
ATOM   1025 C CB  . LYS B 1 36 ? -10.486 14.931  0.532   1.00 53.76  ? 36  LYS B CB  1 
ATOM   1026 C CG  . LYS B 1 36 ? -11.254 16.115  1.135   1.00 59.82  ? 36  LYS B CG  1 
ATOM   1027 C CD  . LYS B 1 36 ? -10.515 17.407  0.812   1.00 64.96  ? 36  LYS B CD  1 
ATOM   1028 C CE  . LYS B 1 36 ? -10.766 18.484  1.866   1.00 70.20  ? 36  LYS B CE  1 
ATOM   1029 N NZ  . LYS B 1 36 ? -11.013 19.831  1.238   1.00 70.46  ? 36  LYS B NZ  1 
ATOM   1030 N N   . GLU B 1 37 ? -10.304 11.520  -0.131  1.00 49.14  ? 37  GLU B N   1 
ATOM   1031 C CA  . GLU B 1 37 ? -9.553  10.570  -0.929  1.00 50.69  ? 37  GLU B CA  1 
ATOM   1032 C C   . GLU B 1 37 ? -10.299 9.357   -1.432  1.00 50.56  ? 37  GLU B C   1 
ATOM   1033 O O   . GLU B 1 37 ? -9.870  8.707   -2.383  1.00 48.94  ? 37  GLU B O   1 
ATOM   1034 C CB  . GLU B 1 37 ? -8.267  10.101  -0.199  1.00 48.11  ? 37  GLU B CB  1 
ATOM   1035 C CG  . GLU B 1 37 ? -7.319  11.291  -0.025  1.00 47.29  ? 37  GLU B CG  1 
ATOM   1036 C CD  . GLU B 1 37 ? -6.621  11.583  -1.335  1.00 45.70  ? 37  GLU B CD  1 
ATOM   1037 O OE1 . GLU B 1 37 ? -6.644  10.675  -2.189  1.00 53.79  ? 37  GLU B OE1 1 
ATOM   1038 O OE2 . GLU B 1 37 ? -6.040  12.641  -1.574  1.00 48.98  ? 37  GLU B OE2 1 
ATOM   1039 N N   . PHE B 1 38 ? -11.424 9.085   -0.810  1.00 51.07  ? 38  PHE B N   1 
ATOM   1040 C CA  . PHE B 1 38 ? -12.314 8.002   -1.153  1.00 54.91  ? 38  PHE B CA  1 
ATOM   1041 C C   . PHE B 1 38 ? -13.783 8.477   -1.144  1.00 56.70  ? 38  PHE B C   1 
ATOM   1042 O O   . PHE B 1 38 ? -14.671 7.891   -0.497  1.00 55.18  ? 38  PHE B O   1 
ATOM   1043 C CB  . PHE B 1 38 ? -12.088 6.876   -0.159  1.00 58.52  ? 38  PHE B CB  1 
ATOM   1044 C CG  . PHE B 1 38 ? -10.720 6.290   0.024   1.00 60.60  ? 38  PHE B CG  1 
ATOM   1045 C CD1 . PHE B 1 38 ? -10.140 5.502   -0.976  1.00 62.11  ? 38  PHE B CD1 1 
ATOM   1046 C CD2 . PHE B 1 38 ? -9.996  6.523   1.175   1.00 57.39  ? 38  PHE B CD2 1 
ATOM   1047 C CE1 . PHE B 1 38 ? -8.885  4.949   -0.809  1.00 61.42  ? 38  PHE B CE1 1 
ATOM   1048 C CE2 . PHE B 1 38 ? -8.747  5.962   1.358   1.00 59.66  ? 38  PHE B CE2 1 
ATOM   1049 C CZ  . PHE B 1 38 ? -8.194  5.170   0.367   1.00 60.17  ? 38  PHE B CZ  1 
ATOM   1050 N N   . PRO B 1 39 ? -14.107 9.508   -1.907  1.00 59.70  ? 39  PRO B N   1 
ATOM   1051 C CA  . PRO B 1 39 ? -15.435 10.102  -1.961  1.00 62.65  ? 39  PRO B CA  1 
ATOM   1052 C C   . PRO B 1 39 ? -16.589 9.172   -2.133  1.00 63.26  ? 39  PRO B C   1 
ATOM   1053 O O   . PRO B 1 39 ? -17.562 9.227   -1.367  1.00 61.38  ? 39  PRO B O   1 
ATOM   1054 C CB  . PRO B 1 39 ? -15.387 11.137  -3.059  1.00 63.58  ? 39  PRO B CB  1 
ATOM   1055 C CG  . PRO B 1 39 ? -14.050 11.088  -3.678  1.00 63.63  ? 39  PRO B CG  1 
ATOM   1056 C CD  . PRO B 1 39 ? -13.178 10.276  -2.771  1.00 62.06  ? 39  PRO B CD  1 
ATOM   1057 N N   . GLY B 1 40 ? -16.513 8.233   -3.083  1.00 66.75  ? 40  GLY B N   1 
ATOM   1058 C CA  . GLY B 1 40 ? -17.687 7.341   -3.230  1.00 70.93  ? 40  GLY B CA  1 
ATOM   1059 C C   . GLY B 1 40 ? -17.777 6.220   -2.230  1.00 72.08  ? 40  GLY B C   1 
ATOM   1060 O O   . GLY B 1 40 ? -18.472 5.222   -2.530  1.00 74.65  ? 40  GLY B O   1 
ATOM   1061 N N   . PHE B 1 41 ? -17.208 6.346   -1.011  1.00 70.36  ? 41  PHE B N   1 
ATOM   1062 C CA  . PHE B 1 41 ? -17.271 5.184   -0.110  1.00 67.77  ? 41  PHE B CA  1 
ATOM   1063 C C   . PHE B 1 41 ? -17.918 5.367   1.226   1.00 67.15  ? 41  PHE B C   1 
ATOM   1064 O O   . PHE B 1 41 ? -18.649 4.460   1.694   1.00 64.91  ? 41  PHE B O   1 
ATOM   1065 C CB  . PHE B 1 41 ? -15.813 4.670   0.001   1.00 61.15  ? 41  PHE B CB  1 
ATOM   1066 C CG  . PHE B 1 41 ? -15.558 3.615   1.015   1.00 54.12  ? 41  PHE B CG  1 
ATOM   1067 C CD1 . PHE B 1 41 ? -15.670 2.280   0.690   1.00 54.89  ? 41  PHE B CD1 1 
ATOM   1068 C CD2 . PHE B 1 41 ? -15.202 3.956   2.306   1.00 54.17  ? 41  PHE B CD2 1 
ATOM   1069 C CE1 . PHE B 1 41 ? -15.438 1.285   1.633   1.00 53.31  ? 41  PHE B CE1 1 
ATOM   1070 C CE2 . PHE B 1 41 ? -14.977 2.965   3.251   1.00 55.30  ? 41  PHE B CE2 1 
ATOM   1071 C CZ  . PHE B 1 41 ? -15.104 1.640   2.898   1.00 52.86  ? 41  PHE B CZ  1 
ATOM   1072 N N   . LEU B 1 42 ? -17.708 6.452   1.945   1.00 69.22  ? 42  LEU B N   1 
ATOM   1073 C CA  . LEU B 1 42 ? -18.360 6.541   3.248   1.00 74.23  ? 42  LEU B CA  1 
ATOM   1074 C C   . LEU B 1 42 ? -19.844 6.873   3.098   1.00 76.81  ? 42  LEU B C   1 
ATOM   1075 O O   . LEU B 1 42 ? -20.710 6.264   3.741   1.00 74.42  ? 42  LEU B O   1 
ATOM   1076 C CB  . LEU B 1 42 ? -17.599 7.437   4.203   1.00 75.36  ? 42  LEU B CB  1 
ATOM   1077 C CG  . LEU B 1 42 ? -16.976 6.694   5.405   1.00 77.65  ? 42  LEU B CG  1 
ATOM   1078 C CD1 . LEU B 1 42 ? -16.752 5.216   5.117   1.00 77.30  ? 42  LEU B CD1 1 
ATOM   1079 C CD2 . LEU B 1 42 ? -15.671 7.378   5.786   1.00 77.03  ? 42  LEU B CD2 1 
ATOM   1080 N N   . GLU B 1 43 ? -20.091 7.796   2.174   1.00 79.48  ? 43  GLU B N   1 
ATOM   1081 C CA  . GLU B 1 43 ? -21.415 8.274   1.803   1.00 81.74  ? 43  GLU B CA  1 
ATOM   1082 C C   . GLU B 1 43 ? -22.212 7.123   1.202   1.00 83.20  ? 43  GLU B C   1 
ATOM   1083 O O   . GLU B 1 43 ? -23.350 6.914   1.641   1.00 83.38  ? 43  GLU B O   1 
ATOM   1084 C CB  . GLU B 1 43 ? -21.319 9.462   0.856   1.00 80.98  ? 43  GLU B CB  1 
ATOM   1085 C CG  . GLU B 1 43 ? -20.484 10.611  1.397   1.00 80.80  ? 43  GLU B CG  1 
ATOM   1086 C CD  . GLU B 1 43 ? -18.985 10.504  1.222   1.00 77.97  ? 43  GLU B CD  1 
ATOM   1087 O OE1 . GLU B 1 43 ? -18.413 9.405   1.196   1.00 74.39  ? 43  GLU B OE1 1 
ATOM   1088 O OE2 . GLU B 1 43 ? -18.321 11.566  1.116   1.00 77.52  ? 43  GLU B OE2 1 
ATOM   1089 N N   . ASN B 1 44 ? -21.578 6.294   0.362   1.00 83.81  ? 44  ASN B N   1 
ATOM   1090 C CA  . ASN B 1 44 ? -22.282 5.120   -0.148  1.00 86.00  ? 44  ASN B CA  1 
ATOM   1091 C C   . ASN B 1 44 ? -22.360 4.080   0.935   1.00 89.44  ? 44  ASN B C   1 
ATOM   1092 O O   . ASN B 1 44 ? -23.196 3.189   0.880   1.00 90.52  ? 44  ASN B O   1 
ATOM   1093 C CB  . ASN B 1 44 ? -21.764 4.607   -1.465  1.00 87.02  ? 44  ASN B CB  1 
ATOM   1094 C CG  . ASN B 1 44 ? -22.379 5.348   -2.643  1.00 88.15  ? 44  ASN B CG  1 
ATOM   1095 O OD1 . ASN B 1 44 ? -21.791 6.248   -3.242  1.00 87.34  ? 44  ASN B OD1 1 
ATOM   1096 N ND2 . ASN B 1 44 ? -23.618 4.985   -2.981  1.00 90.90  ? 44  ASN B ND2 1 
ATOM   1097 N N   . GLN B 1 45 ? -21.496 4.131   1.960   1.00 93.84  ? 45  GLN B N   1 
ATOM   1098 C CA  . GLN B 1 45 ? -21.715 3.135   3.058   1.00 97.08  ? 45  GLN B CA  1 
ATOM   1099 C C   . GLN B 1 45 ? -22.993 3.755   3.643   1.00 99.39  ? 45  GLN B C   1 
ATOM   1100 O O   . GLN B 1 45 ? -23.076 5.013   3.657   1.00 100.31 ? 45  GLN B O   1 
ATOM   1101 C CB  . GLN B 1 45 ? -20.556 2.982   3.986   1.00 98.86  ? 45  GLN B CB  1 
ATOM   1102 C CG  . GLN B 1 45 ? -19.374 2.155   3.514   1.00 99.64  ? 45  GLN B CG  1 
ATOM   1103 C CD  . GLN B 1 45 ? -19.583 0.663   3.443   1.00 101.32 ? 45  GLN B CD  1 
ATOM   1104 O OE1 . GLN B 1 45 ? -19.846 0.073   2.386   1.00 100.12 ? 45  GLN B OE1 1 
ATOM   1105 N NE2 . GLN B 1 45 ? -19.458 -0.050  4.568   1.00 100.64 ? 45  GLN B NE2 1 
ATOM   1106 N N   . LYS B 1 46 ? -24.020 3.001   3.992   1.00 100.30 ? 46  LYS B N   1 
ATOM   1107 C CA  . LYS B 1 46 ? -25.237 3.716   4.409   1.00 100.94 ? 46  LYS B CA  1 
ATOM   1108 C C   . LYS B 1 46 ? -25.187 4.338   5.769   1.00 100.85 ? 46  LYS B C   1 
ATOM   1109 O O   . LYS B 1 46 ? -25.719 5.442   6.000   1.00 102.48 ? 46  LYS B O   1 
ATOM   1110 C CB  . LYS B 1 46 ? -26.426 2.789   4.148   1.00 103.57 ? 46  LYS B CB  1 
ATOM   1111 C CG  . LYS B 1 46 ? -27.057 3.030   2.771   1.00 104.73 ? 46  LYS B CG  1 
ATOM   1112 C CD  . LYS B 1 46 ? -26.075 2.813   1.637   1.00 105.69 ? 46  LYS B CD  1 
ATOM   1113 C CE  . LYS B 1 46 ? -26.096 3.945   0.614   1.00 106.25 ? 46  LYS B CE  1 
ATOM   1114 N NZ  . LYS B 1 46 ? -25.954 3.403   -0.779  1.00 105.85 ? 46  LYS B NZ  1 
ATOM   1115 N N   . ASP B 1 47 ? -24.529 3.695   6.696   1.00 99.49  ? 47  ASP B N   1 
ATOM   1116 C CA  . ASP B 1 47 ? -24.356 3.973   8.113   1.00 95.78  ? 47  ASP B CA  1 
ATOM   1117 C C   . ASP B 1 47 ? -23.663 5.254   8.493   1.00 92.95  ? 47  ASP B C   1 
ATOM   1118 O O   . ASP B 1 47 ? -22.709 5.713   7.872   1.00 94.04  ? 47  ASP B O   1 
ATOM   1119 C CB  . ASP B 1 47 ? -23.619 2.719   8.623   1.00 92.89  ? 47  ASP B CB  1 
ATOM   1120 C CG  . ASP B 1 47 ? -22.942 2.765   9.946   1.00 91.72  ? 47  ASP B CG  1 
ATOM   1121 O OD1 . ASP B 1 47 ? -23.005 3.795   10.635  1.00 89.73  ? 47  ASP B OD1 1 
ATOM   1122 O OD2 . ASP B 1 47 ? -22.319 1.732   10.333  1.00 89.46  ? 47  ASP B OD2 1 
ATOM   1123 N N   . PRO B 1 48 ? -24.088 5.887   9.580   1.00 91.19  ? 48  PRO B N   1 
ATOM   1124 C CA  . PRO B 1 48 ? -23.511 7.136   10.069  1.00 90.03  ? 48  PRO B CA  1 
ATOM   1125 C C   . PRO B 1 48 ? -22.322 6.959   11.013  1.00 87.60  ? 48  PRO B C   1 
ATOM   1126 O O   . PRO B 1 48 ? -21.594 7.895   11.355  1.00 86.85  ? 48  PRO B O   1 
ATOM   1127 C CB  . PRO B 1 48 ? -24.680 7.744   10.855  1.00 89.38  ? 48  PRO B CB  1 
ATOM   1128 C CG  . PRO B 1 48 ? -25.347 6.551   11.456  1.00 89.60  ? 48  PRO B CG  1 
ATOM   1129 C CD  . PRO B 1 48 ? -25.241 5.460   10.420  1.00 90.54  ? 48  PRO B CD  1 
ATOM   1130 N N   . LEU B 1 49 ? -22.128 5.732   11.469  1.00 84.75  ? 49  LEU B N   1 
ATOM   1131 C CA  . LEU B 1 49 ? -21.054 5.353   12.362  1.00 83.14  ? 49  LEU B CA  1 
ATOM   1132 C C   . LEU B 1 49 ? -19.844 4.776   11.611  1.00 79.91  ? 49  LEU B C   1 
ATOM   1133 O O   . LEU B 1 49 ? -18.989 4.120   12.188  1.00 79.42  ? 49  LEU B O   1 
ATOM   1134 C CB  . LEU B 1 49 ? -21.562 4.304   13.369  1.00 83.67  ? 49  LEU B CB  1 
ATOM   1135 C CG  . LEU B 1 49 ? -22.220 4.862   14.635  1.00 84.21  ? 49  LEU B CG  1 
ATOM   1136 C CD1 . LEU B 1 49 ? -22.289 3.779   15.701  1.00 80.51  ? 49  LEU B CD1 1 
ATOM   1137 C CD2 . LEU B 1 49 ? -21.487 6.103   15.153  1.00 82.93  ? 49  LEU B CD2 1 
ATOM   1138 N N   . ALA B 1 50 ? -19.798 5.032   10.321  1.00 76.72  ? 50  ALA B N   1 
ATOM   1139 C CA  . ALA B 1 50 ? -18.808 4.622   9.367   1.00 73.10  ? 50  ALA B CA  1 
ATOM   1140 C C   . ALA B 1 50 ? -17.368 4.739   9.876   1.00 69.00  ? 50  ALA B C   1 
ATOM   1141 O O   . ALA B 1 50 ? -16.708 3.746   10.074  1.00 63.92  ? 50  ALA B O   1 
ATOM   1142 C CB  . ALA B 1 50 ? -18.968 5.506   8.115   1.00 74.82  ? 50  ALA B CB  1 
ATOM   1143 N N   . VAL B 1 51 ? -16.916 5.955   10.089  1.00 69.02  ? 51  VAL B N   1 
ATOM   1144 C CA  . VAL B 1 51 ? -15.575 6.254   10.520  1.00 71.71  ? 51  VAL B CA  1 
ATOM   1145 C C   . VAL B 1 51 ? -15.259 5.669   11.877  1.00 74.57  ? 51  VAL B C   1 
ATOM   1146 O O   . VAL B 1 51 ? -14.296 4.896   11.994  1.00 74.94  ? 51  VAL B O   1 
ATOM   1147 C CB  . VAL B 1 51 ? -15.277 7.753   10.508  1.00 70.78  ? 51  VAL B CB  1 
ATOM   1148 C CG1 . VAL B 1 51 ? -13.757 7.943   10.538  1.00 74.78  ? 51  VAL B CG1 1 
ATOM   1149 C CG2 . VAL B 1 51 ? -15.822 8.337   9.221   1.00 71.95  ? 51  VAL B CG2 1 
ATOM   1150 N N   . ASP B 1 52 ? -16.103 5.918   12.882  1.00 75.58  ? 52  ASP B N   1 
ATOM   1151 C CA  . ASP B 1 52 ? -15.913 5.339   14.199  1.00 76.23  ? 52  ASP B CA  1 
ATOM   1152 C C   . ASP B 1 52 ? -15.564 3.850   14.091  1.00 75.49  ? 52  ASP B C   1 
ATOM   1153 O O   . ASP B 1 52 ? -14.597 3.450   14.763  1.00 76.57  ? 52  ASP B O   1 
ATOM   1154 C CB  . ASP B 1 52 ? -17.169 5.459   15.088  1.00 76.69  ? 52  ASP B CB  1 
ATOM   1155 C CG  . ASP B 1 52 ? -17.771 6.841   14.905  1.00 81.80  ? 52  ASP B CG  1 
ATOM   1156 O OD1 . ASP B 1 52 ? -18.562 6.956   13.932  1.00 84.11  ? 52  ASP B OD1 1 
ATOM   1157 O OD2 . ASP B 1 52 ? -17.379 7.763   15.657  1.00 81.76  ? 52  ASP B OD2 1 
ATOM   1158 N N   . LYS B 1 53 ? -16.323 3.092   13.311  1.00 72.71  ? 53  LYS B N   1 
ATOM   1159 C CA  . LYS B 1 53 ? -16.058 1.664   13.202  1.00 73.53  ? 53  LYS B CA  1 
ATOM   1160 C C   . LYS B 1 53 ? -14.724 1.372   12.505  1.00 72.46  ? 53  LYS B C   1 
ATOM   1161 O O   . LYS B 1 53 ? -14.022 0.378   12.762  1.00 71.17  ? 53  LYS B O   1 
ATOM   1162 C CB  . LYS B 1 53 ? -17.215 0.953   12.491  1.00 76.98  ? 53  LYS B CB  1 
ATOM   1163 C CG  . LYS B 1 53 ? -18.592 1.243   13.091  1.00 79.88  ? 53  LYS B CG  1 
ATOM   1164 C CD  . LYS B 1 53 ? -19.377 -0.055  13.257  1.00 82.61  ? 53  LYS B CD  1 
ATOM   1165 C CE  . LYS B 1 53 ? -20.859 0.135   13.485  1.00 83.07  ? 53  LYS B CE  1 
ATOM   1166 N NZ  . LYS B 1 53 ? -21.476 1.227   12.679  1.00 82.49  ? 53  LYS B NZ  1 
ATOM   1167 N N   . ILE B 1 54 ? -14.320 2.259   11.577  1.00 69.52  ? 54  ILE B N   1 
ATOM   1168 C CA  . ILE B 1 54 ? -13.023 1.991   10.927  1.00 68.17  ? 54  ILE B CA  1 
ATOM   1169 C C   . ILE B 1 54 ? -11.940 2.018   12.018  1.00 68.74  ? 54  ILE B C   1 
ATOM   1170 O O   . ILE B 1 54 ? -11.309 1.031   12.378  1.00 67.26  ? 54  ILE B O   1 
ATOM   1171 C CB  . ILE B 1 54 ? -12.840 2.940   9.750   1.00 62.32  ? 54  ILE B CB  1 
ATOM   1172 C CG1 . ILE B 1 54 ? -13.224 2.140   8.473   1.00 60.55  ? 54  ILE B CG1 1 
ATOM   1173 C CG2 . ILE B 1 54 ? -11.466 3.564   9.626   1.00 54.98  ? 54  ILE B CG2 1 
ATOM   1174 C CD1 . ILE B 1 54 ? -13.992 2.988   7.486   1.00 59.62  ? 54  ILE B CD1 1 
ATOM   1175 N N   . MET B 1 55 ? -11.858 3.138   12.701  1.00 67.43  ? 55  MET B N   1 
ATOM   1176 C CA  . MET B 1 55 ? -11.026 3.511   13.787  1.00 68.23  ? 55  MET B CA  1 
ATOM   1177 C C   . MET B 1 55 ? -11.062 2.541   14.962  1.00 71.48  ? 55  MET B C   1 
ATOM   1178 O O   . MET B 1 55 ? -10.131 2.350   15.746  1.00 71.02  ? 55  MET B O   1 
ATOM   1179 C CB  . MET B 1 55 ? -11.568 4.850   14.319  1.00 61.67  ? 55  MET B CB  1 
ATOM   1180 C CG  . MET B 1 55 ? -10.708 5.434   15.387  1.00 57.55  ? 55  MET B CG  1 
ATOM   1181 S SD  . MET B 1 55 ? -9.511  6.560   14.696  1.00 63.61  ? 55  MET B SD  1 
ATOM   1182 C CE  . MET B 1 55 ? -8.555  6.890   16.200  1.00 66.02  ? 55  MET B CE  1 
ATOM   1183 N N   . LYS B 1 56 ? -12.232 1.914   15.144  1.00 73.65  ? 56  LYS B N   1 
ATOM   1184 C CA  . LYS B 1 56 ? -12.285 0.945   16.251  1.00 74.82  ? 56  LYS B CA  1 
ATOM   1185 C C   . LYS B 1 56 ? -11.076 0.036   16.009  1.00 75.01  ? 56  LYS B C   1 
ATOM   1186 O O   . LYS B 1 56 ? -10.124 0.045   16.764  1.00 75.58  ? 56  LYS B O   1 
ATOM   1187 C CB  . LYS B 1 56 ? -13.599 0.179   16.192  1.00 75.27  ? 56  LYS B CB  1 
ATOM   1188 C CG  . LYS B 1 56 ? -14.115 -0.339  17.515  1.00 74.90  ? 56  LYS B CG  1 
ATOM   1189 C CD  . LYS B 1 56 ? -15.181 -1.394  17.268  1.00 78.45  ? 56  LYS B CD  1 
ATOM   1190 C CE  . LYS B 1 56 ? -14.593 -2.743  16.894  1.00 79.15  ? 56  LYS B CE  1 
ATOM   1191 N NZ  . LYS B 1 56 ? -14.187 -3.527  18.109  1.00 79.43  ? 56  LYS B NZ  1 
ATOM   1192 N N   . ASP B 1 57 ? -11.064 -0.623  14.855  1.00 75.67  ? 57  ASP B N   1 
ATOM   1193 C CA  . ASP B 1 57 ? -10.017 -1.574  14.483  1.00 75.90  ? 57  ASP B CA  1 
ATOM   1194 C C   . ASP B 1 57 ? -8.644  -1.003  14.288  1.00 73.65  ? 57  ASP B C   1 
ATOM   1195 O O   . ASP B 1 57 ? -7.618  -1.661  14.468  1.00 74.22  ? 57  ASP B O   1 
ATOM   1196 C CB  . ASP B 1 57 ? -10.547 -2.329  13.234  1.00 78.86  ? 57  ASP B CB  1 
ATOM   1197 C CG  . ASP B 1 57 ? -11.875 -2.952  13.679  1.00 83.47  ? 57  ASP B CG  1 
ATOM   1198 O OD1 . ASP B 1 57 ? -11.882 -3.755  14.639  1.00 85.87  ? 57  ASP B OD1 1 
ATOM   1199 O OD2 . ASP B 1 57 ? -12.907 -2.602  13.100  1.00 87.88  ? 57  ASP B OD2 1 
ATOM   1200 N N   . LEU B 1 58 ? -8.529  0.270   13.964  1.00 72.12  ? 58  LEU B N   1 
ATOM   1201 C CA  . LEU B 1 58 ? -7.254  0.928   13.804  1.00 72.16  ? 58  LEU B CA  1 
ATOM   1202 C C   . LEU B 1 58 ? -6.595  1.269   15.138  1.00 74.24  ? 58  LEU B C   1 
ATOM   1203 O O   . LEU B 1 58 ? -5.390  1.534   15.176  1.00 74.59  ? 58  LEU B O   1 
ATOM   1204 C CB  . LEU B 1 58 ? -7.482  2.231   13.023  1.00 64.49  ? 58  LEU B CB  1 
ATOM   1205 C CG  . LEU B 1 58 ? -8.006  2.152   11.590  1.00 59.20  ? 58  LEU B CG  1 
ATOM   1206 C CD1 . LEU B 1 58 ? -7.696  3.499   10.914  1.00 55.12  ? 58  LEU B CD1 1 
ATOM   1207 C CD2 . LEU B 1 58 ? -7.460  0.979   10.807  1.00 52.96  ? 58  LEU B CD2 1 
ATOM   1208 N N   . ASP B 1 59 ? -7.390  1.415   16.198  1.00 76.14  ? 59  ASP B N   1 
ATOM   1209 C CA  . ASP B 1 59 ? -6.894  1.887   17.468  1.00 78.59  ? 59  ASP B CA  1 
ATOM   1210 C C   . ASP B 1 59 ? -7.008  0.928   18.628  1.00 80.53  ? 59  ASP B C   1 
ATOM   1211 O O   . ASP B 1 59 ? -7.868  1.116   19.481  1.00 81.47  ? 59  ASP B O   1 
ATOM   1212 C CB  . ASP B 1 59 ? -7.654  3.181   17.847  1.00 80.08  ? 59  ASP B CB  1 
ATOM   1213 C CG  . ASP B 1 59 ? -6.827  4.061   18.771  1.00 77.98  ? 59  ASP B CG  1 
ATOM   1214 O OD1 . ASP B 1 59 ? -5.624  3.741   18.847  1.00 79.41  ? 59  ASP B OD1 1 
ATOM   1215 O OD2 . ASP B 1 59 ? -7.359  5.042   19.333  1.00 76.07  ? 59  ASP B OD2 1 
ATOM   1216 N N   . GLN B 1 60 ? -6.157  -0.068  18.690  1.00 83.39  ? 60  GLN B N   1 
ATOM   1217 C CA  . GLN B 1 60 ? -6.040  -1.057  19.749  1.00 85.14  ? 60  GLN B CA  1 
ATOM   1218 C C   . GLN B 1 60 ? -6.098  -0.355  21.114  1.00 85.40  ? 60  GLN B C   1 
ATOM   1219 O O   . GLN B 1 60 ? -7.083  -0.330  21.853  1.00 85.15  ? 60  GLN B O   1 
ATOM   1220 C CB  . GLN B 1 60 ? -4.630  -1.659  19.622  1.00 89.25  ? 60  GLN B CB  1 
ATOM   1221 C CG  . GLN B 1 60 ? -4.432  -2.943  18.897  1.00 93.47  ? 60  GLN B CG  1 
ATOM   1222 C CD  . GLN B 1 60 ? -3.892  -2.836  17.489  1.00 95.14  ? 60  GLN B CD  1 
ATOM   1223 O OE1 . GLN B 1 60 ? -4.689  -2.868  16.530  1.00 98.91  ? 60  GLN B OE1 1 
ATOM   1224 N NE2 . GLN B 1 60 ? -2.585  -2.748  17.309  1.00 94.15  ? 60  GLN B NE2 1 
ATOM   1225 N N   . CYS B 1 61 ? -5.032  0.386   21.408  1.00 85.67  ? 61  CYS B N   1 
ATOM   1226 C CA  . CYS B 1 61 ? -4.836  1.150   22.608  1.00 87.02  ? 61  CYS B CA  1 
ATOM   1227 C C   . CYS B 1 61 ? -5.852  2.232   22.907  1.00 87.55  ? 61  CYS B C   1 
ATOM   1228 O O   . CYS B 1 61 ? -5.669  3.036   23.856  1.00 87.71  ? 61  CYS B O   1 
ATOM   1229 C CB  . CYS B 1 61 ? -3.437  1.813   22.564  1.00 89.18  ? 61  CYS B CB  1 
ATOM   1230 S SG  . CYS B 1 61 ? -2.058  0.716   22.165  1.00 92.43  ? 61  CYS B SG  1 
ATOM   1231 N N   . ARG B 1 62 ? -6.896  2.435   22.112  1.00 86.60  ? 62  ARG B N   1 
ATOM   1232 C CA  . ARG B 1 62 ? -7.859  3.485   22.311  1.00 85.05  ? 62  ARG B CA  1 
ATOM   1233 C C   . ARG B 1 62 ? -7.243  4.817   22.690  1.00 82.13  ? 62  ARG B C   1 
ATOM   1234 O O   . ARG B 1 62 ? -7.899  5.548   23.440  1.00 82.80  ? 62  ARG B O   1 
ATOM   1235 C CB  . ARG B 1 62 ? -8.954  3.122   23.330  1.00 89.40  ? 62  ARG B CB  1 
ATOM   1236 C CG  . ARG B 1 62 ? -10.124 2.334   22.761  1.00 92.92  ? 62  ARG B CG  1 
ATOM   1237 C CD  . ARG B 1 62 ? -11.477 2.892   23.180  1.00 96.47  ? 62  ARG B CD  1 
ATOM   1238 N NE  . ARG B 1 62 ? -11.827 4.065   22.406  1.00 100.45 ? 62  ARG B NE  1 
ATOM   1239 C CZ  . ARG B 1 62 ? -12.853 4.894   22.448  1.00 101.37 ? 62  ARG B CZ  1 
ATOM   1240 N NH1 . ARG B 1 62 ? -13.852 4.765   23.317  1.00 100.21 ? 62  ARG B NH1 1 
ATOM   1241 N NH2 . ARG B 1 62 ? -12.866 5.908   21.567  1.00 100.70 ? 62  ARG B NH2 1 
ATOM   1242 N N   . ASP B 1 63 ? -6.090  5.217   22.158  1.00 79.77  ? 63  ASP B N   1 
ATOM   1243 C CA  . ASP B 1 63 ? -5.543  6.519   22.490  1.00 77.21  ? 63  ASP B CA  1 
ATOM   1244 C C   . ASP B 1 63 ? -6.011  7.583   21.510  1.00 74.71  ? 63  ASP B C   1 
ATOM   1245 O O   . ASP B 1 63 ? -5.604  8.743   21.631  1.00 73.96  ? 63  ASP B O   1 
ATOM   1246 C CB  . ASP B 1 63 ? -4.045  6.576   22.617  1.00 82.57  ? 63  ASP B CB  1 
ATOM   1247 C CG  . ASP B 1 63 ? -3.227  5.931   21.541  1.00 86.09  ? 63  ASP B CG  1 
ATOM   1248 O OD1 . ASP B 1 63 ? -3.767  5.644   20.447  1.00 88.23  ? 63  ASP B OD1 1 
ATOM   1249 O OD2 . ASP B 1 63 ? -2.008  5.728   21.801  1.00 88.14  ? 63  ASP B OD2 1 
ATOM   1250 N N   . GLY B 1 64 ? -6.800  7.180   20.517  1.00 72.62  ? 64  GLY B N   1 
ATOM   1251 C CA  . GLY B 1 64 ? -7.317  8.157   19.553  1.00 69.99  ? 64  GLY B CA  1 
ATOM   1252 C C   . GLY B 1 64 ? -6.220  8.655   18.633  1.00 66.39  ? 64  GLY B C   1 
ATOM   1253 O O   . GLY B 1 64 ? -6.119  9.819   18.241  1.00 66.36  ? 64  GLY B O   1 
ATOM   1254 N N   . LYS B 1 65 ? -5.323  7.741   18.294  1.00 62.81  ? 65  LYS B N   1 
ATOM   1255 C CA  . LYS B 1 65 ? -4.258  8.148   17.385  1.00 62.00  ? 65  LYS B CA  1 
ATOM   1256 C C   . LYS B 1 65 ? -4.062  7.049   16.361  1.00 57.21  ? 65  LYS B C   1 
ATOM   1257 O O   . LYS B 1 65 ? -4.053  5.868   16.650  1.00 58.70  ? 65  LYS B O   1 
ATOM   1258 C CB  . LYS B 1 65 ? -2.980  8.555   18.065  1.00 66.95  ? 65  LYS B CB  1 
ATOM   1259 C CG  . LYS B 1 65 ? -2.950  9.975   18.562  1.00 73.79  ? 65  LYS B CG  1 
ATOM   1260 C CD  . LYS B 1 65 ? -1.628  10.337  19.241  1.00 78.42  ? 65  LYS B CD  1 
ATOM   1261 C CE  . LYS B 1 65 ? -1.929  10.965  20.604  1.00 79.65  ? 65  LYS B CE  1 
ATOM   1262 N NZ  . LYS B 1 65 ? -1.598  12.423  20.544  1.00 85.40  ? 65  LYS B NZ  1 
ATOM   1263 N N   . VAL B 1 66 ? -3.946  7.465   15.145  1.00 55.99  ? 66  VAL B N   1 
ATOM   1264 C CA  . VAL B 1 66 ? -3.714  6.492   14.040  1.00 53.79  ? 66  VAL B CA  1 
ATOM   1265 C C   . VAL B 1 66 ? -2.363  6.875   13.465  1.00 50.64  ? 66  VAL B C   1 
ATOM   1266 O O   . VAL B 1 66 ? -2.212  8.019   13.029  1.00 50.55  ? 66  VAL B O   1 
ATOM   1267 C CB  . VAL B 1 66 ? -4.848  6.568   13.023  1.00 56.07  ? 66  VAL B CB  1 
ATOM   1268 C CG1 . VAL B 1 66 ? -4.403  6.201   11.630  1.00 56.33  ? 66  VAL B CG1 1 
ATOM   1269 C CG2 . VAL B 1 66 ? -6.016  5.689   13.499  1.00 50.61  ? 66  VAL B CG2 1 
ATOM   1270 N N   . GLY B 1 67 ? -1.393  5.967   13.566  1.00 46.94  ? 67  GLY B N   1 
ATOM   1271 C CA  . GLY B 1 67 ? -0.087  6.294   13.001  1.00 43.27  ? 67  GLY B CA  1 
ATOM   1272 C C   . GLY B 1 67 ? 0.017   5.638   11.598  1.00 42.92  ? 67  GLY B C   1 
ATOM   1273 O O   . GLY B 1 67 ? -0.813  4.823   11.152  1.00 39.04  ? 67  GLY B O   1 
ATOM   1274 N N   . PHE B 1 68 ? 1.137   5.957   10.950  1.00 40.13  ? 68  PHE B N   1 
ATOM   1275 C CA  . PHE B 1 68 ? 1.445   5.474   9.648   1.00 42.54  ? 68  PHE B CA  1 
ATOM   1276 C C   . PHE B 1 68 ? 1.138   4.013   9.399   1.00 45.41  ? 68  PHE B C   1 
ATOM   1277 O O   . PHE B 1 68 ? 0.597   3.728   8.291   1.00 46.28  ? 68  PHE B O   1 
ATOM   1278 C CB  . PHE B 1 68 ? 2.900   5.735   9.213   1.00 34.73  ? 68  PHE B CB  1 
ATOM   1279 C CG  . PHE B 1 68 ? 3.100   5.574   7.757   1.00 39.99  ? 68  PHE B CG  1 
ATOM   1280 C CD1 . PHE B 1 68 ? 2.610   6.582   6.875   1.00 41.43  ? 68  PHE B CD1 1 
ATOM   1281 C CD2 . PHE B 1 68 ? 3.777   4.488   7.221   1.00 36.12  ? 68  PHE B CD2 1 
ATOM   1282 C CE1 . PHE B 1 68 ? 2.770   6.443   5.506   1.00 38.85  ? 68  PHE B CE1 1 
ATOM   1283 C CE2 . PHE B 1 68 ? 3.958   4.350   5.844   1.00 37.90  ? 68  PHE B CE2 1 
ATOM   1284 C CZ  . PHE B 1 68 ? 3.428   5.312   4.964   1.00 40.70  ? 68  PHE B CZ  1 
ATOM   1285 N N   . GLN B 1 69 ? 1.548   3.134   10.293  1.00 43.22  ? 69  GLN B N   1 
ATOM   1286 C CA  . GLN B 1 69 ? 1.469   1.726   9.952   1.00 45.89  ? 69  GLN B CA  1 
ATOM   1287 C C   . GLN B 1 69 ? 0.048   1.227   9.965   1.00 45.23  ? 69  GLN B C   1 
ATOM   1288 O O   . GLN B 1 69 ? -0.342  0.267   9.292   1.00 45.66  ? 69  GLN B O   1 
ATOM   1289 C CB  . GLN B 1 69 ? 2.453   0.915   10.825  1.00 49.78  ? 69  GLN B CB  1 
ATOM   1290 C CG  . GLN B 1 69 ? 1.981   -0.477  11.185  1.00 58.76  ? 69  GLN B CG  1 
ATOM   1291 C CD  . GLN B 1 69 ? 3.036   -1.482  11.571  1.00 66.87  ? 69  GLN B CD  1 
ATOM   1292 O OE1 . GLN B 1 69 ? 2.663   -2.642  11.862  1.00 70.11  ? 69  GLN B OE1 1 
ATOM   1293 N NE2 . GLN B 1 69 ? 4.329   -1.128  11.590  1.00 65.17  ? 69  GLN B NE2 1 
ATOM   1294 N N   . SER B 1 70 ? -0.739  1.791   10.856  1.00 43.21  ? 70  SER B N   1 
ATOM   1295 C CA  . SER B 1 70 ? -2.138  1.426   11.012  1.00 40.51  ? 70  SER B CA  1 
ATOM   1296 C C   . SER B 1 70 ? -2.904  2.028   9.802   1.00 39.80  ? 70  SER B C   1 
ATOM   1297 O O   . SER B 1 70 ? -3.750  1.434   9.187   1.00 37.14  ? 70  SER B O   1 
ATOM   1298 C CB  . SER B 1 70 ? -2.553  1.964   12.376  1.00 41.75  ? 70  SER B CB  1 
ATOM   1299 O OG  . SER B 1 70 ? -3.057  0.853   13.121  1.00 49.70  ? 70  SER B OG  1 
ATOM   1300 N N   . PHE B 1 71 ? -2.512  3.200   9.354   1.00 35.99  ? 71  PHE B N   1 
ATOM   1301 C CA  . PHE B 1 71 ? -2.931  3.859   8.191   1.00 39.65  ? 71  PHE B CA  1 
ATOM   1302 C C   . PHE B 1 71 ? -2.734  2.942   6.966   1.00 40.73  ? 71  PHE B C   1 
ATOM   1303 O O   . PHE B 1 71 ? -3.729  2.555   6.298   1.00 39.11  ? 71  PHE B O   1 
ATOM   1304 C CB  . PHE B 1 71 ? -2.207  5.189   8.017   1.00 39.10  ? 71  PHE B CB  1 
ATOM   1305 C CG  . PHE B 1 71 ? -2.372  5.701   6.629   1.00 41.91  ? 71  PHE B CG  1 
ATOM   1306 C CD1 . PHE B 1 71 ? -3.638  6.082   6.200   1.00 44.72  ? 71  PHE B CD1 1 
ATOM   1307 C CD2 . PHE B 1 71 ? -1.302  5.752   5.762   1.00 41.02  ? 71  PHE B CD2 1 
ATOM   1308 C CE1 . PHE B 1 71 ? -3.813  6.534   4.893   1.00 41.68  ? 71  PHE B CE1 1 
ATOM   1309 C CE2 . PHE B 1 71 ? -1.453  6.210   4.483   1.00 43.84  ? 71  PHE B CE2 1 
ATOM   1310 C CZ  . PHE B 1 71 ? -2.732  6.617   4.062   1.00 45.24  ? 71  PHE B CZ  1 
ATOM   1311 N N   . PHE B 1 72 ? -1.526  2.383   6.849   1.00 41.30  ? 72  PHE B N   1 
ATOM   1312 C CA  . PHE B 1 72 ? -1.180  1.367   5.883   1.00 37.45  ? 72  PHE B CA  1 
ATOM   1313 C C   . PHE B 1 72 ? -2.040  0.127   6.001   1.00 35.45  ? 72  PHE B C   1 
ATOM   1314 O O   . PHE B 1 72 ? -2.368  -0.555  5.052   1.00 39.71  ? 72  PHE B O   1 
ATOM   1315 C CB  . PHE B 1 72 ? 0.259   0.734   6.081   1.00 35.44  ? 72  PHE B CB  1 
ATOM   1316 C CG  . PHE B 1 72 ? 0.686   0.524   4.650   1.00 30.99  ? 72  PHE B CG  1 
ATOM   1317 C CD1 . PHE B 1 72 ? 1.085   1.604   3.925   1.00 27.81  ? 72  PHE B CD1 1 
ATOM   1318 C CD2 . PHE B 1 72 ? 0.628   -0.731  4.086   1.00 34.62  ? 72  PHE B CD2 1 
ATOM   1319 C CE1 . PHE B 1 72 ? 1.453   1.455   2.596   1.00 26.62  ? 72  PHE B CE1 1 
ATOM   1320 C CE2 . PHE B 1 72 ? 1.013   -0.879  2.767   1.00 34.32  ? 72  PHE B CE2 1 
ATOM   1321 C CZ  . PHE B 1 72 ? 1.417   0.233   2.044   1.00 27.93  ? 72  PHE B CZ  1 
ATOM   1322 N N   . SER B 1 73 ? -2.395  -0.207  7.225   1.00 34.48  ? 73  SER B N   1 
ATOM   1323 C CA  . SER B 1 73 ? -3.244  -1.359  7.399   1.00 38.24  ? 73  SER B CA  1 
ATOM   1324 C C   . SER B 1 73 ? -4.662  -1.039  6.843   1.00 38.35  ? 73  SER B C   1 
ATOM   1325 O O   . SER B 1 73 ? -5.426  -1.894  6.383   1.00 40.07  ? 73  SER B O   1 
ATOM   1326 C CB  . SER B 1 73 ? -3.311  -1.784  8.881   1.00 33.68  ? 73  SER B CB  1 
ATOM   1327 O OG  . SER B 1 73 ? -3.354  -3.265  8.724   1.00 46.44  ? 73  SER B OG  1 
ATOM   1328 N N   . LEU B 1 74 ? -5.071  0.246   6.883   1.00 38.95  ? 74  LEU B N   1 
ATOM   1329 C CA  . LEU B 1 74 ? -6.337  0.602   6.320   1.00 39.68  ? 74  LEU B CA  1 
ATOM   1330 C C   . LEU B 1 74 ? -6.234  0.349   4.813   1.00 38.69  ? 74  LEU B C   1 
ATOM   1331 O O   . LEU B 1 74 ? -6.935  -0.467  4.244   1.00 40.88  ? 74  LEU B O   1 
ATOM   1332 C CB  . LEU B 1 74 ? -6.734  2.059   6.619   1.00 43.51  ? 74  LEU B CB  1 
ATOM   1333 C CG  . LEU B 1 74 ? -8.152  2.451   6.146   1.00 41.36  ? 74  LEU B CG  1 
ATOM   1334 C CD1 . LEU B 1 74 ? -9.165  1.309   6.325   1.00 36.48  ? 74  LEU B CD1 1 
ATOM   1335 C CD2 . LEU B 1 74 ? -8.626  3.679   6.850   1.00 41.23  ? 74  LEU B CD2 1 
ATOM   1336 N N   . ILE B 1 75 ? -5.298  1.033   4.181   1.00 37.37  ? 75  ILE B N   1 
ATOM   1337 C CA  . ILE B 1 75 ? -5.116  0.908   2.759   1.00 39.22  ? 75  ILE B CA  1 
ATOM   1338 C C   . ILE B 1 75 ? -4.975  -0.532  2.346   1.00 42.00  ? 75  ILE B C   1 
ATOM   1339 O O   . ILE B 1 75 ? -5.676  -1.001  1.416   1.00 46.17  ? 75  ILE B O   1 
ATOM   1340 C CB  . ILE B 1 75 ? -3.971  1.812   2.308   1.00 38.52  ? 75  ILE B CB  1 
ATOM   1341 C CG1 . ILE B 1 75 ? -4.110  3.225   2.807   1.00 41.42  ? 75  ILE B CG1 1 
ATOM   1342 C CG2 . ILE B 1 75 ? -3.877  1.784   0.796   1.00 44.40  ? 75  ILE B CG2 1 
ATOM   1343 C CD1 . ILE B 1 75 ? -5.577  3.755   2.780   1.00 41.23  ? 75  ILE B CD1 1 
ATOM   1344 N N   . ALA B 1 76 ? -4.147  -1.321  3.052   1.00 39.45  ? 76  ALA B N   1 
ATOM   1345 C CA  . ALA B 1 76 ? -4.010  -2.730  2.707   1.00 37.04  ? 76  ALA B CA  1 
ATOM   1346 C C   . ALA B 1 76 ? -5.371  -3.409  2.659   1.00 37.10  ? 76  ALA B C   1 
ATOM   1347 O O   . ALA B 1 76 ? -5.743  -4.093  1.734   1.00 36.19  ? 76  ALA B O   1 
ATOM   1348 C CB  . ALA B 1 76 ? -3.098  -3.387  3.740   1.00 28.28  ? 76  ALA B CB  1 
ATOM   1349 N N   . GLY B 1 77 ? -6.164  -3.304  3.758   1.00 39.29  ? 77  GLY B N   1 
ATOM   1350 C CA  . GLY B 1 77 ? -7.498  -3.910  3.733   1.00 40.45  ? 77  GLY B CA  1 
ATOM   1351 C C   . GLY B 1 77 ? -8.343  -3.387  2.581   1.00 40.37  ? 77  GLY B C   1 
ATOM   1352 O O   . GLY B 1 77 ? -8.938  -4.243  1.870   1.00 42.78  ? 77  GLY B O   1 
ATOM   1353 N N   . LEU B 1 78 ? -8.355  -2.083  2.287   1.00 38.36  ? 78  LEU B N   1 
ATOM   1354 C CA  . LEU B 1 78 ? -9.222  -1.677  1.148   1.00 39.99  ? 78  LEU B CA  1 
ATOM   1355 C C   . LEU B 1 78 ? -8.783  -2.215  -0.200  1.00 41.02  ? 78  LEU B C   1 
ATOM   1356 O O   . LEU B 1 78 ? -9.595  -2.613  -1.038  1.00 42.34  ? 78  LEU B O   1 
ATOM   1357 C CB  . LEU B 1 78 ? -9.344  -0.166  1.029   1.00 37.32  ? 78  LEU B CB  1 
ATOM   1358 C CG  . LEU B 1 78 ? -10.066 0.513   2.197   1.00 34.29  ? 78  LEU B CG  1 
ATOM   1359 C CD1 . LEU B 1 78 ? -10.014 2.016   2.044   1.00 37.56  ? 78  LEU B CD1 1 
ATOM   1360 C CD2 . LEU B 1 78 ? -11.464 -0.051  2.290   1.00 41.00  ? 78  LEU B CD2 1 
ATOM   1361 N N   . THR B 1 79 ? -7.457  -2.178  -0.417  1.00 41.55  ? 79  THR B N   1 
ATOM   1362 C CA  . THR B 1 79 ? -6.825  -2.679  -1.617  1.00 36.79  ? 79  THR B CA  1 
ATOM   1363 C C   . THR B 1 79 ? -6.983  -4.153  -1.829  1.00 36.15  ? 79  THR B C   1 
ATOM   1364 O O   . THR B 1 79 ? -7.174  -4.649  -2.962  1.00 38.49  ? 79  THR B O   1 
ATOM   1365 C CB  . THR B 1 79 ? -5.329  -2.331  -1.617  1.00 31.89  ? 79  THR B CB  1 
ATOM   1366 O OG1 . THR B 1 79 ? -5.186  -0.925  -1.339  1.00 39.82  ? 79  THR B OG1 1 
ATOM   1367 C CG2 . THR B 1 79 ? -4.803  -2.554  -3.023  1.00 30.07  ? 79  THR B CG2 1 
ATOM   1368 N N   . ILE B 1 80 ? -6.875  -4.916  -0.764  1.00 35.30  ? 80  ILE B N   1 
ATOM   1369 C CA  . ILE B 1 80 ? -7.029  -6.370  -0.933  1.00 37.58  ? 80  ILE B CA  1 
ATOM   1370 C C   . ILE B 1 80 ? -8.527  -6.662  -1.198  1.00 39.20  ? 80  ILE B C   1 
ATOM   1371 O O   . ILE B 1 80 ? -8.774  -7.620  -1.902  1.00 37.75  ? 80  ILE B O   1 
ATOM   1372 C CB  . ILE B 1 80 ? -6.500  -7.087  0.317   1.00 37.79  ? 80  ILE B CB  1 
ATOM   1373 C CG1 . ILE B 1 80 ? -4.973  -6.934  0.337   1.00 44.88  ? 80  ILE B CG1 1 
ATOM   1374 C CG2 . ILE B 1 80 ? -6.902  -8.561  0.340   1.00 28.35  ? 80  ILE B CG2 1 
ATOM   1375 C CD1 . ILE B 1 80 ? -4.408  -6.888  1.757   1.00 48.41  ? 80  ILE B CD1 1 
ATOM   1376 N N   . ALA B 1 81 ? -9.471  -5.908  -0.593  1.00 38.81  ? 81  ALA B N   1 
ATOM   1377 C CA  . ALA B 1 81 ? -10.910 -6.130  -0.876  1.00 38.48  ? 81  ALA B CA  1 
ATOM   1378 C C   . ALA B 1 81 ? -11.179 -5.822  -2.345  1.00 39.59  ? 81  ALA B C   1 
ATOM   1379 O O   . ALA B 1 81 ? -11.667 -6.666  -3.080  1.00 41.59  ? 81  ALA B O   1 
ATOM   1380 C CB  . ALA B 1 81 ? -11.762 -5.244  0.016   1.00 34.79  ? 81  ALA B CB  1 
ATOM   1381 N N   . CYS B 1 82 ? -10.748 -4.654  -2.845  1.00 39.71  ? 82  CYS B N   1 
ATOM   1382 C CA  . CYS B 1 82 ? -10.879 -4.339  -4.232  1.00 40.13  ? 82  CYS B CA  1 
ATOM   1383 C C   . CYS B 1 82 ? -10.231 -5.391  -5.089  1.00 43.31  ? 82  CYS B C   1 
ATOM   1384 O O   . CYS B 1 82 ? -10.712 -5.634  -6.200  1.00 45.29  ? 82  CYS B O   1 
ATOM   1385 C CB  . CYS B 1 82 ? -10.270 -2.970  -4.605  1.00 39.31  ? 82  CYS B CB  1 
ATOM   1386 S SG  . CYS B 1 82 ? -11.081 -1.592  -3.706  1.00 44.99  ? 82  CYS B SG  1 
ATOM   1387 N N   . ASN B 1 83 ? -9.072  -5.954  -4.643  1.00 45.39  ? 83  ASN B N   1 
ATOM   1388 C CA  . ASN B 1 83 ? -8.403  -6.896  -5.571  1.00 42.44  ? 83  ASN B CA  1 
ATOM   1389 C C   . ASN B 1 83 ? -9.246  -8.148  -5.670  1.00 42.54  ? 83  ASN B C   1 
ATOM   1390 O O   . ASN B 1 83 ? -9.444  -8.715  -6.739  1.00 39.35  ? 83  ASN B O   1 
ATOM   1391 C CB  . ASN B 1 83 ? -6.968  -7.175  -5.184  1.00 38.78  ? 83  ASN B CB  1 
ATOM   1392 C CG  . ASN B 1 83 ? -6.428  -8.411  -5.872  1.00 39.02  ? 83  ASN B CG  1 
ATOM   1393 O OD1 . ASN B 1 83 ? -6.438  -9.476  -5.253  1.00 37.79  ? 83  ASN B OD1 1 
ATOM   1394 N ND2 . ASN B 1 83 ? -5.986  -8.262  -7.121  1.00 35.93  ? 83  ASN B ND2 1 
ATOM   1395 N N   . ASP B 1 84 ? -9.757  -8.558  -4.505  1.00 46.21  ? 84  ASP B N   1 
ATOM   1396 C CA  . ASP B 1 84 ? -10.599 -9.754  -4.471  1.00 52.83  ? 84  ASP B CA  1 
ATOM   1397 C C   . ASP B 1 84 ? -11.753 -9.656  -5.472  1.00 54.44  ? 84  ASP B C   1 
ATOM   1398 O O   . ASP B 1 84 ? -11.935 -10.498 -6.312  1.00 53.90  ? 84  ASP B O   1 
ATOM   1399 C CB  . ASP B 1 84 ? -11.151 -9.990  -3.070  1.00 55.92  ? 84  ASP B CB  1 
ATOM   1400 C CG  . ASP B 1 84 ? -10.193 -10.860 -2.285  1.00 60.42  ? 84  ASP B CG  1 
ATOM   1401 O OD1 . ASP B 1 84 ? -9.267  -11.438 -2.888  1.00 63.71  ? 84  ASP B OD1 1 
ATOM   1402 O OD2 . ASP B 1 84 ? -10.361 -10.972 -1.057  1.00 68.57  ? 84  ASP B OD2 1 
ATOM   1403 N N   . TYR B 1 85 ? -12.436 -8.519  -5.401  1.00 57.28  ? 85  TYR B N   1 
ATOM   1404 C CA  . TYR B 1 85 ? -13.562 -8.161  -6.202  1.00 58.89  ? 85  TYR B CA  1 
ATOM   1405 C C   . TYR B 1 85 ? -13.232 -8.034  -7.667  1.00 60.02  ? 85  TYR B C   1 
ATOM   1406 O O   . TYR B 1 85 ? -14.012 -8.381  -8.558  1.00 59.65  ? 85  TYR B O   1 
ATOM   1407 C CB  . TYR B 1 85 ? -14.174 -6.851  -5.644  1.00 62.60  ? 85  TYR B CB  1 
ATOM   1408 C CG  . TYR B 1 85 ? -15.494 -6.638  -6.372  1.00 67.39  ? 85  TYR B CG  1 
ATOM   1409 C CD1 . TYR B 1 85 ? -15.488 -6.005  -7.612  1.00 69.24  ? 85  TYR B CD1 1 
ATOM   1410 C CD2 . TYR B 1 85 ? -16.681 -7.080  -5.839  1.00 69.44  ? 85  TYR B CD2 1 
ATOM   1411 C CE1 . TYR B 1 85 ? -16.652 -5.823  -8.317  1.00 72.25  ? 85  TYR B CE1 1 
ATOM   1412 C CE2 . TYR B 1 85 ? -17.865 -6.900  -6.546  1.00 71.94  ? 85  TYR B CE2 1 
ATOM   1413 C CZ  . TYR B 1 85 ? -17.835 -6.282  -7.770  1.00 73.19  ? 85  TYR B CZ  1 
ATOM   1414 O OH  . TYR B 1 85 ? -18.987 -6.082  -8.473  1.00 77.90  ? 85  TYR B OH  1 
ATOM   1415 N N   . PHE B 1 86 ? -12.048 -7.495  -7.959  1.00 60.40  ? 86  PHE B N   1 
ATOM   1416 C CA  . PHE B 1 86 ? -11.584 -7.370  -9.334  1.00 60.04  ? 86  PHE B CA  1 
ATOM   1417 C C   . PHE B 1 86 ? -11.318 -8.734  -9.967  1.00 61.18  ? 86  PHE B C   1 
ATOM   1418 O O   . PHE B 1 86 ? -11.628 -8.947  -11.133 1.00 60.77  ? 86  PHE B O   1 
ATOM   1419 C CB  . PHE B 1 86 ? -10.276 -6.564  -9.357  1.00 54.24  ? 86  PHE B CB  1 
ATOM   1420 C CG  . PHE B 1 86 ? -9.548  -6.523  -10.664 1.00 52.50  ? 86  PHE B CG  1 
ATOM   1421 C CD1 . PHE B 1 86 ? -9.940  -5.613  -11.662 1.00 50.35  ? 86  PHE B CD1 1 
ATOM   1422 C CD2 . PHE B 1 86 ? -8.460  -7.349  -10.905 1.00 49.45  ? 86  PHE B CD2 1 
ATOM   1423 C CE1 . PHE B 1 86 ? -9.261  -5.525  -12.860 1.00 48.92  ? 86  PHE B CE1 1 
ATOM   1424 C CE2 . PHE B 1 86 ? -7.788  -7.277  -12.124 1.00 48.70  ? 86  PHE B CE2 1 
ATOM   1425 C CZ  . PHE B 1 86 ? -8.186  -6.374  -13.100 1.00 49.83  ? 86  PHE B CZ  1 
ATOM   1426 N N   . VAL B 1 87 ? -10.703 -9.652  -9.212  1.00 62.29  ? 87  VAL B N   1 
ATOM   1427 C CA  . VAL B 1 87 ? -10.278 -10.921 -9.819  1.00 63.62  ? 87  VAL B CA  1 
ATOM   1428 C C   . VAL B 1 87 ? -11.443 -11.813 -10.184 1.00 65.70  ? 87  VAL B C   1 
ATOM   1429 O O   . VAL B 1 87 ? -11.392 -12.589 -11.134 1.00 65.23  ? 87  VAL B O   1 
ATOM   1430 C CB  . VAL B 1 87 ? -9.247  -11.607 -8.887  1.00 62.05  ? 87  VAL B CB  1 
ATOM   1431 C CG1 . VAL B 1 87 ? -9.096  -13.095 -9.090  1.00 60.81  ? 87  VAL B CG1 1 
ATOM   1432 C CG2 . VAL B 1 87 ? -7.899  -10.881 -9.033  1.00 60.26  ? 87  VAL B CG2 1 
ATOM   1433 N N   . VAL B 1 88 ? -12.492 -11.774 -9.380  1.00 67.56  ? 88  VAL B N   1 
ATOM   1434 C CA  . VAL B 1 88 ? -13.675 -12.581 -9.538  1.00 68.66  ? 88  VAL B CA  1 
ATOM   1435 C C   . VAL B 1 88 ? -14.635 -12.046 -10.585 1.00 69.05  ? 88  VAL B C   1 
ATOM   1436 O O   . VAL B 1 88 ? -15.069 -12.790 -11.461 1.00 71.06  ? 88  VAL B O   1 
ATOM   1437 C CB  . VAL B 1 88 ? -14.432 -12.664 -8.184  1.00 70.40  ? 88  VAL B CB  1 
ATOM   1438 C CG1 . VAL B 1 88 ? -15.884 -13.040 -8.397  1.00 70.91  ? 88  VAL B CG1 1 
ATOM   1439 C CG2 . VAL B 1 88 ? -13.711 -13.684 -7.292  1.00 70.66  ? 88  VAL B CG2 1 
ATOM   1440 N N   . HIS B 1 89 ? -14.983 -10.781 -10.493 1.00 68.32  ? 89  HIS B N   1 
ATOM   1441 C CA  . HIS B 1 89 ? -15.957 -10.140 -11.317 1.00 67.39  ? 89  HIS B CA  1 
ATOM   1442 C C   . HIS B 1 89 ? -15.400 -9.457  -12.534 1.00 67.47  ? 89  HIS B C   1 
ATOM   1443 O O   . HIS B 1 89 ? -16.140 -9.307  -13.508 1.00 66.26  ? 89  HIS B O   1 
ATOM   1444 C CB  . HIS B 1 89 ? -16.751 -9.117  -10.499 1.00 68.32  ? 89  HIS B CB  1 
ATOM   1445 C CG  . HIS B 1 89 ? -17.540 -9.720  -9.376  1.00 72.97  ? 89  HIS B CG  1 
ATOM   1446 N ND1 . HIS B 1 89 ? -17.239 -9.497  -8.036  1.00 73.78  ? 89  HIS B ND1 1 
ATOM   1447 C CD2 . HIS B 1 89 ? -18.625 -10.524 -9.368  1.00 73.43  ? 89  HIS B CD2 1 
ATOM   1448 C CE1 . HIS B 1 89 ? -18.095 -10.136 -7.265  1.00 73.30  ? 89  HIS B CE1 1 
ATOM   1449 N NE2 . HIS B 1 89 ? -18.953 -10.756 -8.043  1.00 75.49  ? 89  HIS B NE2 1 
ATOM   1450 N N   . MET B 1 90 ? -14.160 -8.986  -12.523 1.00 69.38  ? 90  MET B N   1 
ATOM   1451 C CA  . MET B 1 90 ? -13.638 -8.248  -13.664 1.00 71.42  ? 90  MET B CA  1 
ATOM   1452 C C   . MET B 1 90 ? -12.412 -8.796  -14.352 1.00 74.23  ? 90  MET B C   1 
ATOM   1453 O O   . MET B 1 90 ? -12.343 -8.657  -15.596 1.00 74.97  ? 90  MET B O   1 
ATOM   1454 C CB  . MET B 1 90 ? -13.353 -6.768  -13.272 1.00 68.59  ? 90  MET B CB  1 
ATOM   1455 C CG  . MET B 1 90 ? -14.540 -6.057  -12.745 1.00 69.69  ? 90  MET B CG  1 
ATOM   1456 S SD  . MET B 1 90 ? -14.239 -4.443  -12.027 1.00 75.95  ? 90  MET B SD  1 
ATOM   1457 C CE  . MET B 1 90 ? -13.966 -3.518  -13.547 1.00 75.71  ? 90  MET B CE  1 
ATOM   1458 N N   . LYS B 1 91 ? -11.407 -9.313  -13.662 1.00 76.26  ? 91  LYS B N   1 
ATOM   1459 C CA  . LYS B 1 91 ? -10.186 -9.748  -14.355 1.00 79.64  ? 91  LYS B CA  1 
ATOM   1460 C C   . LYS B 1 91 ? -10.543 -10.394 -15.687 1.00 82.10  ? 91  LYS B C   1 
ATOM   1461 O O   . LYS B 1 91 ? -11.388 -11.324 -15.663 1.00 83.14  ? 91  LYS B O   1 
ATOM   1462 C CB  . LYS B 1 91 ? -9.358  -10.647 -13.486 1.00 83.23  ? 91  LYS B CB  1 
ATOM   1463 C CG  . LYS B 1 91 ? -8.011  -11.148 -13.910 1.00 83.33  ? 91  LYS B CG  1 
ATOM   1464 C CD  . LYS B 1 91 ? -7.920  -12.658 -13.759 1.00 89.71  ? 91  LYS B CD  1 
ATOM   1465 C CE  . LYS B 1 91 ? -8.433  -13.199 -12.443 1.00 92.43  ? 91  LYS B CE  1 
ATOM   1466 N NZ  . LYS B 1 91 ? -9.735  -13.921 -12.547 1.00 93.86  ? 91  LYS B NZ  1 
HETATM 1467 C C   . ACE C 2 1  ? -9.847  4.762   -10.315 1.00 40.28  ? 0   ACE C C   1 
HETATM 1468 O O   . ACE C 2 1  ? -10.510 4.549   -9.303  1.00 43.84  ? 0   ACE C O   1 
HETATM 1469 C CH3 . ACE C 2 1  ? -8.369  5.054   -10.226 1.00 38.13  ? 0   ACE C CH3 1 
ATOM   1470 N N   . SER C 2 2  ? -10.094 4.755   -11.617 1.00 35.97  ? 1   SER C N   1 
ATOM   1471 C CA  . SER C 2 2  ? -11.365 4.822   -12.207 1.00 38.70  ? 1   SER C CA  1 
ATOM   1472 C C   . SER C 2 2  ? -11.972 3.435   -11.925 1.00 34.44  ? 1   SER C C   1 
ATOM   1473 O O   . SER C 2 2  ? -13.104 3.245   -11.450 1.00 33.34  ? 1   SER C O   1 
ATOM   1474 C CB  . SER C 2 2  ? -11.453 5.284   -13.652 1.00 39.12  ? 1   SER C CB  1 
ATOM   1475 O OG  . SER C 2 2  ? -11.458 4.092   -14.438 1.00 49.71  ? 1   SER C OG  1 
ATOM   1476 N N   . THR C 2 3  ? -11.086 2.425   -11.979 1.00 33.25  ? 2   THR C N   1 
ATOM   1477 C CA  . THR C 2 3  ? -11.585 1.085   -11.557 1.00 31.47  ? 2   THR C CA  1 
ATOM   1478 C C   . THR C 2 3  ? -11.597 0.885   -10.062 1.00 37.39  ? 2   THR C C   1 
ATOM   1479 O O   . THR C 2 3  ? -12.321 0.024   -9.201  1.00 38.54  ? 2   THR C O   1 
ATOM   1480 C CB  . THR C 2 3  ? -11.095 -0.001  -12.427 1.00 29.74  ? 2   THR C CB  1 
ATOM   1481 O OG1 . THR C 2 3  ? -10.707 -1.202  -11.873 1.00 39.54  ? 2   THR C OG1 1 
ATOM   1482 C CG2 . THR C 2 3  ? -10.281 0.410   -13.607 1.00 27.53  ? 2   THR C CG2 1 
ATOM   1483 N N   . VAL C 2 4  ? -10.674 1.459   -9.250  1.00 34.56  ? 3   VAL C N   1 
ATOM   1484 C CA  . VAL C 2 4  ? -10.752 1.269   -7.789  1.00 32.84  ? 3   VAL C CA  1 
ATOM   1485 C C   . VAL C 2 4  ? -11.918 2.062   -7.258  1.00 31.73  ? 3   VAL C C   1 
ATOM   1486 O O   . VAL C 2 4  ? -12.602 1.637   -6.325  1.00 30.96  ? 3   VAL C O   1 
ATOM   1487 C CB  . VAL C 2 4  ? -9.414  1.666   -7.044  1.00 28.67  ? 3   VAL C CB  1 
ATOM   1488 C CG1 . VAL C 2 4  ? -9.564  2.006   -5.593  1.00 27.21  ? 3   VAL C CG1 1 
ATOM   1489 C CG2 . VAL C 2 4  ? -8.451  0.486   -7.155  1.00 30.40  ? 3   VAL C CG2 1 
ATOM   1490 N N   . HIS C 2 5  ? -12.145 3.222   -7.870  1.00 35.75  ? 4   HIS C N   1 
ATOM   1491 C CA  . HIS C 2 5  ? -13.273 4.081   -7.470  1.00 38.73  ? 4   HIS C CA  1 
ATOM   1492 C C   . HIS C 2 5  ? -14.581 3.319   -7.604  1.00 39.73  ? 4   HIS C C   1 
ATOM   1493 O O   . HIS C 2 5  ? -15.333 3.247   -6.640  1.00 42.15  ? 4   HIS C O   1 
ATOM   1494 C CB  . HIS C 2 5  ? -13.254 5.384   -8.246  1.00 39.07  ? 4   HIS C CB  1 
ATOM   1495 C CG  . HIS C 2 5  ? -14.461 6.209   -7.917  1.00 45.63  ? 4   HIS C CG  1 
ATOM   1496 N ND1 . HIS C 2 5  ? -14.471 7.241   -7.033  1.00 45.78  ? 4   HIS C ND1 1 
ATOM   1497 C CD2 . HIS C 2 5  ? -15.747 6.106   -8.365  1.00 48.06  ? 4   HIS C CD2 1 
ATOM   1498 C CE1 . HIS C 2 5  ? -15.667 7.725   -6.869  1.00 44.49  ? 4   HIS C CE1 1 
ATOM   1499 N NE2 . HIS C 2 5  ? -16.451 7.069   -7.698  1.00 49.48  ? 4   HIS C NE2 1 
ATOM   1500 N N   . GLU C 2 6  ? -14.852 2.642   -8.701  1.00 42.49  ? 5   GLU C N   1 
ATOM   1501 C CA  . GLU C 2 6  ? -16.051 1.873   -8.930  1.00 44.00  ? 5   GLU C CA  1 
ATOM   1502 C C   . GLU C 2 6  ? -16.096 0.658   -8.042  1.00 46.51  ? 5   GLU C C   1 
ATOM   1503 O O   . GLU C 2 6  ? -17.187 0.351   -7.535  1.00 50.94  ? 5   GLU C O   1 
ATOM   1504 C CB  . GLU C 2 6  ? -16.197 1.410   -10.374 1.00 45.70  ? 5   GLU C CB  1 
ATOM   1505 C CG  . GLU C 2 6  ? -15.957 2.535   -11.398 1.00 56.05  ? 5   GLU C CG  1 
ATOM   1506 C CD  . GLU C 2 6  ? -17.264 3.198   -11.849 1.00 60.36  ? 5   GLU C CD  1 
ATOM   1507 O OE1 . GLU C 2 6  ? -18.225 2.422   -12.078 1.00 61.73  ? 5   GLU C OE1 1 
ATOM   1508 O OE2 . GLU C 2 6  ? -17.323 4.446   -11.953 1.00 59.61  ? 5   GLU C OE2 1 
ATOM   1509 N N   . ILE C 2 7  ? -14.957 -0.024  -7.837  1.00 44.56  ? 6   ILE C N   1 
ATOM   1510 C CA  . ILE C 2 7  ? -15.080 -1.174  -6.903  1.00 42.44  ? 6   ILE C CA  1 
ATOM   1511 C C   . ILE C 2 7  ? -15.351 -0.624  -5.520  1.00 42.92  ? 6   ILE C C   1 
ATOM   1512 O O   . ILE C 2 7  ? -16.201 -1.182  -4.825  1.00 42.96  ? 6   ILE C O   1 
ATOM   1513 C CB  . ILE C 2 7  ? -13.861 -2.101  -6.929  1.00 36.83  ? 6   ILE C CB  1 
ATOM   1514 C CG1 . ILE C 2 7  ? -13.655 -2.605  -8.329  1.00 30.34  ? 6   ILE C CG1 1 
ATOM   1515 C CG2 . ILE C 2 7  ? -13.949 -3.209  -5.897  1.00 34.73  ? 6   ILE C CG2 1 
ATOM   1516 C CD1 . ILE C 2 7  ? -12.697 -3.705  -8.622  1.00 33.01  ? 6   ILE C CD1 1 
ATOM   1517 N N   . LEU C 2 8  ? -14.705 0.471   -5.063  1.00 43.50  ? 7   LEU C N   1 
ATOM   1518 C CA  . LEU C 2 8  ? -15.035 0.900   -3.691  1.00 48.57  ? 7   LEU C CA  1 
ATOM   1519 C C   . LEU C 2 8  ? -16.519 1.095   -3.478  1.00 52.52  ? 7   LEU C C   1 
ATOM   1520 O O   . LEU C 2 8  ? -17.077 0.762   -2.443  1.00 47.59  ? 7   LEU C O   1 
ATOM   1521 C CB  . LEU C 2 8  ? -14.176 2.037   -3.165  1.00 48.67  ? 7   LEU C CB  1 
ATOM   1522 C CG  . LEU C 2 8  ? -12.655 1.650   -3.162  1.00 50.83  ? 7   LEU C CG  1 
ATOM   1523 C CD1 . LEU C 2 8  ? -11.814 2.867   -2.877  1.00 49.19  ? 7   LEU C CD1 1 
ATOM   1524 C CD2 . LEU C 2 8  ? -12.416 0.507   -2.220  1.00 48.74  ? 7   LEU C CD2 1 
ATOM   1525 N N   . SER C 2 9  ? -17.157 1.627   -4.526  1.00 60.30  ? 8   SER C N   1 
ATOM   1526 C CA  . SER C 2 9  ? -18.603 1.814   -4.617  1.00 65.81  ? 8   SER C CA  1 
ATOM   1527 C C   . SER C 2 9  ? -19.365 0.510   -4.544  1.00 67.97  ? 8   SER C C   1 
ATOM   1528 O O   . SER C 2 9  ? -20.426 0.522   -3.934  1.00 67.94  ? 8   SER C O   1 
ATOM   1529 C CB  . SER C 2 9  ? -18.954 2.646   -5.853  1.00 65.60  ? 8   SER C CB  1 
ATOM   1530 O OG  . SER C 2 9  ? -18.914 4.021   -5.369  1.00 65.60  ? 8   SER C OG  1 
ATOM   1531 N N   . LYS C 2 10 ? -18.867 -0.613  -5.013  1.00 73.02  ? 9   LYS C N   1 
ATOM   1532 C CA  . LYS C 2 10 ? -19.487 -1.923  -4.883  1.00 77.92  ? 9   LYS C CA  1 
ATOM   1533 C C   . LYS C 2 10 ? -19.218 -2.547  -3.502  1.00 80.74  ? 9   LYS C C   1 
ATOM   1534 O O   . LYS C 2 10 ? -19.662 -3.648  -3.157  1.00 81.92  ? 9   LYS C O   1 
ATOM   1535 C CB  . LYS C 2 10 ? -18.968 -2.923  -5.923  1.00 76.04  ? 9   LYS C CB  1 
ATOM   1536 C CG  . LYS C 2 10 ? -19.839 -3.095  -7.145  1.00 79.58  ? 9   LYS C CG  1 
ATOM   1537 C CD  . LYS C 2 10 ? -20.247 -1.738  -7.705  1.00 81.41  ? 9   LYS C CD  1 
ATOM   1538 C CE  . LYS C 2 10 ? -20.685 -1.863  -9.159  1.00 85.71  ? 9   LYS C CE  1 
ATOM   1539 N NZ  . LYS C 2 10 ? -20.787 -0.517  -9.810  1.00 86.73  ? 9   LYS C NZ  1 
ATOM   1540 N N   . LEU C 2 11 ? -18.405 -1.880  -2.691  1.00 83.96  ? 10  LEU C N   1 
ATOM   1541 C CA  . LEU C 2 11 ? -18.102 -2.381  -1.345  1.00 85.43  ? 10  LEU C CA  1 
ATOM   1542 C C   . LEU C 2 11 ? -18.907 -1.480  -0.400  1.00 86.84  ? 10  LEU C C   1 
ATOM   1543 O O   . LEU C 2 11 ? -19.042 -1.779  0.763   1.00 86.32  ? 10  LEU C O   1 
ATOM   1544 C CB  . LEU C 2 11 ? -16.643 -2.362  -1.003  1.00 85.97  ? 10  LEU C CB  1 
ATOM   1545 C CG  . LEU C 2 11 ? -15.628 -3.124  -1.834  1.00 85.07  ? 10  LEU C CG  1 
ATOM   1546 C CD1 . LEU C 2 11 ? -14.343 -3.331  -1.040  1.00 84.08  ? 10  LEU C CD1 1 
ATOM   1547 C CD2 . LEU C 2 11 ? -16.177 -4.433  -2.360  1.00 83.60  ? 10  LEU C CD2 1 
ATOM   1548 N N   . SER C 2 12 ? -19.435 -0.418  -1.009  1.00 89.66  ? 11  SER C N   1 
ATOM   1549 C CA  . SER C 2 12 ? -20.279 0.589   -0.411  1.00 91.88  ? 11  SER C CA  1 
ATOM   1550 C C   . SER C 2 12 ? -21.712 0.601   -0.942  1.00 93.92  ? 11  SER C C   1 
ATOM   1551 O O   . SER C 2 12 ? -22.261 -0.506  -1.237  1.00 95.07  ? 11  SER C O   1 
ATOM   1552 C CB  . SER C 2 12 ? -19.635 1.976   -0.627  1.00 92.85  ? 11  SER C CB  1 
ATOM   1553 O OG  . SER C 2 12 ? -19.071 2.417   0.598   1.00 93.64  ? 11  SER C OG  1 
HETATM 1554 C C   . ACE D 2 1  ? 9.470   9.247   -6.413  1.00 47.76  ? 0   ACE D C   1 
HETATM 1555 O O   . ACE D 2 1  ? 9.912   8.273   -5.833  1.00 52.57  ? 0   ACE D O   1 
HETATM 1556 C CH3 . ACE D 2 1  ? 8.521   9.269   -7.545  1.00 49.78  ? 0   ACE D CH3 1 
ATOM   1557 N N   . SER D 2 2  ? 9.771   10.514  -6.075  1.00 51.32  ? 1   SER D N   1 
ATOM   1558 C CA  . SER D 2 2  ? 11.012  11.052  -6.598  1.00 48.60  ? 1   SER D CA  1 
ATOM   1559 C C   . SER D 2 2  ? 11.902  11.021  -5.284  1.00 47.87  ? 1   SER D C   1 
ATOM   1560 O O   . SER D 2 2  ? 13.093  10.733  -5.328  1.00 47.09  ? 1   SER D O   1 
ATOM   1561 C CB  . SER D 2 2  ? 10.984  12.428  -7.119  1.00 49.50  ? 1   SER D CB  1 
ATOM   1562 O OG  . SER D 2 2  ? 12.186  12.656  -7.830  1.00 60.04  ? 1   SER D OG  1 
ATOM   1563 N N   . THR D 2 3  ? 11.185  11.227  -4.181  1.00 43.05  ? 2   THR D N   1 
ATOM   1564 C CA  . THR D 2 3  ? 11.756  11.188  -2.899  1.00 44.39  ? 2   THR D CA  1 
ATOM   1565 C C   . THR D 2 3  ? 11.689  9.747   -2.388  1.00 45.96  ? 2   THR D C   1 
ATOM   1566 O O   . THR D 2 3  ? 12.425  9.362   -1.497  1.00 47.52  ? 2   THR D O   1 
ATOM   1567 C CB  . THR D 2 3  ? 11.323  12.190  -1.851  1.00 44.74  ? 2   THR D CB  1 
ATOM   1568 O OG1 . THR D 2 3  ? 10.368  11.675  -0.940  1.00 53.38  ? 2   THR D OG1 1 
ATOM   1569 C CG2 . THR D 2 3  ? 10.803  13.492  -2.390  1.00 47.56  ? 2   THR D CG2 1 
ATOM   1570 N N   . VAL D 2 4  ? 10.837  8.912   -3.018  1.00 43.97  ? 3   VAL D N   1 
ATOM   1571 C CA  . VAL D 2 4  ? 10.752  7.553   -2.591  1.00 38.24  ? 3   VAL D CA  1 
ATOM   1572 C C   . VAL D 2 4  ? 11.936  6.872   -3.283  1.00 40.00  ? 3   VAL D C   1 
ATOM   1573 O O   . VAL D 2 4  ? 12.523  5.916   -2.753  1.00 40.04  ? 3   VAL D O   1 
ATOM   1574 C CB  . VAL D 2 4  ? 9.454   6.814   -2.826  1.00 34.13  ? 3   VAL D CB  1 
ATOM   1575 C CG1 . VAL D 2 4  ? 9.666   5.311   -3.117  1.00 24.06  ? 3   VAL D CG1 1 
ATOM   1576 C CG2 . VAL D 2 4  ? 8.522   6.882   -1.620  1.00 27.97  ? 3   VAL D CG2 1 
ATOM   1577 N N   . HIS D 2 5  ? 12.278  7.384   -4.449  1.00 39.47  ? 4   HIS D N   1 
ATOM   1578 C CA  . HIS D 2 5  ? 13.371  6.724   -5.186  1.00 42.04  ? 4   HIS D CA  1 
ATOM   1579 C C   . HIS D 2 5  ? 14.715  6.933   -4.467  1.00 43.70  ? 4   HIS D C   1 
ATOM   1580 O O   . HIS D 2 5  ? 15.477  5.968   -4.442  1.00 43.71  ? 4   HIS D O   1 
ATOM   1581 C CB  . HIS D 2 5  ? 13.414  7.182   -6.637  1.00 43.20  ? 4   HIS D CB  1 
ATOM   1582 C CG  . HIS D 2 5  ? 14.355  6.443   -7.529  1.00 41.31  ? 4   HIS D CG  1 
ATOM   1583 N ND1 . HIS D 2 5  ? 14.097  5.177   -7.946  1.00 46.00  ? 4   HIS D ND1 1 
ATOM   1584 C CD2 . HIS D 2 5  ? 15.572  6.752   -8.059  1.00 40.71  ? 4   HIS D CD2 1 
ATOM   1585 C CE1 . HIS D 2 5  ? 15.096  4.746   -8.718  1.00 44.55  ? 4   HIS D CE1 1 
ATOM   1586 N NE2 . HIS D 2 5  ? 16.004  5.680   -8.799  1.00 39.19  ? 4   HIS D NE2 1 
ATOM   1587 N N   . GLU D 2 6  ? 14.922  8.121   -3.969  1.00 42.88  ? 5   GLU D N   1 
ATOM   1588 C CA  . GLU D 2 6  ? 15.973  8.976   -2.892  1.00 46.51  ? 5   GLU D CA  1 
ATOM   1589 C C   . GLU D 2 6  ? 16.100  7.856   -1.877  1.00 45.85  ? 5   GLU D C   1 
ATOM   1590 O O   . GLU D 2 6  ? 17.110  7.164   -1.705  1.00 49.21  ? 5   GLU D O   1 
ATOM   1591 C CB  . GLU D 2 6  ? 16.073  10.100  -3.079  1.00 54.86  ? 5   GLU D CB  1 
ATOM   1592 C CG  . GLU D 2 6  ? 17.178  10.783  -2.298  1.00 63.77  ? 5   GLU D CG  1 
ATOM   1593 C CD  . GLU D 2 6  ? 18.540  10.809  -2.956  1.00 70.91  ? 5   GLU D CD  1 
ATOM   1594 O OE1 . GLU D 2 6  ? 18.696  10.494  -4.172  1.00 72.16  ? 5   GLU D OE1 1 
ATOM   1595 O OE2 . GLU D 2 6  ? 19.543  11.161  -2.254  1.00 74.15  ? 5   GLU D OE2 1 
ATOM   1596 N N   . ILE D 2 7  ? 15.081  7.827   -1.050  1.00 41.75  ? 6   ILE D N   1 
ATOM   1597 C CA  . ILE D 2 7  ? 15.051  7.080   0.157   1.00 36.93  ? 6   ILE D CA  1 
ATOM   1598 C C   . ILE D 2 7  ? 15.473  5.629   -0.106  1.00 43.27  ? 6   ILE D C   1 
ATOM   1599 O O   . ILE D 2 7  ? 16.355  5.035   0.546   1.00 46.05  ? 6   ILE D O   1 
ATOM   1600 C CB  . ILE D 2 7  ? 13.751  7.074   0.892   1.00 31.98  ? 6   ILE D CB  1 
ATOM   1601 C CG1 . ILE D 2 7  ? 12.988  8.354   1.278   1.00 31.88  ? 6   ILE D CG1 1 
ATOM   1602 C CG2 . ILE D 2 7  ? 13.771  6.168   2.137   1.00 25.76  ? 6   ILE D CG2 1 
ATOM   1603 C CD1 . ILE D 2 7  ? 13.700  9.633   1.242   1.00 39.03  ? 6   ILE D CD1 1 
ATOM   1604 N N   . LEU D 2 8  ? 14.884  4.926   -1.084  1.00 45.39  ? 7   LEU D N   1 
ATOM   1605 C CA  . LEU D 2 8  ? 15.036  3.524   -1.282  1.00 43.44  ? 7   LEU D CA  1 
ATOM   1606 C C   . LEU D 2 8  ? 16.493  3.109   -1.535  1.00 45.97  ? 7   LEU D C   1 
ATOM   1607 O O   . LEU D 2 8  ? 16.843  1.926   -1.384  1.00 48.21  ? 7   LEU D O   1 
ATOM   1608 C CB  . LEU D 2 8  ? 14.135  2.991   -2.379  1.00 42.05  ? 7   LEU D CB  1 
ATOM   1609 C CG  . LEU D 2 8  ? 12.682  2.660   -2.045  1.00 45.11  ? 7   LEU D CG  1 
ATOM   1610 C CD1 . LEU D 2 8  ? 11.928  2.244   -3.312  1.00 39.34  ? 7   LEU D CD1 1 
ATOM   1611 C CD2 . LEU D 2 8  ? 12.497  1.687   -0.928  1.00 38.46  ? 7   LEU D CD2 1 
ATOM   1612 N N   . SER D 2 9  ? 17.283  3.992   -2.002  1.00 46.73  ? 8   SER D N   1 
ATOM   1613 C CA  . SER D 2 9  ? 18.664  3.953   -2.336  1.00 53.18  ? 8   SER D CA  1 
ATOM   1614 C C   . SER D 2 9  ? 19.581  4.029   -1.090  1.00 54.51  ? 8   SER D C   1 
ATOM   1615 O O   . SER D 2 9  ? 20.587  3.356   -1.093  1.00 55.50  ? 8   SER D O   1 
ATOM   1616 C CB  . SER D 2 9  ? 18.952  5.188   -3.235  1.00 50.53  ? 8   SER D CB  1 
ATOM   1617 O OG  . SER D 2 9  ? 18.883  4.671   -4.551  1.00 55.75  ? 8   SER D OG  1 
ATOM   1618 N N   . LYS D 2 10 ? 19.168  4.727   -0.052  1.00 53.47  ? 9   LYS D N   1 
ATOM   1619 C CA  . LYS D 2 10 ? 19.774  4.803   1.238   1.00 53.49  ? 9   LYS D CA  1 
ATOM   1620 C C   . LYS D 2 10 ? 19.270  3.663   2.137   1.00 54.52  ? 9   LYS D C   1 
ATOM   1621 O O   . LYS D 2 10 ? 19.576  3.699   3.335   1.00 56.02  ? 9   LYS D O   1 
ATOM   1622 C CB  . LYS D 2 10 ? 19.321  6.024   2.068   1.00 54.82  ? 9   LYS D CB  1 
ATOM   1623 C CG  . LYS D 2 10 ? 19.082  7.322   1.396   1.00 55.96  ? 9   LYS D CG  1 
ATOM   1624 C CD  . LYS D 2 10 ? 20.318  7.732   0.586   1.00 57.23  ? 9   LYS D CD  1 
ATOM   1625 C CE  . LYS D 2 10 ? 20.185  9.197   0.200   1.00 61.83  ? 9   LYS D CE  1 
ATOM   1626 N NZ  . LYS D 2 10 ? 21.092  9.599   -0.896  1.00 66.23  ? 9   LYS D NZ  1 
ATOM   1627 N N   . LEU D 2 11 ? 18.401  2.779   1.666   1.00 55.78  ? 10  LEU D N   1 
ATOM   1628 C CA  . LEU D 2 11 ? 17.945  1.709   2.584   1.00 57.61  ? 10  LEU D CA  1 
ATOM   1629 C C   . LEU D 2 11 ? 18.737  0.454   2.095   1.00 59.02  ? 10  LEU D C   1 
ATOM   1630 O O   . LEU D 2 11 ? 18.827  -0.545  2.739   1.00 57.36  ? 10  LEU D O   1 
ATOM   1631 C CB  . LEU D 2 11 ? 16.482  1.427   2.688   1.00 53.74  ? 10  LEU D CB  1 
ATOM   1632 C CG  . LEU D 2 11 ? 15.448  2.411   3.174   1.00 55.21  ? 10  LEU D CG  1 
ATOM   1633 C CD1 . LEU D 2 11 ? 14.018  1.883   2.900   1.00 54.90  ? 10  LEU D CD1 1 
ATOM   1634 C CD2 . LEU D 2 11 ? 15.558  2.784   4.624   1.00 50.71  ? 10  LEU D CD2 1 
ATOM   1635 N N   . SER D 2 12 ? 19.273  0.645   0.912   1.00 63.13  ? 11  SER D N   1 
ATOM   1636 C CA  . SER D 2 12 ? 20.088  -0.153  0.093   1.00 67.35  ? 11  SER D CA  1 
ATOM   1637 C C   . SER D 2 12 ? 21.461  0.518   -0.128  1.00 69.29  ? 11  SER D C   1 
ATOM   1638 O O   . SER D 2 12 ? 22.071  1.042   0.845   1.00 71.25  ? 11  SER D O   1 
ATOM   1639 C CB  . SER D 2 12 ? 19.420  -0.386  -1.284  1.00 67.73  ? 11  SER D CB  1 
ATOM   1640 O OG  . SER D 2 12 ? 18.906  -1.739  -1.259  1.00 70.36  ? 11  SER D OG  1 
HETATM 1641 O O   . HOH E 3 .  ? 14.033  2.746   7.851   1.00 50.80  ? 97  HOH A O   1 
HETATM 1642 O O   . HOH E 3 .  ? -7.635  11.655  -12.334 1.00 43.75  ? 98  HOH A O   1 
HETATM 1643 O O   . HOH E 3 .  ? -6.279  13.427  -4.363  1.00 54.84  ? 99  HOH A O   1 
HETATM 1644 O O   . HOH E 3 .  ? -8.907  1.982   -14.975 1.00 41.42  ? 100 HOH A O   1 
HETATM 1645 O O   . HOH E 3 .  ? 19.857  -2.983  3.553   1.00 69.93  ? 101 HOH A O   1 
HETATM 1646 O O   . HOH E 3 .  ? 8.974   -19.478 -7.362  1.00 53.42  ? 102 HOH A O   1 
HETATM 1647 O O   . HOH E 3 .  ? -0.219  -18.880 6.355   1.00 87.82  ? 103 HOH A O   1 
HETATM 1648 O O   . HOH E 3 .  ? 3.344   -18.617 1.957   1.00 78.16  ? 104 HOH A O   1 
HETATM 1649 O O   . HOH E 3 .  ? 1.272   12.167  -5.159  1.00 81.59  ? 105 HOH A O   1 
HETATM 1650 O O   . HOH E 3 .  ? 18.708  -10.720 -5.908  1.00 59.19  ? 106 HOH A O   1 
HETATM 1651 O O   . HOH E 3 .  ? 9.694   -2.691  7.361   1.00 62.05  ? 107 HOH A O   1 
HETATM 1652 O O   . HOH E 3 .  ? -0.830  6.159   -8.941  1.00 76.84  ? 108 HOH A O   1 
HETATM 1653 O O   . HOH F 3 .  ? 14.440  1.870   -6.398  1.00 52.05  ? 97  HOH B O   1 
HETATM 1654 O O   . HOH F 3 .  ? 6.888   1.796   -13.687 1.00 48.86  ? 98  HOH B O   1 
HETATM 1655 O O   . HOH F 3 .  ? 4.333   8.231   11.525  1.00 60.90  ? 99  HOH B O   1 
HETATM 1656 O O   . HOH F 3 .  ? -19.192 7.955   -0.458  1.00 65.33  ? 100 HOH B O   1 
HETATM 1657 O O   . HOH F 3 .  ? -25.918 9.367   0.878   1.00 82.10  ? 101 HOH B O   1 
HETATM 1658 O O   . HOH F 3 .  ? -7.177  -9.988  -2.853  1.00 60.59  ? 102 HOH B O   1 
HETATM 1659 O O   . HOH F 3 .  ? 13.061  4.140   -10.534 1.00 55.44  ? 103 HOH B O   1 
HETATM 1660 O O   . HOH F 3 .  ? 5.910   1.311   12.298  1.00 61.20  ? 104 HOH B O   1 
HETATM 1661 O O   . HOH F 3 .  ? -3.354  3.057   15.326  1.00 77.62  ? 105 HOH B O   1 
HETATM 1662 O O   . HOH G 3 .  ? 16.073  4.058   -5.423  1.00 56.98  ? 14  HOH D O   1 
# 
